data_5MWN
#
_entry.id   5MWN
#
_cell.length_a   143.310
_cell.length_b   150.280
_cell.length_c   90.840
_cell.angle_alpha   90.00
_cell.angle_beta   90.00
_cell.angle_gamma   90.00
#
_symmetry.space_group_name_H-M   'P 21 21 21'
#
loop_
_entity.id
_entity.type
_entity.pdbx_description
1 polymer 'Type VI secretion protein'
2 polymer 'llama nanobody raised against TssK, nbK18'
3 polymer 'llama nanobody raised against TssK, nbK27'
4 non-polymer 'PHOSPHATE ION'
5 water water
#
loop_
_entity_poly.entity_id
_entity_poly.type
_entity_poly.pdbx_seq_one_letter_code
_entity_poly.pdbx_strand_id
1 'polypeptide(L)'
;MKIYRPLWEDGAFLMPQQFQQQAAWDVHLADSVARMGLAHPWGVVAAEFDDSLLPLSRLNATRLIVRFPDGTLIDTERAD
NLPPVCDLSTVSDRSLVDIVLALPLLNANGGNLDNGSESERPRRWKSERVNVQELAGHEQSEVAVLRHNLTLRMAHQENA
AWLTCPVTRLVRDAQGQWCRDPRFIPPLLTLSASPSLMTELLELLHHLQARRQRLMSMRRENNARLADFAVADVSLFWLL
NALNSAEPVLKELLDMPYRHPELLYRELARLAGSLLTFSLEHNVDAVPAYHHETPENVFPPLLSLLNRLLEASLP
;
A,B,C
2 'polypeptide(L)'
;QVQLVESGGGLVQAGGTLKLSCAASGSISGIVVMAWYRQAPGKQRELVASITSGGTTNYADSVKGRFTISKDNAENTLYL
RMNSLKPEDTAVYYCKAFFRRDYVGYDYWGQGTQVTVSSHHHHHH
;
D,E,F
3 'polypeptide(L)'
;QVQLVESGGGLVQPGGSLRLSCAASGIMLGYFTMAWYRQAPGKQRELVATEISGGSANYADAVKGRFTISRDNARSTVYL
QMNSLKPEDTAVYYCDARIWRGTVYDNISGPGTQVTVSSHHHHHH
;
N
#
# COMPACT_ATOMS: atom_id res chain seq x y z
N MET A 1 -12.18 18.51 4.21
CA MET A 1 -12.04 17.69 3.01
C MET A 1 -12.21 16.19 3.31
N LYS A 2 -12.11 15.33 2.30
CA LYS A 2 -12.40 13.90 2.39
C LYS A 2 -11.60 13.03 3.40
N ILE A 3 -10.29 13.31 3.72
CA ILE A 3 -9.57 12.40 4.65
C ILE A 3 -8.98 13.16 5.86
N TYR A 4 -9.25 12.67 7.07
CA TYR A 4 -8.74 13.32 8.30
C TYR A 4 -7.75 12.43 9.04
N ARG A 5 -6.46 12.48 8.64
CA ARG A 5 -5.36 11.71 9.25
C ARG A 5 -5.40 11.89 10.78
N PRO A 6 -5.52 10.81 11.58
CA PRO A 6 -5.57 11.01 13.03
C PRO A 6 -4.22 11.30 13.68
N LEU A 7 -4.24 12.13 14.72
CA LEU A 7 -3.05 12.43 15.51
C LEU A 7 -3.21 11.58 16.76
N TRP A 8 -2.24 10.70 17.04
CA TRP A 8 -2.29 9.81 18.20
C TRP A 8 -1.59 10.45 19.38
N GLU A 9 -2.35 10.69 20.46
CA GLU A 9 -1.88 11.38 21.67
C GLU A 9 -2.03 10.51 22.90
N ASP A 10 -1.17 10.75 23.92
CA ASP A 10 -1.16 10.00 25.18
C ASP A 10 -2.46 10.08 26.04
N GLY A 11 -3.14 11.21 26.18
CA GLY A 11 -4.33 11.23 27.01
C GLY A 11 -5.63 11.15 26.25
N ALA A 12 -5.60 10.59 25.03
CA ALA A 12 -6.74 10.53 24.14
C ALA A 12 -7.55 9.25 24.20
N PHE A 13 -8.87 9.38 24.24
CA PHE A 13 -9.77 8.25 24.19
C PHE A 13 -9.89 7.84 22.73
N LEU A 14 -9.77 6.54 22.47
CA LEU A 14 -9.82 6.01 21.11
C LEU A 14 -11.21 6.04 20.53
N MET A 15 -11.33 6.61 19.32
CA MET A 15 -12.58 6.80 18.60
C MET A 15 -12.61 6.01 17.29
N PRO A 16 -13.78 5.49 16.84
CA PRO A 16 -13.83 4.76 15.57
C PRO A 16 -13.39 5.59 14.36
N GLN A 17 -13.63 6.92 14.39
CA GLN A 17 -13.20 7.82 13.30
C GLN A 17 -11.69 7.83 13.08
N GLN A 18 -10.88 7.67 14.15
CA GLN A 18 -9.42 7.60 14.05
C GLN A 18 -8.98 6.43 13.17
N PHE A 19 -9.54 5.24 13.43
CA PHE A 19 -9.24 4.03 12.68
C PHE A 19 -9.86 4.03 11.28
N GLN A 20 -11.05 4.61 11.11
CA GLN A 20 -11.71 4.70 9.81
C GLN A 20 -10.92 5.63 8.86
N GLN A 21 -10.47 6.78 9.39
CA GLN A 21 -9.71 7.77 8.63
C GLN A 21 -8.32 7.29 8.28
N GLN A 22 -7.64 6.61 9.21
CA GLN A 22 -6.30 6.03 9.01
C GLN A 22 -6.37 4.98 7.91
N ALA A 23 -7.39 4.09 7.95
CA ALA A 23 -7.63 3.05 6.94
C ALA A 23 -7.90 3.70 5.59
N ALA A 24 -8.70 4.80 5.57
CA ALA A 24 -9.01 5.51 4.33
C ALA A 24 -7.75 6.15 3.73
N TRP A 25 -6.87 6.69 4.58
CA TRP A 25 -5.61 7.29 4.12
C TRP A 25 -4.66 6.25 3.54
N ASP A 26 -4.58 5.06 4.16
CA ASP A 26 -3.73 3.95 3.70
C ASP A 26 -4.18 3.45 2.32
N VAL A 27 -5.50 3.40 2.08
CA VAL A 27 -6.09 3.00 0.80
C VAL A 27 -5.68 4.05 -0.27
N HIS A 28 -5.84 5.35 0.06
CA HIS A 28 -5.46 6.46 -0.83
C HIS A 28 -3.95 6.42 -1.13
N LEU A 29 -3.11 6.18 -0.10
CA LEU A 29 -1.66 6.08 -0.23
C LEU A 29 -1.23 4.95 -1.16
N ALA A 30 -1.83 3.75 -1.01
CA ALA A 30 -1.54 2.59 -1.88
C ALA A 30 -1.97 2.89 -3.32
N ASP A 31 -3.11 3.58 -3.48
CA ASP A 31 -3.62 3.99 -4.79
C ASP A 31 -2.70 5.03 -5.47
N SER A 32 -2.14 5.97 -4.69
CA SER A 32 -1.24 7.00 -5.23
C SER A 32 0.06 6.39 -5.74
N VAL A 33 0.52 5.28 -5.11
CA VAL A 33 1.72 4.56 -5.52
C VAL A 33 1.42 3.84 -6.84
N ALA A 34 0.25 3.20 -6.95
CA ALA A 34 -0.18 2.51 -8.17
C ALA A 34 -0.26 3.48 -9.36
N ARG A 35 -0.68 4.73 -9.13
CA ARG A 35 -0.82 5.78 -10.15
C ARG A 35 0.51 6.32 -10.67
N MET A 36 1.61 6.05 -9.97
CA MET A 36 2.94 6.48 -10.41
C MET A 36 3.38 5.72 -11.67
N GLY A 37 3.04 4.44 -11.75
CA GLY A 37 3.40 3.58 -12.86
C GLY A 37 2.28 3.28 -13.82
N LEU A 38 1.03 3.40 -13.37
CA LEU A 38 -0.13 3.06 -14.20
C LEU A 38 -1.19 4.13 -14.25
N ALA A 39 -1.75 4.34 -15.43
CA ALA A 39 -2.79 5.33 -15.69
C ALA A 39 -4.15 4.89 -15.16
N HIS A 40 -4.42 3.58 -15.19
CA HIS A 40 -5.73 3.05 -14.78
C HIS A 40 -5.58 1.94 -13.74
N PRO A 41 -5.20 2.23 -12.48
CA PRO A 41 -5.04 1.15 -11.49
C PRO A 41 -6.35 0.65 -10.87
N TRP A 42 -7.22 0.10 -11.70
CA TRP A 42 -8.50 -0.47 -11.29
C TRP A 42 -8.91 -1.48 -12.33
N GLY A 43 -9.80 -2.39 -11.96
CA GLY A 43 -10.25 -3.41 -12.87
C GLY A 43 -10.32 -4.78 -12.24
N VAL A 44 -10.45 -5.80 -13.07
CA VAL A 44 -10.62 -7.18 -12.66
C VAL A 44 -9.30 -7.96 -12.55
N VAL A 45 -9.14 -8.65 -11.41
CA VAL A 45 -8.04 -9.58 -11.17
C VAL A 45 -8.61 -10.98 -11.50
N ALA A 46 -9.82 -11.29 -11.00
CA ALA A 46 -10.54 -12.54 -11.25
C ALA A 46 -12.05 -12.30 -11.19
N ALA A 47 -12.77 -12.84 -12.19
CA ALA A 47 -14.23 -12.78 -12.28
C ALA A 47 -14.72 -14.10 -12.82
N GLU A 48 -14.89 -15.07 -11.90
CA GLU A 48 -15.32 -16.44 -12.22
C GLU A 48 -16.76 -16.70 -11.82
N PHE A 49 -17.49 -17.42 -12.68
CA PHE A 49 -18.91 -17.68 -12.52
C PHE A 49 -19.32 -19.14 -12.63
N ASP A 50 -20.49 -19.46 -12.07
CA ASP A 50 -21.11 -20.79 -12.15
C ASP A 50 -22.19 -20.66 -13.25
N ASP A 51 -22.07 -21.45 -14.32
CA ASP A 51 -22.99 -21.38 -15.45
C ASP A 51 -24.17 -22.36 -15.37
N SER A 52 -24.11 -23.30 -14.41
CA SER A 52 -25.09 -24.37 -14.20
C SER A 52 -26.55 -23.93 -14.13
N LEU A 53 -26.83 -22.75 -13.51
CA LEU A 53 -28.19 -22.24 -13.35
C LEU A 53 -28.63 -21.25 -14.46
N LEU A 54 -27.82 -21.08 -15.53
CA LEU A 54 -28.16 -20.17 -16.64
C LEU A 54 -29.45 -20.59 -17.37
N PRO A 55 -29.74 -21.91 -17.60
CA PRO A 55 -31.03 -22.25 -18.23
C PRO A 55 -32.23 -21.83 -17.38
N LEU A 56 -32.03 -21.68 -16.06
CA LEU A 56 -33.06 -21.25 -15.11
C LEU A 56 -33.01 -19.73 -14.81
N SER A 57 -32.38 -18.96 -15.73
CA SER A 57 -32.22 -17.50 -15.68
C SER A 57 -31.53 -16.99 -14.39
N ARG A 58 -30.52 -17.71 -13.91
CA ARG A 58 -29.77 -17.34 -12.70
C ARG A 58 -28.26 -17.37 -12.95
N LEU A 59 -27.56 -16.34 -12.47
CA LEU A 59 -26.09 -16.26 -12.58
C LEU A 59 -25.48 -16.07 -11.21
N ASN A 60 -24.53 -16.95 -10.86
CA ASN A 60 -23.81 -16.89 -9.59
C ASN A 60 -22.33 -16.74 -9.83
N ALA A 61 -21.69 -15.89 -9.02
CA ALA A 61 -20.24 -15.72 -9.06
C ALA A 61 -19.63 -16.75 -8.12
N THR A 62 -18.43 -17.24 -8.46
CA THR A 62 -17.70 -18.19 -7.63
C THR A 62 -16.47 -17.54 -7.02
N ARG A 63 -15.85 -16.60 -7.77
CA ARG A 63 -14.66 -15.88 -7.33
C ARG A 63 -14.61 -14.49 -7.97
N LEU A 64 -14.52 -13.44 -7.14
CA LEU A 64 -14.42 -12.06 -7.59
C LEU A 64 -13.33 -11.32 -6.85
N ILE A 65 -12.34 -10.83 -7.60
CA ILE A 65 -11.22 -10.01 -7.12
C ILE A 65 -11.22 -8.83 -8.08
N VAL A 66 -11.73 -7.68 -7.60
CA VAL A 66 -11.94 -6.46 -8.39
C VAL A 66 -11.52 -5.22 -7.62
N ARG A 67 -10.79 -4.32 -8.29
CA ARG A 67 -10.39 -3.05 -7.70
C ARG A 67 -11.20 -1.95 -8.37
N PHE A 68 -11.87 -1.16 -7.53
CA PHE A 68 -12.72 -0.05 -7.97
C PHE A 68 -11.89 1.24 -8.14
N PRO A 69 -12.32 2.21 -8.98
CA PRO A 69 -11.49 3.42 -9.20
C PRO A 69 -11.22 4.29 -7.96
N ASP A 70 -11.94 4.06 -6.85
CA ASP A 70 -11.72 4.80 -5.60
C ASP A 70 -10.59 4.17 -4.76
N GLY A 71 -9.94 3.14 -5.30
CA GLY A 71 -8.85 2.43 -4.62
C GLY A 71 -9.30 1.24 -3.78
N THR A 72 -10.61 0.97 -3.70
CA THR A 72 -11.14 -0.15 -2.91
C THR A 72 -10.97 -1.48 -3.63
N LEU A 73 -10.24 -2.39 -3.00
CA LEU A 73 -10.05 -3.73 -3.53
C LEU A 73 -11.02 -4.66 -2.84
N ILE A 74 -11.78 -5.40 -3.66
CA ILE A 74 -12.70 -6.41 -3.18
C ILE A 74 -12.10 -7.76 -3.51
N ASP A 75 -12.19 -8.73 -2.59
CA ASP A 75 -11.62 -10.05 -2.78
C ASP A 75 -12.48 -11.08 -2.06
N THR A 76 -13.28 -11.85 -2.80
CA THR A 76 -14.20 -12.86 -2.24
C THR A 76 -13.47 -14.09 -1.70
N GLU A 77 -12.25 -14.31 -2.17
CA GLU A 77 -11.40 -15.42 -1.75
C GLU A 77 -10.78 -15.12 -0.38
N ARG A 78 -10.57 -13.83 -0.04
CA ARG A 78 -9.91 -13.45 1.21
C ARG A 78 -10.73 -12.64 2.21
N ALA A 79 -11.36 -11.53 1.77
CA ALA A 79 -12.03 -10.59 2.69
C ALA A 79 -13.53 -10.39 2.54
N ASP A 80 -14.08 -10.67 1.35
CA ASP A 80 -15.49 -10.42 1.08
C ASP A 80 -16.31 -11.67 0.83
N ASN A 81 -17.63 -11.55 1.01
CA ASN A 81 -18.57 -12.62 0.71
C ASN A 81 -18.95 -12.48 -0.75
N LEU A 82 -19.36 -13.59 -1.38
CA LEU A 82 -19.82 -13.56 -2.76
C LEU A 82 -21.12 -12.73 -2.80
N PRO A 83 -21.38 -11.97 -3.88
CA PRO A 83 -22.66 -11.24 -3.96
C PRO A 83 -23.84 -12.20 -4.08
N PRO A 84 -25.11 -11.79 -3.79
CA PRO A 84 -26.23 -12.72 -4.01
C PRO A 84 -26.38 -13.06 -5.50
N VAL A 85 -27.16 -14.11 -5.82
CA VAL A 85 -27.44 -14.56 -7.19
C VAL A 85 -28.01 -13.41 -8.03
N CYS A 86 -27.62 -13.35 -9.30
CA CYS A 86 -28.12 -12.35 -10.24
C CYS A 86 -29.35 -12.94 -10.95
N ASP A 87 -30.53 -12.35 -10.71
CA ASP A 87 -31.80 -12.80 -11.29
C ASP A 87 -32.00 -12.19 -12.68
N LEU A 88 -32.10 -13.06 -13.70
CA LEU A 88 -32.24 -12.64 -15.10
C LEU A 88 -33.69 -12.57 -15.60
N SER A 89 -34.69 -12.64 -14.68
CA SER A 89 -36.12 -12.57 -15.01
C SER A 89 -36.48 -11.26 -15.73
N THR A 90 -35.80 -10.16 -15.37
CA THR A 90 -36.02 -8.83 -15.93
C THR A 90 -35.44 -8.62 -17.32
N VAL A 91 -34.64 -9.58 -17.84
CA VAL A 91 -34.02 -9.43 -19.15
C VAL A 91 -34.43 -10.53 -20.15
N SER A 92 -35.62 -11.13 -19.94
CA SER A 92 -36.16 -12.17 -20.81
C SER A 92 -36.40 -11.66 -22.25
N ASP A 93 -36.57 -10.33 -22.42
CA ASP A 93 -36.79 -9.65 -23.70
C ASP A 93 -35.48 -9.25 -24.40
N ARG A 94 -34.34 -9.42 -23.72
CA ARG A 94 -33.01 -9.05 -24.25
C ARG A 94 -32.23 -10.19 -24.85
N SER A 95 -31.36 -9.84 -25.82
CA SER A 95 -30.47 -10.74 -26.55
C SER A 95 -29.05 -10.63 -26.00
N LEU A 96 -28.75 -9.53 -25.29
CA LEU A 96 -27.44 -9.24 -24.72
C LEU A 96 -27.60 -8.54 -23.36
N VAL A 97 -26.75 -8.89 -22.39
CA VAL A 97 -26.78 -8.23 -21.09
C VAL A 97 -25.35 -8.11 -20.48
N ASP A 98 -24.94 -6.88 -20.11
CA ASP A 98 -23.64 -6.59 -19.51
C ASP A 98 -23.77 -6.66 -18.00
N ILE A 99 -23.08 -7.63 -17.38
CA ILE A 99 -23.09 -7.84 -15.92
C ILE A 99 -21.97 -7.00 -15.28
N VAL A 100 -22.35 -6.18 -14.30
CA VAL A 100 -21.39 -5.34 -13.59
C VAL A 100 -21.38 -5.71 -12.12
N LEU A 101 -20.21 -5.63 -11.48
CA LEU A 101 -20.11 -5.82 -10.04
C LEU A 101 -20.32 -4.43 -9.46
N ALA A 102 -21.27 -4.30 -8.53
CA ALA A 102 -21.62 -2.99 -7.96
C ALA A 102 -21.28 -2.85 -6.50
N LEU A 103 -20.52 -1.78 -6.19
CA LEU A 103 -20.11 -1.44 -4.83
C LEU A 103 -20.75 -0.08 -4.50
N PRO A 104 -21.68 0.00 -3.52
CA PRO A 104 -22.32 1.30 -3.23
C PRO A 104 -21.30 2.39 -2.89
N LEU A 105 -21.62 3.63 -3.25
CA LEU A 105 -20.75 4.76 -2.98
C LEU A 105 -20.55 4.91 -1.48
N LEU A 106 -19.35 5.35 -1.09
CA LEU A 106 -19.10 5.65 0.31
C LEU A 106 -19.70 7.04 0.52
N ASN A 107 -20.58 7.17 1.51
CA ASN A 107 -21.22 8.44 1.83
C ASN A 107 -20.39 9.11 2.91
N ALA A 108 -19.84 10.30 2.60
CA ALA A 108 -19.03 11.09 3.52
C ALA A 108 -19.85 11.63 4.72
N ASN A 109 -21.19 11.63 4.60
CA ASN A 109 -22.06 12.11 5.67
C ASN A 109 -22.62 10.96 6.54
N GLY A 110 -21.99 9.78 6.44
CA GLY A 110 -22.32 8.63 7.27
C GLY A 110 -23.35 7.69 6.72
N GLY A 111 -23.85 6.83 7.61
CA GLY A 111 -24.86 5.82 7.30
C GLY A 111 -24.41 4.82 6.27
N ASN A 112 -23.14 4.34 6.35
CA ASN A 112 -22.59 3.38 5.37
C ASN A 112 -22.84 1.94 5.77
N LEU A 113 -23.27 1.71 7.01
CA LEU A 113 -23.55 0.38 7.53
C LEU A 113 -25.01 -0.02 7.27
N ASP A 114 -25.21 -1.14 6.58
CA ASP A 114 -26.53 -1.69 6.27
C ASP A 114 -27.00 -2.47 7.51
N ASN A 115 -27.62 -1.75 8.47
CA ASN A 115 -28.08 -2.26 9.77
C ASN A 115 -29.55 -2.71 9.78
N GLY A 116 -30.16 -2.80 8.60
CA GLY A 116 -31.55 -3.21 8.48
C GLY A 116 -32.55 -2.07 8.50
N SER A 117 -32.11 -0.84 8.85
CA SER A 117 -32.99 0.33 8.87
C SER A 117 -33.24 0.81 7.44
N GLU A 118 -34.30 1.60 7.22
CA GLU A 118 -34.66 2.08 5.90
C GLU A 118 -33.73 3.17 5.38
N SER A 119 -33.42 3.10 4.08
CA SER A 119 -32.56 4.05 3.37
C SER A 119 -33.02 4.22 1.93
N GLU A 120 -32.86 5.44 1.39
CA GLU A 120 -33.22 5.78 0.01
C GLU A 120 -32.14 5.34 -0.98
N ARG A 121 -31.01 4.84 -0.46
CA ARG A 121 -29.86 4.46 -1.26
C ARG A 121 -29.19 3.18 -0.74
N PRO A 122 -28.44 2.43 -1.60
CA PRO A 122 -27.72 1.25 -1.08
C PRO A 122 -26.56 1.64 -0.17
N ARG A 123 -26.35 0.87 0.90
CA ARG A 123 -25.25 1.10 1.85
C ARG A 123 -24.08 0.17 1.53
N ARG A 124 -22.87 0.74 1.57
CA ARG A 124 -21.62 0.09 1.22
C ARG A 124 -21.18 -1.06 2.12
N TRP A 125 -21.39 -0.90 3.44
CA TRP A 125 -20.93 -1.88 4.41
C TRP A 125 -22.01 -2.76 4.99
N LYS A 126 -21.64 -4.01 5.26
CA LYS A 126 -22.45 -5.02 5.96
C LYS A 126 -21.57 -5.53 7.10
N SER A 127 -22.19 -5.82 8.25
CA SER A 127 -21.47 -6.33 9.40
C SER A 127 -21.76 -7.80 9.58
N GLU A 128 -20.70 -8.60 9.72
CA GLU A 128 -20.79 -10.02 9.97
C GLU A 128 -19.96 -10.35 11.21
N ARG A 129 -20.57 -10.97 12.22
CA ARG A 129 -19.86 -11.39 13.43
C ARG A 129 -19.15 -12.70 13.11
N VAL A 130 -17.82 -12.68 13.14
CA VAL A 130 -16.96 -13.82 12.82
C VAL A 130 -16.08 -14.11 14.03
N ASN A 131 -15.94 -15.40 14.38
CA ASN A 131 -15.08 -15.86 15.46
C ASN A 131 -13.66 -15.84 14.88
N VAL A 132 -12.97 -14.71 15.07
CA VAL A 132 -11.65 -14.47 14.50
C VAL A 132 -10.54 -14.93 15.43
N GLN A 133 -9.61 -15.70 14.86
CA GLN A 133 -8.44 -16.25 15.52
C GLN A 133 -7.46 -15.15 15.90
N GLU A 134 -7.07 -15.14 17.19
CA GLU A 134 -6.04 -14.23 17.68
C GLU A 134 -4.76 -14.96 17.27
N LEU A 135 -3.92 -14.28 16.49
CA LEU A 135 -2.75 -14.86 15.84
C LEU A 135 -1.53 -15.14 16.72
N ALA A 136 -1.32 -14.41 17.83
CA ALA A 136 -0.16 -14.68 18.68
C ALA A 136 -0.37 -15.96 19.51
N GLY A 137 -1.51 -16.03 20.19
CA GLY A 137 -1.89 -17.16 21.05
C GLY A 137 -2.85 -18.12 20.39
N HIS A 138 -3.80 -18.67 21.18
CA HIS A 138 -4.70 -19.68 20.66
C HIS A 138 -6.18 -19.36 20.77
N GLU A 139 -6.52 -18.20 21.36
CA GLU A 139 -7.93 -17.79 21.52
C GLU A 139 -8.59 -17.26 20.25
N GLN A 140 -9.91 -17.33 20.21
CA GLN A 140 -10.76 -16.79 19.15
C GLN A 140 -11.80 -15.92 19.82
N SER A 141 -12.22 -14.84 19.15
CA SER A 141 -13.26 -13.94 19.66
C SER A 141 -14.13 -13.48 18.53
N GLU A 142 -15.43 -13.29 18.81
CA GLU A 142 -16.40 -12.81 17.83
C GLU A 142 -16.17 -11.33 17.60
N VAL A 143 -15.83 -10.99 16.37
CA VAL A 143 -15.49 -9.63 15.92
C VAL A 143 -16.41 -9.23 14.75
N ALA A 144 -16.86 -7.96 14.73
CA ALA A 144 -17.68 -7.42 13.66
C ALA A 144 -16.74 -7.17 12.47
N VAL A 145 -16.91 -7.97 11.41
CA VAL A 145 -16.05 -7.85 10.24
C VAL A 145 -16.79 -7.11 9.13
N LEU A 146 -16.07 -6.21 8.46
CA LEU A 146 -16.64 -5.45 7.35
C LEU A 146 -16.74 -6.33 6.11
N ARG A 147 -17.96 -6.43 5.58
CA ARG A 147 -18.25 -7.14 4.34
C ARG A 147 -18.80 -6.09 3.41
N HIS A 148 -18.23 -5.96 2.22
CA HIS A 148 -18.73 -5.00 1.24
C HIS A 148 -20.03 -5.49 0.67
N ASN A 149 -21.04 -4.62 0.69
CA ASN A 149 -22.39 -4.93 0.20
C ASN A 149 -22.41 -4.96 -1.33
N LEU A 150 -21.80 -6.00 -1.91
CA LEU A 150 -21.69 -6.21 -3.34
C LEU A 150 -22.91 -6.88 -3.93
N THR A 151 -23.30 -6.44 -5.12
CA THR A 151 -24.38 -7.03 -5.90
C THR A 151 -23.96 -7.09 -7.36
N LEU A 152 -24.55 -8.05 -8.10
CA LEU A 152 -24.31 -8.17 -9.52
C LEU A 152 -25.48 -7.43 -10.17
N ARG A 153 -25.16 -6.32 -10.83
CA ARG A 153 -26.16 -5.51 -11.51
C ARG A 153 -25.92 -5.57 -13.01
N MET A 154 -26.75 -4.88 -13.79
CA MET A 154 -26.64 -4.87 -15.24
C MET A 154 -26.42 -3.45 -15.69
N ALA A 155 -25.59 -3.26 -16.73
CA ALA A 155 -25.22 -1.93 -17.24
C ALA A 155 -26.41 -1.07 -17.74
N HIS A 156 -27.54 -1.68 -18.09
CA HIS A 156 -28.71 -0.92 -18.53
C HIS A 156 -29.56 -0.38 -17.39
N GLN A 157 -29.24 -0.82 -16.16
CA GLN A 157 -29.92 -0.37 -14.94
C GLN A 157 -29.33 0.98 -14.48
N GLU A 158 -30.03 1.67 -13.59
CA GLU A 158 -29.60 2.95 -13.03
C GLU A 158 -28.61 2.62 -11.91
N ASN A 159 -27.33 2.94 -12.15
CA ASN A 159 -26.23 2.54 -11.27
C ASN A 159 -25.40 3.68 -10.67
N ALA A 160 -25.89 4.93 -10.73
CA ALA A 160 -25.20 6.12 -10.19
C ALA A 160 -24.89 6.04 -8.69
N ALA A 161 -25.73 5.31 -7.91
CA ALA A 161 -25.55 5.13 -6.46
C ALA A 161 -24.43 4.14 -6.15
N TRP A 162 -23.86 3.49 -7.18
CA TRP A 162 -22.79 2.50 -7.04
C TRP A 162 -21.58 2.84 -7.90
N LEU A 163 -20.45 2.25 -7.55
CA LEU A 163 -19.24 2.22 -8.37
C LEU A 163 -19.42 0.88 -9.05
N THR A 164 -19.29 0.85 -10.37
CA THR A 164 -19.50 -0.38 -11.13
C THR A 164 -18.26 -0.81 -11.93
N CYS A 165 -18.11 -2.12 -12.14
CA CYS A 165 -17.03 -2.67 -12.98
C CYS A 165 -17.56 -3.82 -13.81
N PRO A 166 -17.43 -3.76 -15.17
CA PRO A 166 -17.89 -4.88 -16.02
C PRO A 166 -17.23 -6.18 -15.58
N VAL A 167 -18.03 -7.23 -15.43
CA VAL A 167 -17.52 -8.49 -14.87
C VAL A 167 -17.83 -9.73 -15.80
N THR A 168 -18.88 -9.62 -16.64
CA THR A 168 -19.27 -10.59 -17.69
C THR A 168 -20.27 -9.96 -18.63
N ARG A 169 -20.54 -10.66 -19.73
CA ARG A 169 -21.54 -10.35 -20.70
C ARG A 169 -22.23 -11.65 -21.04
N LEU A 170 -23.56 -11.62 -21.06
CA LEU A 170 -24.35 -12.78 -21.42
C LEU A 170 -25.01 -12.54 -22.77
N VAL A 171 -24.92 -13.55 -23.65
CA VAL A 171 -25.53 -13.53 -24.98
C VAL A 171 -26.46 -14.76 -25.10
N ARG A 172 -27.28 -14.79 -26.14
CA ARG A 172 -28.20 -15.90 -26.37
C ARG A 172 -27.60 -16.94 -27.30
N ASP A 173 -27.88 -18.22 -26.99
CA ASP A 173 -27.56 -19.43 -27.76
C ASP A 173 -28.37 -19.44 -29.05
N ALA A 174 -28.17 -20.48 -29.89
CA ALA A 174 -28.99 -20.75 -31.07
C ALA A 174 -30.42 -21.14 -30.59
N GLN A 175 -30.52 -21.73 -29.37
CA GLN A 175 -31.76 -22.15 -28.72
C GLN A 175 -32.44 -21.02 -27.93
N GLY A 176 -31.75 -19.89 -27.78
CA GLY A 176 -32.25 -18.74 -27.04
C GLY A 176 -31.95 -18.78 -25.54
N GLN A 177 -30.99 -19.63 -25.15
CA GLN A 177 -30.59 -19.76 -23.75
C GLN A 177 -29.42 -18.82 -23.49
N TRP A 178 -29.41 -18.17 -22.31
CA TRP A 178 -28.32 -17.28 -21.91
C TRP A 178 -27.02 -18.06 -21.71
N CYS A 179 -25.89 -17.46 -22.12
CA CYS A 179 -24.55 -18.05 -21.96
C CYS A 179 -23.51 -16.94 -21.84
N ARG A 180 -22.38 -17.22 -21.12
CA ARG A 180 -21.31 -16.22 -21.00
C ARG A 180 -20.66 -16.05 -22.37
N ASP A 181 -20.53 -14.80 -22.84
CA ASP A 181 -19.92 -14.47 -24.12
C ASP A 181 -18.38 -14.62 -23.99
N PRO A 182 -17.75 -15.56 -24.75
CA PRO A 182 -16.29 -15.73 -24.64
C PRO A 182 -15.47 -14.54 -25.15
N ARG A 183 -16.07 -13.70 -26.02
CA ARG A 183 -15.44 -12.49 -26.57
C ARG A 183 -15.34 -11.36 -25.54
N PHE A 184 -16.06 -11.48 -24.41
CA PHE A 184 -16.04 -10.46 -23.37
C PHE A 184 -14.69 -10.33 -22.69
N ILE A 185 -14.23 -9.09 -22.51
CA ILE A 185 -13.01 -8.78 -21.79
C ILE A 185 -13.35 -7.64 -20.80
N PRO A 186 -13.18 -7.86 -19.48
CA PRO A 186 -13.46 -6.76 -18.53
C PRO A 186 -12.30 -5.77 -18.46
N PRO A 187 -12.43 -4.56 -17.85
CA PRO A 187 -11.24 -3.74 -17.64
C PRO A 187 -10.25 -4.60 -16.85
N LEU A 188 -9.01 -4.69 -17.30
CA LEU A 188 -8.05 -5.63 -16.68
C LEU A 188 -7.04 -5.03 -15.73
N LEU A 189 -6.71 -5.81 -14.68
CA LEU A 189 -5.62 -5.55 -13.73
C LEU A 189 -4.54 -6.63 -13.94
N THR A 190 -4.95 -7.79 -14.53
CA THR A 190 -4.07 -8.95 -14.86
C THR A 190 -4.53 -9.48 -16.21
N LEU A 191 -3.60 -10.02 -17.03
CA LEU A 191 -3.98 -10.61 -18.34
C LEU A 191 -4.74 -11.92 -18.14
N SER A 192 -4.44 -12.63 -17.02
CA SER A 192 -5.06 -13.91 -16.64
C SER A 192 -6.57 -13.81 -16.36
N ALA A 193 -7.07 -12.60 -16.04
CA ALA A 193 -8.49 -12.32 -15.78
C ALA A 193 -9.36 -12.66 -16.99
N SER A 194 -8.75 -12.68 -18.21
CA SER A 194 -9.44 -13.03 -19.46
C SER A 194 -8.82 -14.29 -20.11
N PRO A 195 -9.47 -15.46 -19.95
CA PRO A 195 -8.94 -16.70 -20.57
C PRO A 195 -8.93 -16.67 -22.10
N SER A 196 -9.89 -15.97 -22.73
CA SER A 196 -9.94 -15.87 -24.21
C SER A 196 -8.82 -14.99 -24.73
N LEU A 197 -8.51 -13.88 -24.02
CA LEU A 197 -7.42 -12.99 -24.41
C LEU A 197 -6.09 -13.75 -24.28
N MET A 198 -5.93 -14.53 -23.19
CA MET A 198 -4.74 -15.36 -22.95
C MET A 198 -4.52 -16.32 -24.14
N THR A 199 -5.58 -17.02 -24.59
CA THR A 199 -5.57 -17.94 -25.73
C THR A 199 -5.09 -17.21 -26.98
N GLU A 200 -5.63 -16.02 -27.23
CA GLU A 200 -5.27 -15.17 -28.37
C GLU A 200 -3.82 -14.67 -28.28
N LEU A 201 -3.35 -14.31 -27.06
CA LEU A 201 -1.98 -13.85 -26.83
C LEU A 201 -0.97 -14.97 -27.03
N LEU A 202 -1.28 -16.19 -26.51
CA LEU A 202 -0.42 -17.36 -26.67
C LEU A 202 -0.30 -17.70 -28.16
N GLU A 203 -1.40 -17.54 -28.92
CA GLU A 203 -1.48 -17.78 -30.37
C GLU A 203 -0.58 -16.81 -31.11
N LEU A 204 -0.61 -15.52 -30.74
CA LEU A 204 0.23 -14.49 -31.35
C LEU A 204 1.72 -14.80 -31.17
N LEU A 205 2.13 -15.17 -29.93
CA LEU A 205 3.51 -15.50 -29.60
C LEU A 205 4.01 -16.68 -30.45
N HIS A 206 3.21 -17.74 -30.56
CA HIS A 206 3.54 -18.94 -31.34
C HIS A 206 3.65 -18.62 -32.83
N HIS A 207 2.78 -17.74 -33.33
CA HIS A 207 2.77 -17.26 -34.72
C HIS A 207 4.04 -16.43 -34.99
N LEU A 208 4.41 -15.55 -34.04
CA LEU A 208 5.60 -14.71 -34.10
C LEU A 208 6.86 -15.59 -34.15
N GLN A 209 6.93 -16.60 -33.27
CA GLN A 209 8.04 -17.55 -33.17
C GLN A 209 8.21 -18.36 -34.47
N ALA A 210 7.10 -18.84 -35.06
CA ALA A 210 7.09 -19.62 -36.30
C ALA A 210 7.57 -18.76 -37.47
N ARG A 211 7.05 -17.52 -37.59
CA ARG A 211 7.43 -16.58 -38.65
C ARG A 211 8.90 -16.20 -38.56
N ARG A 212 9.40 -15.94 -37.33
CA ARG A 212 10.79 -15.54 -37.12
C ARG A 212 11.78 -16.69 -37.35
N GLN A 213 11.41 -17.95 -36.96
CA GLN A 213 12.27 -19.13 -37.18
C GLN A 213 12.42 -19.39 -38.69
N ARG A 214 11.33 -19.16 -39.47
CA ARG A 214 11.31 -19.31 -40.92
C ARG A 214 12.16 -18.23 -41.56
N LEU A 215 12.05 -16.98 -41.08
CA LEU A 215 12.80 -15.83 -41.58
C LEU A 215 14.29 -15.93 -41.24
N MET A 216 14.64 -16.46 -40.04
CA MET A 216 16.03 -16.63 -39.61
C MET A 216 16.77 -17.63 -40.48
N SER A 217 16.07 -18.65 -41.02
CA SER A 217 16.66 -19.66 -41.89
C SER A 217 16.82 -19.11 -43.33
N MET A 218 16.09 -18.02 -43.64
CA MET A 218 16.09 -17.33 -44.93
C MET A 218 17.28 -16.38 -45.11
N ARG A 219 18.09 -16.17 -44.06
CA ARG A 219 19.28 -15.32 -44.12
C ARG A 219 20.33 -16.04 -44.98
N ARG A 220 20.82 -15.36 -46.01
CA ARG A 220 21.79 -15.96 -46.90
C ARG A 220 23.22 -15.86 -46.37
N GLU A 221 23.94 -16.97 -46.38
CA GLU A 221 25.30 -16.95 -45.89
C GLU A 221 26.37 -17.48 -46.86
N ASN A 222 27.53 -16.84 -46.83
CA ASN A 222 28.68 -17.22 -47.62
C ASN A 222 29.61 -17.73 -46.56
N ASN A 223 29.98 -19.01 -46.66
CA ASN A 223 30.76 -19.71 -45.66
C ASN A 223 29.96 -19.60 -44.38
N ALA A 224 30.56 -19.12 -43.31
CA ALA A 224 29.83 -18.99 -42.06
C ALA A 224 29.51 -17.54 -41.76
N ARG A 225 29.51 -16.70 -42.78
CA ARG A 225 29.25 -15.30 -42.61
C ARG A 225 28.09 -14.85 -43.45
N LEU A 226 27.46 -13.76 -43.06
CA LEU A 226 26.34 -13.28 -43.84
C LEU A 226 26.84 -12.91 -45.22
N ALA A 227 26.11 -13.31 -46.23
CA ALA A 227 26.47 -12.98 -47.61
C ALA A 227 26.22 -11.50 -47.89
N ASP A 228 26.94 -10.89 -48.87
CA ASP A 228 26.78 -9.48 -49.24
C ASP A 228 25.30 -9.20 -49.49
N PHE A 229 24.74 -8.20 -48.79
CA PHE A 229 23.32 -7.86 -48.84
C PHE A 229 22.80 -7.41 -50.18
N ALA A 230 21.66 -8.00 -50.57
CA ALA A 230 20.87 -7.70 -51.75
C ALA A 230 19.71 -6.76 -51.35
N VAL A 231 18.91 -6.31 -52.33
CA VAL A 231 17.77 -5.40 -52.10
C VAL A 231 16.67 -6.05 -51.24
N ALA A 232 16.48 -7.38 -51.39
CA ALA A 232 15.49 -8.16 -50.64
C ALA A 232 15.81 -8.26 -49.14
N ASP A 233 17.10 -8.10 -48.78
CA ASP A 233 17.58 -8.14 -47.40
C ASP A 233 17.17 -6.93 -46.56
N VAL A 234 16.93 -5.77 -47.22
CA VAL A 234 16.50 -4.50 -46.57
C VAL A 234 15.21 -4.78 -45.79
N SER A 235 14.25 -5.50 -46.43
CA SER A 235 12.97 -5.85 -45.84
C SER A 235 13.09 -7.02 -44.87
N LEU A 236 13.90 -8.03 -45.23
CA LEU A 236 14.15 -9.23 -44.43
C LEU A 236 14.74 -8.92 -43.04
N PHE A 237 15.81 -8.11 -42.99
CA PHE A 237 16.49 -7.75 -41.75
C PHE A 237 15.71 -6.72 -40.93
N TRP A 238 14.87 -5.90 -41.59
CA TRP A 238 14.00 -4.94 -40.89
C TRP A 238 12.97 -5.77 -40.11
N LEU A 239 12.39 -6.77 -40.79
CA LEU A 239 11.34 -7.64 -40.27
C LEU A 239 11.87 -8.49 -39.13
N LEU A 240 13.09 -9.01 -39.28
CA LEU A 240 13.77 -9.85 -38.31
C LEU A 240 14.09 -9.06 -37.05
N ASN A 241 14.53 -7.78 -37.22
CA ASN A 241 14.86 -6.90 -36.12
C ASN A 241 13.64 -6.70 -35.22
N ALA A 242 12.46 -6.47 -35.84
CA ALA A 242 11.20 -6.27 -35.16
C ALA A 242 10.77 -7.50 -34.37
N LEU A 243 10.86 -8.70 -34.98
CA LEU A 243 10.46 -9.94 -34.32
C LEU A 243 11.43 -10.40 -33.25
N ASN A 244 12.74 -10.32 -33.53
CA ASN A 244 13.78 -10.70 -32.58
C ASN A 244 13.82 -9.81 -31.34
N SER A 245 13.53 -8.51 -31.50
CA SER A 245 13.52 -7.55 -30.39
C SER A 245 12.32 -7.75 -29.47
N ALA A 246 11.14 -8.00 -30.07
CA ALA A 246 9.89 -8.14 -29.34
C ALA A 246 9.67 -9.50 -28.68
N GLU A 247 10.04 -10.60 -29.35
CA GLU A 247 9.82 -11.97 -28.87
C GLU A 247 10.23 -12.23 -27.41
N PRO A 248 11.49 -11.96 -26.95
CA PRO A 248 11.81 -12.25 -25.53
C PRO A 248 11.03 -11.39 -24.54
N VAL A 249 10.69 -10.15 -24.94
CA VAL A 249 9.94 -9.18 -24.13
C VAL A 249 8.50 -9.69 -23.96
N LEU A 250 7.84 -10.07 -25.07
CA LEU A 250 6.48 -10.60 -25.05
C LEU A 250 6.41 -11.93 -24.32
N LYS A 251 7.44 -12.80 -24.49
CA LYS A 251 7.50 -14.08 -23.83
C LYS A 251 7.47 -13.94 -22.31
N GLU A 252 8.32 -13.08 -21.72
CA GLU A 252 8.33 -12.98 -20.26
C GLU A 252 7.06 -12.28 -19.72
N LEU A 253 6.38 -11.44 -20.52
CA LEU A 253 5.11 -10.79 -20.11
C LEU A 253 3.99 -11.80 -20.10
N LEU A 254 4.03 -12.76 -21.05
CA LEU A 254 3.01 -13.81 -21.22
C LEU A 254 3.22 -15.02 -20.34
N ASP A 255 4.48 -15.42 -20.03
CA ASP A 255 4.81 -16.56 -19.17
C ASP A 255 4.30 -16.34 -17.73
N MET A 256 4.32 -15.08 -17.25
CA MET A 256 3.80 -14.66 -15.94
C MET A 256 2.79 -13.54 -16.23
N PRO A 257 1.57 -13.91 -16.70
CA PRO A 257 0.62 -12.89 -17.16
C PRO A 257 -0.27 -12.32 -16.06
N TYR A 258 0.36 -11.83 -14.99
CA TYR A 258 -0.34 -11.32 -13.82
C TYR A 258 -0.18 -9.81 -13.63
N ARG A 259 0.36 -9.12 -14.63
CA ARG A 259 0.57 -7.67 -14.59
C ARG A 259 -0.47 -6.91 -15.39
N HIS A 260 -0.53 -5.59 -15.16
CA HIS A 260 -1.45 -4.66 -15.80
C HIS A 260 -1.36 -4.69 -17.33
N PRO A 261 -2.49 -4.63 -18.08
CA PRO A 261 -2.43 -4.67 -19.56
C PRO A 261 -1.71 -3.48 -20.23
N GLU A 262 -1.48 -2.36 -19.51
CA GLU A 262 -0.76 -1.18 -20.03
C GLU A 262 0.66 -1.56 -20.46
N LEU A 263 1.32 -2.45 -19.68
CA LEU A 263 2.66 -2.99 -19.91
C LEU A 263 2.66 -3.77 -21.24
N LEU A 264 1.67 -4.67 -21.42
CA LEU A 264 1.53 -5.49 -22.61
C LEU A 264 1.18 -4.62 -23.82
N TYR A 265 0.18 -3.71 -23.68
CA TYR A 265 -0.24 -2.81 -24.74
C TYR A 265 0.95 -2.06 -25.33
N ARG A 266 1.78 -1.46 -24.47
CA ARG A 266 2.98 -0.69 -24.82
C ARG A 266 3.90 -1.48 -25.78
N GLU A 267 4.15 -2.76 -25.46
CA GLU A 267 5.01 -3.64 -26.24
C GLU A 267 4.35 -4.15 -27.52
N LEU A 268 3.04 -4.42 -27.47
CA LEU A 268 2.24 -4.87 -28.60
C LEU A 268 2.13 -3.73 -29.64
N ALA A 269 1.91 -2.48 -29.18
CA ALA A 269 1.80 -1.26 -30.00
C ALA A 269 3.13 -0.93 -30.66
N ARG A 270 4.25 -1.09 -29.91
CA ARG A 270 5.61 -0.89 -30.37
C ARG A 270 5.90 -1.85 -31.55
N LEU A 271 5.56 -3.15 -31.37
CA LEU A 271 5.75 -4.19 -32.38
C LEU A 271 4.88 -3.92 -33.60
N ALA A 272 3.59 -3.59 -33.39
CA ALA A 272 2.65 -3.28 -34.47
C ALA A 272 3.18 -2.11 -35.31
N GLY A 273 3.62 -1.04 -34.63
CA GLY A 273 4.19 0.15 -35.24
C GLY A 273 5.38 -0.15 -36.12
N SER A 274 6.31 -0.98 -35.60
CA SER A 274 7.50 -1.44 -36.31
C SER A 274 7.13 -2.24 -37.58
N LEU A 275 6.06 -3.07 -37.52
CA LEU A 275 5.61 -3.90 -38.63
C LEU A 275 4.86 -3.12 -39.72
N LEU A 276 4.28 -1.97 -39.35
CA LEU A 276 3.53 -1.09 -40.25
C LEU A 276 4.40 -0.33 -41.26
N THR A 277 5.72 -0.24 -41.00
CA THR A 277 6.67 0.50 -41.85
C THR A 277 6.77 -0.08 -43.26
N PHE A 278 6.49 -1.37 -43.48
CA PHE A 278 6.54 -1.92 -44.84
C PHE A 278 5.18 -1.90 -45.51
N SER A 279 4.10 -2.06 -44.73
CA SER A 279 2.72 -2.10 -45.24
C SER A 279 2.20 -0.77 -45.81
N LEU A 280 1.48 -0.84 -46.94
CA LEU A 280 0.87 0.35 -47.54
C LEU A 280 -0.65 0.35 -47.40
N GLU A 281 -1.22 -0.82 -47.01
CA GLU A 281 -2.67 -1.03 -46.79
C GLU A 281 -3.13 -0.53 -45.42
N HIS A 282 -2.18 -0.42 -44.49
CA HIS A 282 -2.44 0.10 -43.16
C HIS A 282 -1.53 1.29 -42.92
N ASN A 283 -2.12 2.40 -42.48
CA ASN A 283 -1.41 3.61 -42.08
C ASN A 283 -1.00 3.38 -40.62
N VAL A 284 -0.21 4.29 -40.04
CA VAL A 284 0.27 4.17 -38.65
C VAL A 284 -0.86 4.34 -37.62
N ASP A 285 -1.96 4.99 -38.03
CA ASP A 285 -3.17 5.22 -37.24
C ASP A 285 -3.93 3.88 -36.99
N ALA A 286 -3.51 2.80 -37.71
CA ALA A 286 -4.04 1.45 -37.59
C ALA A 286 -3.90 0.86 -36.19
N VAL A 287 -2.87 1.27 -35.43
CA VAL A 287 -2.64 0.78 -34.07
C VAL A 287 -3.77 1.32 -33.20
N PRO A 288 -4.62 0.42 -32.64
CA PRO A 288 -5.72 0.90 -31.80
C PRO A 288 -5.17 1.61 -30.55
N ALA A 289 -5.80 2.73 -30.18
CA ALA A 289 -5.44 3.49 -29.00
C ALA A 289 -5.82 2.68 -27.76
N TYR A 290 -5.08 2.84 -26.65
CA TYR A 290 -5.40 2.11 -25.43
C TYR A 290 -6.70 2.63 -24.80
N HIS A 291 -7.64 1.72 -24.51
CA HIS A 291 -8.92 2.03 -23.88
C HIS A 291 -9.08 1.06 -22.72
N HIS A 292 -8.89 1.54 -21.49
CA HIS A 292 -8.94 0.67 -20.32
C HIS A 292 -10.31 0.08 -20.04
N GLU A 293 -11.39 0.90 -20.14
CA GLU A 293 -12.78 0.49 -19.91
C GLU A 293 -13.26 -0.56 -20.90
N THR A 294 -12.86 -0.45 -22.18
CA THR A 294 -13.24 -1.43 -23.21
C THR A 294 -12.02 -2.07 -23.88
N PRO A 295 -11.39 -3.06 -23.22
CA PRO A 295 -10.22 -3.73 -23.84
C PRO A 295 -10.55 -4.52 -25.11
N GLU A 296 -11.85 -4.71 -25.41
CA GLU A 296 -12.32 -5.36 -26.63
C GLU A 296 -12.09 -4.49 -27.86
N ASN A 297 -12.03 -3.17 -27.65
CA ASN A 297 -11.76 -2.20 -28.69
C ASN A 297 -10.27 -1.90 -28.82
N VAL A 298 -9.42 -2.67 -28.11
CA VAL A 298 -7.99 -2.46 -28.20
C VAL A 298 -7.25 -3.78 -28.50
N PHE A 299 -7.40 -4.83 -27.67
CA PHE A 299 -6.63 -6.06 -27.89
C PHE A 299 -7.13 -6.90 -29.09
N PRO A 300 -8.42 -7.32 -29.24
CA PRO A 300 -8.79 -8.05 -30.48
C PRO A 300 -8.42 -7.31 -31.79
N PRO A 301 -8.70 -5.98 -32.02
CA PRO A 301 -8.24 -5.36 -33.30
C PRO A 301 -6.72 -5.25 -33.43
N LEU A 302 -5.98 -5.11 -32.30
CA LEU A 302 -4.54 -5.03 -32.31
C LEU A 302 -3.92 -6.39 -32.63
N LEU A 303 -4.50 -7.48 -32.09
CA LEU A 303 -4.02 -8.84 -32.36
C LEU A 303 -4.34 -9.25 -33.80
N SER A 304 -5.48 -8.75 -34.32
CA SER A 304 -5.92 -8.98 -35.69
C SER A 304 -4.94 -8.30 -36.67
N LEU A 305 -4.57 -7.03 -36.38
CA LEU A 305 -3.61 -6.25 -37.16
C LEU A 305 -2.24 -6.93 -37.17
N LEU A 306 -1.77 -7.39 -35.98
CA LEU A 306 -0.49 -8.08 -35.82
C LEU A 306 -0.41 -9.39 -36.59
N ASN A 307 -1.45 -10.25 -36.50
CA ASN A 307 -1.50 -11.52 -37.22
C ASN A 307 -1.51 -11.32 -38.73
N ARG A 308 -2.19 -10.25 -39.21
CA ARG A 308 -2.25 -9.85 -40.63
C ARG A 308 -0.87 -9.37 -41.07
N LEU A 309 -0.18 -8.56 -40.22
CA LEU A 309 1.17 -8.02 -40.47
C LEU A 309 2.23 -9.13 -40.54
N LEU A 310 2.15 -10.14 -39.64
CA LEU A 310 3.07 -11.31 -39.61
C LEU A 310 2.94 -12.20 -40.85
N GLU A 311 1.70 -12.42 -41.33
CA GLU A 311 1.40 -13.25 -42.51
C GLU A 311 1.79 -12.57 -43.83
N ALA A 312 1.51 -11.26 -43.98
CA ALA A 312 1.79 -10.49 -45.21
C ALA A 312 3.26 -10.21 -45.41
N MET B 1 -4.38 -16.76 3.67
CA MET B 1 -5.73 -17.15 4.08
C MET B 1 -6.68 -15.96 3.98
N LYS B 2 -7.75 -16.04 4.77
CA LYS B 2 -8.77 -15.03 4.92
C LYS B 2 -8.19 -13.82 5.66
N ILE B 3 -8.67 -12.63 5.31
CA ILE B 3 -8.33 -11.37 5.97
C ILE B 3 -9.66 -10.76 6.35
N TYR B 4 -9.88 -10.55 7.65
CA TYR B 4 -11.14 -10.03 8.14
C TYR B 4 -11.05 -8.56 8.48
N ARG B 5 -11.27 -7.66 7.49
CA ARG B 5 -11.25 -6.19 7.66
C ARG B 5 -12.16 -5.80 8.85
N PRO B 6 -11.64 -5.13 9.90
CA PRO B 6 -12.48 -4.81 11.06
C PRO B 6 -13.44 -3.65 10.84
N LEU B 7 -14.60 -3.76 11.48
CA LEU B 7 -15.58 -2.69 11.49
C LEU B 7 -15.42 -2.03 12.85
N TRP B 8 -15.15 -0.72 12.87
CA TRP B 8 -14.94 0.03 14.11
C TRP B 8 -16.26 0.61 14.61
N GLU B 9 -16.70 0.19 15.81
CA GLU B 9 -17.99 0.55 16.39
C GLU B 9 -17.87 1.32 17.68
N ASP B 10 -18.86 2.19 17.97
CA ASP B 10 -18.87 3.07 19.14
C ASP B 10 -18.77 2.40 20.52
N GLY B 11 -19.53 1.35 20.82
CA GLY B 11 -19.48 0.77 22.17
C GLY B 11 -18.44 -0.32 22.38
N ALA B 12 -17.82 -0.77 21.29
CA ALA B 12 -16.94 -1.93 21.16
C ALA B 12 -15.67 -1.94 22.00
N PHE B 13 -15.42 -3.12 22.60
CA PHE B 13 -14.20 -3.38 23.37
C PHE B 13 -13.15 -3.74 22.32
N LEU B 14 -12.01 -3.07 22.37
CA LEU B 14 -10.95 -3.26 21.39
C LEU B 14 -10.24 -4.59 21.58
N MET B 15 -10.13 -5.34 20.49
CA MET B 15 -9.55 -6.68 20.46
C MET B 15 -8.28 -6.71 19.62
N PRO B 16 -7.27 -7.54 19.99
CA PRO B 16 -6.04 -7.62 19.18
C PRO B 16 -6.30 -8.05 17.73
N GLN B 17 -7.33 -8.91 17.49
CA GLN B 17 -7.69 -9.36 16.13
C GLN B 17 -8.03 -8.21 15.20
N GLN B 18 -8.67 -7.13 15.70
CA GLN B 18 -9.03 -5.95 14.91
C GLN B 18 -7.78 -5.28 14.30
N PHE B 19 -6.75 -5.08 15.13
CA PHE B 19 -5.49 -4.48 14.71
C PHE B 19 -4.63 -5.41 13.87
N GLN B 20 -4.67 -6.72 14.18
CA GLN B 20 -3.91 -7.74 13.42
C GLN B 20 -4.46 -7.88 12.02
N GLN B 21 -5.79 -7.90 11.88
CA GLN B 21 -6.47 -8.03 10.60
C GLN B 21 -6.31 -6.81 9.71
N GLN B 22 -6.41 -5.61 10.30
CA GLN B 22 -6.23 -4.34 9.59
C GLN B 22 -4.81 -4.27 9.02
N ALA B 23 -3.80 -4.62 9.86
CA ALA B 23 -2.39 -4.64 9.46
C ALA B 23 -2.17 -5.66 8.36
N ALA B 24 -2.81 -6.85 8.46
CA ALA B 24 -2.71 -7.90 7.44
C ALA B 24 -3.30 -7.43 6.12
N TRP B 25 -4.43 -6.71 6.16
CA TRP B 25 -5.07 -6.19 4.95
C TRP B 25 -4.18 -5.15 4.25
N ASP B 26 -3.54 -4.26 5.03
CA ASP B 26 -2.65 -3.22 4.50
C ASP B 26 -1.44 -3.82 3.79
N VAL B 27 -0.89 -4.94 4.34
CA VAL B 27 0.24 -5.68 3.76
C VAL B 27 -0.21 -6.27 2.41
N HIS B 28 -1.40 -6.91 2.39
CA HIS B 28 -1.98 -7.50 1.19
C HIS B 28 -2.24 -6.42 0.12
N LEU B 29 -2.79 -5.26 0.53
CA LEU B 29 -3.07 -4.13 -0.35
C LEU B 29 -1.79 -3.58 -1.01
N ALA B 30 -0.72 -3.39 -0.23
CA ALA B 30 0.57 -2.91 -0.76
C ALA B 30 1.17 -3.95 -1.73
N ASP B 31 0.99 -5.25 -1.41
CA ASP B 31 1.46 -6.34 -2.26
C ASP B 31 0.68 -6.41 -3.58
N SER B 32 -0.64 -6.14 -3.55
CA SER B 32 -1.48 -6.17 -4.76
C SER B 32 -1.10 -5.04 -5.74
N VAL B 33 -0.63 -3.90 -5.20
CA VAL B 33 -0.17 -2.76 -5.99
C VAL B 33 1.15 -3.14 -6.66
N ALA B 34 2.07 -3.77 -5.91
CA ALA B 34 3.35 -4.23 -6.43
C ALA B 34 3.18 -5.22 -7.58
N ARG B 35 2.15 -6.09 -7.50
CA ARG B 35 1.86 -7.11 -8.51
C ARG B 35 1.30 -6.55 -9.82
N MET B 36 0.86 -5.28 -9.82
CA MET B 36 0.33 -4.62 -11.03
C MET B 36 1.46 -4.38 -12.04
N GLY B 37 2.66 -4.07 -11.54
CA GLY B 37 3.80 -3.80 -12.41
C GLY B 37 4.84 -4.89 -12.45
N LEU B 38 4.86 -5.75 -11.43
CA LEU B 38 5.88 -6.80 -11.34
C LEU B 38 5.32 -8.16 -11.07
N ALA B 39 5.91 -9.18 -11.73
CA ALA B 39 5.53 -10.58 -11.60
C ALA B 39 6.04 -11.18 -10.30
N HIS B 40 7.21 -10.73 -9.84
CA HIS B 40 7.85 -11.27 -8.65
C HIS B 40 8.20 -10.18 -7.63
N PRO B 41 7.22 -9.57 -6.92
CA PRO B 41 7.56 -8.51 -5.95
C PRO B 41 8.09 -9.04 -4.61
N TRP B 42 9.25 -9.68 -4.64
CA TRP B 42 9.90 -10.23 -3.45
C TRP B 42 11.36 -10.42 -3.77
N GLY B 43 12.19 -10.54 -2.73
CA GLY B 43 13.62 -10.72 -2.91
C GLY B 43 14.44 -9.84 -2.00
N VAL B 44 15.73 -9.73 -2.30
CA VAL B 44 16.70 -9.01 -1.48
C VAL B 44 16.89 -7.56 -1.91
N VAL B 45 16.85 -6.66 -0.92
CA VAL B 45 17.14 -5.25 -1.06
C VAL B 45 18.62 -5.09 -0.63
N ALA B 46 18.97 -5.68 0.53
CA ALA B 46 20.33 -5.67 1.09
C ALA B 46 20.57 -6.94 1.91
N ALA B 47 21.73 -7.58 1.69
CA ALA B 47 22.16 -8.78 2.39
C ALA B 47 23.67 -8.65 2.64
N GLU B 48 24.02 -7.96 3.72
CA GLU B 48 25.41 -7.69 4.10
C GLU B 48 25.86 -8.54 5.30
N PHE B 49 27.10 -9.02 5.23
CA PHE B 49 27.65 -9.93 6.23
C PHE B 49 29.00 -9.51 6.80
N ASP B 50 29.31 -10.06 7.97
CA ASP B 50 30.60 -9.87 8.63
C ASP B 50 31.41 -11.13 8.33
N ASP B 51 32.56 -10.97 7.66
CA ASP B 51 33.42 -12.06 7.23
C ASP B 51 34.51 -12.42 8.25
N SER B 52 34.73 -11.57 9.26
CA SER B 52 35.75 -11.70 10.29
C SER B 52 35.79 -13.05 11.02
N LEU B 53 34.62 -13.66 11.29
CA LEU B 53 34.55 -14.96 11.99
C LEU B 53 34.46 -16.17 11.04
N LEU B 54 34.60 -15.97 9.71
CA LEU B 54 34.59 -17.06 8.74
C LEU B 54 35.74 -18.08 8.98
N PRO B 55 37.01 -17.67 9.34
CA PRO B 55 38.03 -18.71 9.65
C PRO B 55 37.65 -19.59 10.85
N LEU B 56 36.75 -19.10 11.73
CA LEU B 56 36.25 -19.84 12.90
C LEU B 56 34.90 -20.52 12.59
N SER B 57 34.56 -20.64 11.28
CA SER B 57 33.33 -21.26 10.72
C SER B 57 32.02 -20.65 11.28
N ARG B 58 32.01 -19.31 11.42
CA ARG B 58 30.85 -18.56 11.91
C ARG B 58 30.49 -17.46 10.92
N LEU B 59 29.20 -17.32 10.59
CA LEU B 59 28.72 -16.28 9.69
C LEU B 59 27.67 -15.44 10.37
N ASN B 60 27.90 -14.11 10.39
CA ASN B 60 26.99 -13.14 10.98
C ASN B 60 26.56 -12.14 9.94
N ALA B 61 25.27 -11.78 9.97
CA ALA B 61 24.71 -10.76 9.10
C ALA B 61 24.86 -9.43 9.79
N THR B 62 25.05 -8.36 9.01
CA THR B 62 25.19 -7.00 9.52
C THR B 62 23.97 -6.17 9.13
N ARG B 63 23.43 -6.43 7.92
CA ARG B 63 22.26 -5.72 7.39
C ARG B 63 21.47 -6.64 6.46
N LEU B 64 20.17 -6.83 6.78
CA LEU B 64 19.26 -7.64 5.98
C LEU B 64 17.96 -6.90 5.74
N ILE B 65 17.66 -6.63 4.46
CA ILE B 65 16.42 -6.02 3.99
C ILE B 65 15.93 -6.97 2.90
N VAL B 66 14.93 -7.79 3.25
CA VAL B 66 14.40 -8.85 2.39
C VAL B 66 12.87 -8.85 2.42
N ARG B 67 12.25 -8.94 1.24
CA ARG B 67 10.80 -9.06 1.12
C ARG B 67 10.50 -10.51 0.76
N PHE B 68 9.61 -11.12 1.55
CA PHE B 68 9.19 -12.49 1.35
C PHE B 68 7.96 -12.57 0.41
N PRO B 69 7.72 -13.71 -0.28
CA PRO B 69 6.59 -13.78 -1.24
C PRO B 69 5.18 -13.57 -0.66
N ASP B 70 5.04 -13.59 0.67
CA ASP B 70 3.74 -13.35 1.32
C ASP B 70 3.49 -11.85 1.55
N GLY B 71 4.39 -11.00 1.06
CA GLY B 71 4.29 -9.55 1.21
C GLY B 71 4.98 -8.97 2.43
N THR B 72 5.57 -9.85 3.29
CA THR B 72 6.26 -9.41 4.50
C THR B 72 7.65 -8.88 4.20
N LEU B 73 7.87 -7.62 4.57
CA LEU B 73 9.16 -6.99 4.41
C LEU B 73 9.89 -7.04 5.76
N ILE B 74 11.11 -7.58 5.74
CA ILE B 74 11.98 -7.64 6.92
C ILE B 74 13.07 -6.59 6.71
N ASP B 75 13.41 -5.85 7.76
CA ASP B 75 14.40 -4.77 7.70
C ASP B 75 15.10 -4.67 9.04
N THR B 76 16.33 -5.21 9.12
CA THR B 76 17.11 -5.21 10.36
C THR B 76 17.63 -3.80 10.72
N GLU B 77 17.74 -2.90 9.73
CA GLU B 77 18.16 -1.51 9.91
C GLU B 77 17.04 -0.69 10.57
N ARG B 78 15.76 -1.09 10.37
CA ARG B 78 14.63 -0.32 10.88
C ARG B 78 13.72 -1.01 11.89
N ALA B 79 13.24 -2.24 11.60
CA ALA B 79 12.22 -2.90 12.41
C ALA B 79 12.58 -4.25 13.05
N ASP B 80 13.55 -4.96 12.49
CA ASP B 80 13.87 -6.28 12.98
C ASP B 80 15.26 -6.40 13.60
N ASN B 81 15.46 -7.42 14.43
CA ASN B 81 16.75 -7.73 15.03
C ASN B 81 17.47 -8.63 14.02
N LEU B 82 18.81 -8.59 14.06
CA LEU B 82 19.61 -9.44 13.19
C LEU B 82 19.40 -10.90 13.61
N PRO B 83 19.42 -11.87 12.68
CA PRO B 83 19.25 -13.28 13.09
C PRO B 83 20.46 -13.75 13.90
N PRO B 84 20.36 -14.84 14.71
CA PRO B 84 21.55 -15.33 15.42
C PRO B 84 22.63 -15.79 14.45
N VAL B 85 23.88 -15.94 14.94
CA VAL B 85 25.04 -16.39 14.16
C VAL B 85 24.76 -17.76 13.49
N CYS B 86 25.23 -17.93 12.26
CA CYS B 86 25.08 -19.17 11.52
C CYS B 86 26.34 -20.03 11.79
N ASP B 87 26.16 -21.19 12.46
CA ASP B 87 27.25 -22.12 12.76
C ASP B 87 27.47 -23.08 11.57
N LEU B 88 28.68 -23.04 10.99
CA LEU B 88 29.04 -23.84 9.82
C LEU B 88 29.76 -25.16 10.16
N SER B 89 29.72 -25.59 11.43
CA SER B 89 30.36 -26.82 11.91
C SER B 89 29.76 -28.09 11.27
N THR B 90 28.46 -28.03 10.92
CA THR B 90 27.73 -29.14 10.30
C THR B 90 28.04 -29.35 8.81
N VAL B 91 28.76 -28.41 8.17
CA VAL B 91 29.07 -28.49 6.75
C VAL B 91 30.60 -28.56 6.48
N SER B 92 31.35 -29.11 7.44
CA SER B 92 32.81 -29.30 7.33
C SER B 92 33.19 -30.24 6.16
N ASP B 93 32.25 -31.10 5.74
CA ASP B 93 32.39 -32.05 4.62
C ASP B 93 32.03 -31.42 3.26
N ARG B 94 31.50 -30.20 3.25
CA ARG B 94 31.07 -29.50 2.04
C ARG B 94 32.08 -28.47 1.53
N SER B 95 32.08 -28.26 0.21
CA SER B 95 32.94 -27.29 -0.49
C SER B 95 32.14 -26.00 -0.78
N LEU B 96 30.80 -26.13 -0.78
CA LEU B 96 29.84 -25.08 -1.13
C LEU B 96 28.64 -25.15 -0.21
N VAL B 97 28.13 -23.99 0.20
CA VAL B 97 26.94 -23.94 1.06
C VAL B 97 26.09 -22.70 0.73
N ASP B 98 24.78 -22.93 0.46
CA ASP B 98 23.83 -21.89 0.12
C ASP B 98 23.12 -21.42 1.38
N ILE B 99 23.30 -20.15 1.74
CA ILE B 99 22.69 -19.56 2.94
C ILE B 99 21.41 -18.86 2.61
N VAL B 100 20.34 -19.26 3.32
CA VAL B 100 19.02 -18.67 3.13
C VAL B 100 18.57 -17.95 4.39
N LEU B 101 17.82 -16.86 4.22
CA LEU B 101 17.21 -16.16 5.35
C LEU B 101 15.85 -16.82 5.50
N ALA B 102 15.55 -17.32 6.69
CA ALA B 102 14.31 -18.05 6.94
C ALA B 102 13.35 -17.34 7.86
N LEU B 103 12.11 -17.17 7.39
CA LEU B 103 11.02 -16.55 8.14
C LEU B 103 9.94 -17.61 8.33
N PRO B 104 9.65 -18.06 9.57
CA PRO B 104 8.62 -19.11 9.74
C PRO B 104 7.29 -18.74 9.14
N LEU B 105 6.55 -19.73 8.64
CA LEU B 105 5.23 -19.52 8.04
C LEU B 105 4.29 -18.90 9.06
N LEU B 106 3.40 -18.02 8.62
CA LEU B 106 2.39 -17.49 9.50
C LEU B 106 1.31 -18.56 9.56
N ASN B 107 0.90 -18.94 10.78
CA ASN B 107 -0.14 -19.93 10.97
C ASN B 107 -1.46 -19.21 11.14
N ALA B 108 -2.38 -19.39 10.17
CA ALA B 108 -3.72 -18.80 10.19
C ALA B 108 -4.55 -19.30 11.39
N ASN B 109 -4.14 -20.41 12.02
CA ASN B 109 -4.83 -20.97 13.17
C ASN B 109 -4.18 -20.56 14.52
N GLY B 110 -3.32 -19.55 14.48
CA GLY B 110 -2.70 -18.99 15.67
C GLY B 110 -1.36 -19.58 16.08
N GLY B 111 -0.98 -19.29 17.33
CA GLY B 111 0.27 -19.73 17.91
C GLY B 111 1.49 -19.22 17.16
N ASN B 112 1.48 -17.94 16.73
CA ASN B 112 2.61 -17.38 15.99
C ASN B 112 3.68 -16.77 16.90
N LEU B 113 3.35 -16.57 18.18
CA LEU B 113 4.27 -15.99 19.16
C LEU B 113 5.14 -17.08 19.78
N ASP B 114 6.46 -16.95 19.64
CA ASP B 114 7.45 -17.85 20.21
C ASP B 114 7.60 -17.44 21.66
N ASN B 115 6.78 -18.06 22.53
CA ASN B 115 6.74 -17.77 23.96
C ASN B 115 7.56 -18.77 24.81
N GLY B 116 8.32 -19.65 24.14
CA GLY B 116 9.14 -20.64 24.82
C GLY B 116 8.45 -21.97 25.06
N SER B 117 7.13 -22.06 24.79
CA SER B 117 6.38 -23.31 24.93
C SER B 117 6.73 -24.26 23.77
N GLU B 118 6.47 -25.57 23.95
CA GLU B 118 6.79 -26.56 22.93
C GLU B 118 5.88 -26.51 21.70
N SER B 119 6.48 -26.70 20.52
CA SER B 119 5.81 -26.67 19.21
C SER B 119 6.54 -27.59 18.23
N GLU B 120 5.79 -28.20 17.29
CA GLU B 120 6.31 -29.07 16.25
C GLU B 120 6.86 -28.26 15.06
N ARG B 121 6.71 -26.94 15.12
CA ARG B 121 7.11 -26.03 14.05
C ARG B 121 7.68 -24.72 14.60
N PRO B 122 8.54 -24.01 13.81
CA PRO B 122 9.05 -22.71 14.27
C PRO B 122 7.95 -21.65 14.24
N ARG B 123 7.95 -20.74 15.23
CA ARG B 123 7.00 -19.65 15.36
C ARG B 123 7.60 -18.39 14.78
N ARG B 124 6.80 -17.65 14.01
CA ARG B 124 7.16 -16.44 13.26
C ARG B 124 7.51 -15.21 14.11
N TRP B 125 6.78 -15.00 15.21
CA TRP B 125 6.93 -13.82 16.02
C TRP B 125 7.66 -14.02 17.32
N LYS B 126 8.42 -13.00 17.71
CA LYS B 126 9.11 -12.86 18.98
C LYS B 126 8.67 -11.51 19.53
N SER B 127 8.48 -11.44 20.86
CA SER B 127 8.08 -10.21 21.53
C SER B 127 9.25 -9.65 22.31
N GLU B 128 9.56 -8.38 22.06
CA GLU B 128 10.61 -7.65 22.75
C GLU B 128 10.02 -6.38 23.37
N ARG B 129 10.22 -6.17 24.69
CA ARG B 129 9.75 -4.96 25.37
C ARG B 129 10.78 -3.84 25.11
N VAL B 130 10.36 -2.80 24.36
CA VAL B 130 11.20 -1.67 23.96
C VAL B 130 10.59 -0.37 24.48
N ASN B 131 11.43 0.50 25.07
CA ASN B 131 11.01 1.80 25.57
C ASN B 131 10.89 2.69 24.32
N VAL B 132 9.68 2.74 23.76
CA VAL B 132 9.38 3.45 22.52
C VAL B 132 8.96 4.89 22.77
N GLN B 133 9.59 5.81 22.01
CA GLN B 133 9.34 7.23 22.06
C GLN B 133 7.95 7.57 21.52
N GLU B 134 7.17 8.35 22.31
CA GLU B 134 5.88 8.86 21.90
C GLU B 134 6.27 10.08 21.04
N LEU B 135 5.90 10.05 19.75
CA LEU B 135 6.34 11.05 18.78
C LEU B 135 5.71 12.43 18.89
N ALA B 136 4.48 12.57 19.43
CA ALA B 136 3.89 13.91 19.55
C ALA B 136 4.53 14.69 20.71
N GLY B 137 4.64 14.04 21.88
CA GLY B 137 5.22 14.61 23.09
C GLY B 137 6.66 14.20 23.35
N HIS B 138 7.02 14.09 24.64
CA HIS B 138 8.40 13.80 25.05
C HIS B 138 8.56 12.51 25.86
N GLU B 139 7.45 11.85 26.21
CA GLU B 139 7.48 10.60 27.00
C GLU B 139 7.85 9.36 26.18
N GLN B 140 8.32 8.33 26.88
CA GLN B 140 8.65 7.02 26.34
C GLN B 140 7.90 6.00 27.20
N SER B 141 7.49 4.89 26.59
CA SER B 141 6.82 3.81 27.30
C SER B 141 7.27 2.48 26.75
N GLU B 142 7.36 1.47 27.63
CA GLU B 142 7.75 0.11 27.29
C GLU B 142 6.56 -0.53 26.55
N VAL B 143 6.80 -0.90 25.29
CA VAL B 143 5.81 -1.48 24.37
C VAL B 143 6.33 -2.82 23.87
N ALA B 144 5.43 -3.82 23.72
CA ALA B 144 5.75 -5.14 23.17
C ALA B 144 5.89 -4.94 21.66
N VAL B 145 7.12 -5.06 21.14
CA VAL B 145 7.39 -4.85 19.72
C VAL B 145 7.55 -6.20 19.04
N LEU B 146 6.93 -6.31 17.85
CA LEU B 146 6.97 -7.50 17.03
C LEU B 146 8.36 -7.62 16.40
N ARG B 147 9.01 -8.76 16.67
CA ARG B 147 10.32 -9.11 16.15
C ARG B 147 10.17 -10.38 15.35
N HIS B 148 10.54 -10.35 14.06
CA HIS B 148 10.43 -11.56 13.26
C HIS B 148 11.49 -12.56 13.65
N ASN B 149 11.07 -13.79 13.95
CA ASN B 149 11.96 -14.87 14.38
C ASN B 149 12.77 -15.40 13.18
N LEU B 150 13.72 -14.58 12.73
CA LEU B 150 14.59 -14.87 11.59
C LEU B 150 15.79 -15.70 11.97
N THR B 151 16.16 -16.64 11.10
CA THR B 151 17.35 -17.46 11.25
C THR B 151 18.02 -17.60 9.90
N LEU B 152 19.35 -17.81 9.92
CA LEU B 152 20.12 -18.09 8.72
C LEU B 152 20.19 -19.61 8.63
N ARG B 153 19.54 -20.17 7.62
CA ARG B 153 19.52 -21.62 7.40
C ARG B 153 20.28 -21.93 6.11
N MET B 154 20.37 -23.20 5.75
CA MET B 154 21.05 -23.63 4.55
C MET B 154 20.05 -24.30 3.61
N ALA B 155 20.20 -24.06 2.29
CA ALA B 155 19.27 -24.58 1.27
C ALA B 155 19.13 -26.09 1.23
N HIS B 156 20.14 -26.85 1.70
CA HIS B 156 20.08 -28.31 1.70
C HIS B 156 19.26 -28.85 2.87
N GLN B 157 18.92 -27.99 3.85
CA GLN B 157 18.12 -28.36 5.02
C GLN B 157 16.63 -28.40 4.67
N GLU B 158 15.81 -29.02 5.53
CA GLU B 158 14.36 -29.11 5.37
C GLU B 158 13.78 -27.78 5.83
N ASN B 159 13.30 -26.99 4.85
CA ASN B 159 12.85 -25.61 5.07
C ASN B 159 11.39 -25.31 4.74
N ALA B 160 10.55 -26.34 4.56
CA ALA B 160 9.12 -26.19 4.24
C ALA B 160 8.32 -25.39 5.29
N ALA B 161 8.74 -25.45 6.56
CA ALA B 161 8.10 -24.72 7.67
C ALA B 161 8.42 -23.22 7.65
N TRP B 162 9.31 -22.79 6.75
CA TRP B 162 9.73 -21.41 6.61
C TRP B 162 9.54 -20.90 5.19
N LEU B 163 9.51 -19.59 5.06
CA LEU B 163 9.57 -18.90 3.78
C LEU B 163 11.06 -18.60 3.73
N THR B 164 11.71 -18.98 2.64
CA THR B 164 13.16 -18.81 2.53
C THR B 164 13.55 -17.89 1.38
N CYS B 165 14.69 -17.22 1.51
CA CYS B 165 15.23 -16.39 0.45
C CYS B 165 16.75 -16.51 0.42
N PRO B 166 17.35 -16.94 -0.70
CA PRO B 166 18.82 -17.02 -0.78
C PRO B 166 19.44 -15.67 -0.43
N VAL B 167 20.47 -15.69 0.42
CA VAL B 167 21.03 -14.46 0.96
C VAL B 167 22.58 -14.37 0.76
N THR B 168 23.27 -15.54 0.66
CA THR B 168 24.68 -15.72 0.32
C THR B 168 24.95 -17.15 -0.03
N ARG B 169 26.17 -17.37 -0.55
CA ARG B 169 26.74 -18.66 -0.84
C ARG B 169 28.17 -18.60 -0.37
N LEU B 170 28.60 -19.61 0.35
CA LEU B 170 29.97 -19.68 0.81
C LEU B 170 30.69 -20.78 0.06
N VAL B 171 31.93 -20.52 -0.33
CA VAL B 171 32.82 -21.44 -1.04
C VAL B 171 34.14 -21.47 -0.27
N ARG B 172 34.83 -22.62 -0.30
CA ARG B 172 36.13 -22.71 0.36
C ARG B 172 37.22 -22.20 -0.58
N ASP B 173 38.21 -21.49 -0.03
CA ASP B 173 39.35 -21.00 -0.81
C ASP B 173 40.39 -22.13 -1.02
N ALA B 174 41.60 -21.80 -1.52
CA ALA B 174 42.67 -22.77 -1.78
C ALA B 174 43.14 -23.46 -0.49
N GLN B 175 43.06 -22.74 0.64
CA GLN B 175 43.45 -23.20 1.99
C GLN B 175 42.31 -23.95 2.70
N GLY B 176 41.10 -23.90 2.13
CA GLY B 176 39.93 -24.55 2.69
C GLY B 176 39.16 -23.69 3.67
N GLN B 177 39.42 -22.38 3.64
CA GLN B 177 38.75 -21.42 4.50
C GLN B 177 37.48 -20.90 3.81
N TRP B 178 36.37 -20.85 4.56
CA TRP B 178 35.10 -20.37 4.04
C TRP B 178 35.17 -18.88 3.69
N CYS B 179 34.62 -18.51 2.52
CA CYS B 179 34.54 -17.13 2.04
C CYS B 179 33.30 -16.96 1.17
N ARG B 180 32.72 -15.75 1.18
CA ARG B 180 31.52 -15.44 0.41
C ARG B 180 31.85 -15.48 -1.07
N ASP B 181 31.05 -16.24 -1.85
CA ASP B 181 31.23 -16.43 -3.27
C ASP B 181 30.83 -15.14 -4.02
N PRO B 182 31.78 -14.46 -4.73
CA PRO B 182 31.41 -13.23 -5.44
C PRO B 182 30.44 -13.46 -6.62
N ARG B 183 30.40 -14.68 -7.17
CA ARG B 183 29.49 -15.05 -8.27
C ARG B 183 28.02 -15.18 -7.83
N PHE B 184 27.77 -15.25 -6.50
CA PHE B 184 26.42 -15.38 -5.98
C PHE B 184 25.55 -14.16 -6.25
N ILE B 185 24.32 -14.41 -6.69
CA ILE B 185 23.30 -13.40 -6.89
C ILE B 185 22.00 -13.88 -6.25
N PRO B 186 21.45 -13.13 -5.26
CA PRO B 186 20.18 -13.56 -4.64
C PRO B 186 18.98 -13.16 -5.50
N PRO B 187 17.73 -13.67 -5.30
CA PRO B 187 16.57 -13.10 -6.02
C PRO B 187 16.57 -11.60 -5.68
N LEU B 188 16.53 -10.75 -6.71
CA LEU B 188 16.68 -9.31 -6.52
C LEU B 188 15.40 -8.50 -6.49
N LEU B 189 15.37 -7.49 -5.61
CA LEU B 189 14.31 -6.48 -5.53
C LEU B 189 14.93 -5.17 -6.00
N THR B 190 16.27 -5.11 -5.96
CA THR B 190 17.10 -3.99 -6.40
C THR B 190 18.38 -4.56 -7.01
N LEU B 191 18.97 -3.88 -8.00
CA LEU B 191 20.20 -4.33 -8.66
C LEU B 191 21.39 -4.16 -7.70
N SER B 192 21.37 -3.11 -6.86
CA SER B 192 22.41 -2.77 -5.89
C SER B 192 22.67 -3.86 -4.84
N ALA B 193 21.70 -4.78 -4.64
CA ALA B 193 21.81 -5.90 -3.71
C ALA B 193 22.98 -6.83 -4.09
N SER B 194 23.40 -6.80 -5.38
CA SER B 194 24.52 -7.59 -5.90
C SER B 194 25.64 -6.69 -6.47
N PRO B 195 26.71 -6.46 -5.68
CA PRO B 195 27.84 -5.63 -6.18
C PRO B 195 28.57 -6.23 -7.37
N SER B 196 28.64 -7.58 -7.47
CA SER B 196 29.30 -8.23 -8.60
C SER B 196 28.51 -8.10 -9.89
N LEU B 197 27.16 -8.18 -9.80
CA LEU B 197 26.28 -7.98 -10.96
C LEU B 197 26.43 -6.53 -11.44
N MET B 198 26.46 -5.59 -10.49
CA MET B 198 26.66 -4.16 -10.76
C MET B 198 27.95 -3.91 -11.55
N THR B 199 29.07 -4.56 -11.14
CA THR B 199 30.38 -4.50 -11.81
C THR B 199 30.28 -5.03 -13.25
N GLU B 200 29.60 -6.18 -13.41
CA GLU B 200 29.38 -6.81 -14.72
C GLU B 200 28.48 -5.96 -15.64
N LEU B 201 27.45 -5.32 -15.07
CA LEU B 201 26.50 -4.43 -15.75
C LEU B 201 27.21 -3.16 -16.24
N LEU B 202 28.11 -2.58 -15.42
CA LEU B 202 28.92 -1.39 -15.74
C LEU B 202 29.93 -1.72 -16.85
N GLU B 203 30.44 -2.96 -16.84
CA GLU B 203 31.37 -3.47 -17.86
C GLU B 203 30.67 -3.59 -19.21
N LEU B 204 29.43 -4.13 -19.23
CA LEU B 204 28.63 -4.26 -20.43
C LEU B 204 28.33 -2.89 -21.04
N LEU B 205 27.90 -1.91 -20.22
CA LEU B 205 27.58 -0.56 -20.65
C LEU B 205 28.80 0.10 -21.31
N HIS B 206 29.98 -0.02 -20.66
CA HIS B 206 31.24 0.49 -21.16
C HIS B 206 31.61 -0.18 -22.51
N HIS B 207 31.38 -1.51 -22.62
CA HIS B 207 31.64 -2.28 -23.83
C HIS B 207 30.71 -1.83 -24.96
N LEU B 208 29.42 -1.60 -24.64
CA LEU B 208 28.40 -1.12 -25.56
C LEU B 208 28.79 0.26 -26.09
N GLN B 209 29.21 1.17 -25.19
CA GLN B 209 29.62 2.54 -25.50
C GLN B 209 30.82 2.57 -26.45
N ALA B 210 31.83 1.73 -26.18
CA ALA B 210 33.05 1.62 -27.00
C ALA B 210 32.71 1.09 -28.39
N ARG B 211 31.85 0.06 -28.46
CA ARG B 211 31.41 -0.57 -29.69
C ARG B 211 30.57 0.38 -30.54
N ARG B 212 29.63 1.12 -29.91
CA ARG B 212 28.81 2.04 -30.66
C ARG B 212 29.58 3.27 -31.13
N GLN B 213 30.59 3.74 -30.35
CA GLN B 213 31.42 4.88 -30.76
C GLN B 213 32.30 4.51 -31.95
N ARG B 214 32.77 3.25 -32.01
CA ARG B 214 33.59 2.72 -33.10
C ARG B 214 32.73 2.56 -34.34
N LEU B 215 31.50 2.04 -34.17
CA LEU B 215 30.53 1.84 -35.26
C LEU B 215 30.00 3.18 -35.82
N MET B 216 29.83 4.21 -34.95
CA MET B 216 29.37 5.54 -35.36
C MET B 216 30.42 6.27 -36.22
N SER B 217 31.71 5.96 -36.02
CA SER B 217 32.77 6.58 -36.81
C SER B 217 32.90 5.91 -38.19
N MET B 218 32.29 4.72 -38.35
CA MET B 218 32.32 3.93 -39.58
C MET B 218 31.23 4.28 -40.62
N ARG B 219 30.34 5.26 -40.34
CA ARG B 219 29.33 5.63 -41.32
C ARG B 219 29.93 6.62 -42.31
N ARG B 220 29.60 6.46 -43.60
CA ARG B 220 30.04 7.37 -44.64
C ARG B 220 29.11 8.58 -44.58
N GLU B 221 29.66 9.78 -44.79
CA GLU B 221 28.87 11.00 -44.74
C GLU B 221 28.14 11.22 -46.06
N ASN B 222 26.78 11.29 -46.01
CA ASN B 222 25.94 11.57 -47.18
C ASN B 222 26.26 13.01 -47.58
N ASN B 223 26.25 13.90 -46.57
CA ASN B 223 26.63 15.31 -46.64
C ASN B 223 27.38 15.64 -45.35
N ALA B 224 27.52 16.93 -45.02
CA ALA B 224 28.23 17.40 -43.82
C ALA B 224 27.54 17.01 -42.50
N ARG B 225 26.21 16.86 -42.52
CA ARG B 225 25.40 16.62 -41.33
C ARG B 225 24.61 15.29 -41.28
N LEU B 226 24.35 14.65 -42.44
CA LEU B 226 23.59 13.40 -42.53
C LEU B 226 24.43 12.19 -42.91
N ALA B 227 24.06 11.02 -42.33
CA ALA B 227 24.71 9.74 -42.57
C ALA B 227 24.16 9.09 -43.82
N ASP B 228 25.01 8.38 -44.57
CA ASP B 228 24.64 7.68 -45.80
C ASP B 228 24.38 6.22 -45.52
N PHE B 229 23.18 5.74 -45.86
CA PHE B 229 22.80 4.34 -45.68
C PHE B 229 22.30 3.72 -46.97
N ALA B 230 23.04 2.72 -47.45
CA ALA B 230 22.82 1.93 -48.67
C ALA B 230 22.49 0.45 -48.33
N VAL B 231 22.36 -0.42 -49.35
CA VAL B 231 22.08 -1.85 -49.18
C VAL B 231 23.22 -2.59 -48.44
N ALA B 232 24.48 -2.14 -48.65
CA ALA B 232 25.68 -2.71 -48.02
C ALA B 232 25.72 -2.45 -46.50
N ASP B 233 25.08 -1.36 -46.04
CA ASP B 233 25.04 -0.96 -44.63
C ASP B 233 23.85 -1.55 -43.84
N VAL B 234 23.19 -2.62 -44.37
CA VAL B 234 22.07 -3.28 -43.69
C VAL B 234 22.49 -3.73 -42.26
N SER B 235 23.70 -4.30 -42.12
CA SER B 235 24.26 -4.71 -40.83
C SER B 235 24.68 -3.51 -39.98
N LEU B 236 25.33 -2.49 -40.60
CA LEU B 236 25.81 -1.27 -39.93
C LEU B 236 24.68 -0.43 -39.32
N PHE B 237 23.59 -0.18 -40.07
CA PHE B 237 22.47 0.59 -39.55
C PHE B 237 21.78 -0.10 -38.39
N TRP B 238 21.29 -1.35 -38.59
CA TRP B 238 20.54 -2.07 -37.55
C TRP B 238 21.36 -2.33 -36.30
N LEU B 239 22.69 -2.40 -36.43
CA LEU B 239 23.59 -2.56 -35.29
C LEU B 239 23.59 -1.25 -34.51
N LEU B 240 23.78 -0.13 -35.24
CA LEU B 240 23.80 1.20 -34.66
C LEU B 240 22.47 1.55 -34.05
N ASN B 241 21.37 1.20 -34.72
CA ASN B 241 20.01 1.44 -34.25
C ASN B 241 19.79 0.73 -32.92
N ALA B 242 20.23 -0.53 -32.82
CA ALA B 242 20.13 -1.35 -31.62
C ALA B 242 20.95 -0.76 -30.46
N LEU B 243 22.19 -0.35 -30.71
CA LEU B 243 23.06 0.20 -29.66
C LEU B 243 22.65 1.60 -29.23
N ASN B 244 22.32 2.47 -30.18
CA ASN B 244 21.88 3.84 -29.91
C ASN B 244 20.55 3.90 -29.16
N SER B 245 19.63 2.97 -29.44
CA SER B 245 18.32 2.93 -28.78
C SER B 245 18.41 2.44 -27.35
N ALA B 246 19.26 1.41 -27.12
CA ALA B 246 19.42 0.77 -25.81
C ALA B 246 20.30 1.51 -24.82
N GLU B 247 21.47 2.02 -25.25
CA GLU B 247 22.44 2.70 -24.39
C GLU B 247 21.81 3.77 -23.43
N PRO B 248 21.02 4.81 -23.85
CA PRO B 248 20.49 5.76 -22.84
C PRO B 248 19.50 5.14 -21.85
N VAL B 249 18.77 4.10 -22.28
CA VAL B 249 17.81 3.36 -21.46
C VAL B 249 18.57 2.55 -20.39
N LEU B 250 19.60 1.80 -20.80
CA LEU B 250 20.42 1.01 -19.90
C LEU B 250 21.22 1.89 -18.95
N LYS B 251 21.71 3.06 -19.45
CA LYS B 251 22.44 4.02 -18.64
C LYS B 251 21.59 4.53 -17.49
N GLU B 252 20.33 4.93 -17.75
CA GLU B 252 19.47 5.45 -16.68
C GLU B 252 19.05 4.32 -15.68
N LEU B 253 18.94 3.07 -16.13
CA LEU B 253 18.63 1.96 -15.23
C LEU B 253 19.81 1.64 -14.31
N LEU B 254 21.04 1.81 -14.82
CA LEU B 254 22.27 1.53 -14.10
C LEU B 254 22.75 2.67 -13.22
N ASP B 255 22.51 3.95 -13.61
CA ASP B 255 22.90 5.14 -12.83
C ASP B 255 22.18 5.21 -11.50
N MET B 256 20.91 4.75 -11.46
CA MET B 256 20.08 4.66 -10.23
C MET B 256 19.63 3.19 -10.17
N PRO B 257 20.52 2.28 -9.74
CA PRO B 257 20.20 0.85 -9.81
C PRO B 257 19.45 0.31 -8.61
N TYR B 258 18.32 0.95 -8.27
CA TYR B 258 17.54 0.60 -7.10
C TYR B 258 16.17 0.01 -7.42
N ARG B 259 15.93 -0.32 -8.70
CA ARG B 259 14.66 -0.90 -9.17
C ARG B 259 14.78 -2.41 -9.40
N HIS B 260 13.62 -3.06 -9.53
CA HIS B 260 13.45 -4.50 -9.76
C HIS B 260 14.17 -4.98 -11.03
N PRO B 261 14.81 -6.17 -11.00
CA PRO B 261 15.54 -6.67 -12.19
C PRO B 261 14.68 -6.98 -13.43
N GLU B 262 13.34 -7.10 -13.29
CA GLU B 262 12.43 -7.36 -14.41
C GLU B 262 12.53 -6.23 -15.45
N LEU B 263 12.67 -4.97 -14.97
CA LEU B 263 12.83 -3.75 -15.79
C LEU B 263 14.11 -3.87 -16.62
N LEU B 264 15.23 -4.24 -15.97
CA LEU B 264 16.54 -4.40 -16.60
C LEU B 264 16.52 -5.57 -17.59
N TYR B 265 16.00 -6.73 -17.14
CA TYR B 265 15.91 -7.94 -17.97
C TYR B 265 15.23 -7.63 -19.30
N ARG B 266 14.05 -6.97 -19.25
CA ARG B 266 13.25 -6.59 -20.41
C ARG B 266 14.09 -5.85 -21.47
N GLU B 267 14.90 -4.88 -21.03
CA GLU B 267 15.75 -4.07 -21.89
C GLU B 267 16.98 -4.81 -22.41
N LEU B 268 17.57 -5.66 -21.54
CA LEU B 268 18.72 -6.48 -21.86
C LEU B 268 18.33 -7.55 -22.92
N ALA B 269 17.14 -8.18 -22.75
CA ALA B 269 16.58 -9.20 -23.65
C ALA B 269 16.23 -8.60 -25.01
N ARG B 270 15.68 -7.36 -25.00
CA ARG B 270 15.32 -6.60 -26.19
C ARG B 270 16.57 -6.35 -27.04
N LEU B 271 17.66 -5.88 -26.37
CA LEU B 271 18.95 -5.60 -26.99
C LEU B 271 19.59 -6.88 -27.53
N ALA B 272 19.59 -7.97 -26.72
CA ALA B 272 20.14 -9.26 -27.12
C ALA B 272 19.43 -9.77 -28.38
N GLY B 273 18.09 -9.71 -28.38
CA GLY B 273 17.25 -10.12 -29.50
C GLY B 273 17.60 -9.39 -30.78
N SER B 274 17.74 -8.06 -30.69
CA SER B 274 18.11 -7.18 -31.79
C SER B 274 19.49 -7.55 -32.37
N LEU B 275 20.46 -7.90 -31.53
CA LEU B 275 21.81 -8.26 -31.96
C LEU B 275 21.87 -9.67 -32.58
N LEU B 276 20.97 -10.60 -32.17
CA LEU B 276 20.93 -11.97 -32.66
C LEU B 276 20.59 -12.11 -34.15
N THR B 277 19.99 -11.06 -34.74
CA THR B 277 19.61 -11.01 -36.15
C THR B 277 20.83 -11.17 -37.11
N PHE B 278 22.04 -10.75 -36.66
CA PHE B 278 23.27 -10.81 -37.45
C PHE B 278 24.25 -11.91 -37.06
N SER B 279 23.85 -12.78 -36.13
CA SER B 279 24.67 -13.91 -35.69
C SER B 279 24.13 -15.23 -36.22
N LEU B 280 25.04 -16.12 -36.63
CA LEU B 280 24.71 -17.46 -37.14
C LEU B 280 25.12 -18.55 -36.14
N GLU B 281 25.91 -18.19 -35.11
CA GLU B 281 26.37 -19.13 -34.10
C GLU B 281 25.37 -19.35 -32.93
N HIS B 282 24.21 -18.65 -32.94
CA HIS B 282 23.22 -18.79 -31.87
C HIS B 282 21.82 -19.15 -32.34
N ASN B 283 21.01 -19.72 -31.45
CA ASN B 283 19.59 -19.95 -31.71
C ASN B 283 18.92 -18.65 -31.21
N VAL B 284 17.60 -18.54 -31.24
CA VAL B 284 17.00 -17.34 -30.67
C VAL B 284 16.55 -17.68 -29.27
N ASP B 285 16.57 -19.02 -29.00
CA ASP B 285 16.38 -19.57 -27.67
C ASP B 285 17.62 -19.19 -26.84
N ALA B 286 18.63 -18.51 -27.47
CA ALA B 286 19.86 -18.06 -26.82
C ALA B 286 19.62 -17.09 -25.69
N VAL B 287 18.58 -16.23 -25.81
CA VAL B 287 18.23 -15.26 -24.76
C VAL B 287 17.71 -16.03 -23.55
N PRO B 288 18.43 -15.98 -22.40
CA PRO B 288 17.96 -16.75 -21.23
C PRO B 288 16.60 -16.24 -20.77
N ALA B 289 15.70 -17.16 -20.41
CA ALA B 289 14.38 -16.83 -19.90
C ALA B 289 14.53 -16.22 -18.50
N TYR B 290 13.58 -15.38 -18.09
CA TYR B 290 13.64 -14.79 -16.77
C TYR B 290 13.09 -15.75 -15.73
N HIS B 291 13.92 -16.12 -14.76
CA HIS B 291 13.58 -16.95 -13.60
C HIS B 291 14.04 -16.13 -12.41
N HIS B 292 13.09 -15.69 -11.56
CA HIS B 292 13.39 -14.83 -10.41
C HIS B 292 14.26 -15.44 -9.33
N GLU B 293 14.06 -16.73 -9.03
CA GLU B 293 14.79 -17.43 -7.97
C GLU B 293 16.25 -17.58 -8.23
N THR B 294 16.66 -17.80 -9.49
CA THR B 294 18.08 -17.93 -9.80
C THR B 294 18.55 -16.92 -10.83
N PRO B 295 18.83 -15.66 -10.41
CA PRO B 295 19.33 -14.66 -11.37
C PRO B 295 20.70 -14.99 -11.97
N GLU B 296 21.41 -15.99 -11.40
CA GLU B 296 22.70 -16.47 -11.91
C GLU B 296 22.51 -17.22 -13.22
N ASN B 297 21.32 -17.78 -13.44
CA ASN B 297 20.98 -18.51 -14.65
C ASN B 297 20.27 -17.59 -15.66
N VAL B 298 20.29 -16.27 -15.41
CA VAL B 298 19.69 -15.32 -16.33
C VAL B 298 20.69 -14.18 -16.66
N PHE B 299 21.19 -13.43 -15.67
CA PHE B 299 22.06 -12.29 -15.94
C PHE B 299 23.49 -12.70 -16.40
N PRO B 300 24.31 -13.52 -15.69
CA PRO B 300 25.61 -13.92 -16.27
C PRO B 300 25.51 -14.54 -17.68
N PRO B 301 24.63 -15.52 -18.04
CA PRO B 301 24.60 -16.00 -19.43
C PRO B 301 24.10 -14.96 -20.44
N LEU B 302 23.23 -14.04 -20.01
CA LEU B 302 22.71 -12.96 -20.87
C LEU B 302 23.80 -11.92 -21.14
N LEU B 303 24.62 -11.58 -20.11
CA LEU B 303 25.74 -10.64 -20.25
C LEU B 303 26.85 -11.25 -21.09
N SER B 304 27.04 -12.57 -20.98
CA SER B 304 28.02 -13.36 -21.74
C SER B 304 27.64 -13.35 -23.22
N LEU B 305 26.35 -13.60 -23.53
CA LEU B 305 25.79 -13.59 -24.88
C LEU B 305 25.94 -12.19 -25.51
N LEU B 306 25.61 -11.13 -24.74
CA LEU B 306 25.70 -9.74 -25.17
C LEU B 306 27.13 -9.32 -25.49
N ASN B 307 28.11 -9.65 -24.60
CA ASN B 307 29.52 -9.32 -24.82
C ASN B 307 30.07 -10.02 -26.07
N ARG B 308 29.64 -11.27 -26.32
CA ARG B 308 30.02 -12.05 -27.50
C ARG B 308 29.41 -11.43 -28.78
N LEU B 309 28.14 -10.98 -28.67
CA LEU B 309 27.38 -10.36 -29.75
C LEU B 309 27.94 -8.98 -30.09
N LEU B 310 28.42 -8.24 -29.09
CA LEU B 310 28.98 -6.91 -29.32
C LEU B 310 30.27 -7.03 -30.11
N GLU B 311 31.16 -7.99 -29.73
CA GLU B 311 32.45 -8.27 -30.35
C GLU B 311 32.35 -8.72 -31.82
N ALA B 312 31.47 -9.70 -32.10
CA ALA B 312 31.26 -10.31 -33.41
C ALA B 312 30.39 -9.46 -34.38
N SER B 313 29.86 -8.33 -33.91
CA SER B 313 28.94 -7.46 -34.66
C SER B 313 29.54 -6.70 -35.85
N LEU B 314 30.87 -6.50 -35.90
CA LEU B 314 31.59 -5.73 -36.93
C LEU B 314 31.18 -6.07 -38.40
N PRO B 315 31.12 -7.37 -38.88
CA PRO B 315 30.74 -7.63 -40.28
C PRO B 315 29.61 -6.79 -40.88
N MET C 1 15.95 0.99 16.60
CA MET C 1 16.05 1.63 15.29
C MET C 1 14.80 2.46 14.93
N LYS C 2 14.62 2.78 13.64
CA LYS C 2 13.58 3.65 13.12
C LYS C 2 12.11 3.26 13.42
N ILE C 3 11.61 2.09 12.96
CA ILE C 3 10.18 1.75 13.09
C ILE C 3 9.94 0.47 13.90
N TYR C 4 9.10 0.55 14.95
CA TYR C 4 8.82 -0.56 15.85
C TYR C 4 7.42 -1.13 15.69
N ARG C 5 7.23 -2.10 14.75
CA ARG C 5 5.96 -2.78 14.49
C ARG C 5 5.34 -3.28 15.80
N PRO C 6 4.11 -2.84 16.15
CA PRO C 6 3.53 -3.25 17.44
C PRO C 6 3.00 -4.68 17.48
N LEU C 7 3.12 -5.32 18.64
CA LEU C 7 2.57 -6.65 18.89
C LEU C 7 1.28 -6.38 19.69
N TRP C 8 0.15 -6.84 19.17
CA TRP C 8 -1.15 -6.62 19.80
C TRP C 8 -1.48 -7.79 20.73
N GLU C 9 -1.66 -7.48 22.02
CA GLU C 9 -1.92 -8.49 23.06
C GLU C 9 -3.20 -8.21 23.81
N ASP C 10 -3.90 -9.30 24.24
CA ASP C 10 -5.11 -9.16 25.06
C ASP C 10 -4.61 -8.87 26.45
N GLY C 11 -5.16 -7.85 27.07
CA GLY C 11 -4.75 -7.45 28.40
C GLY C 11 -3.69 -6.34 28.41
N ALA C 12 -3.35 -5.82 27.22
CA ALA C 12 -2.38 -4.74 27.07
C ALA C 12 -3.06 -3.38 27.10
N PHE C 13 -2.38 -2.41 27.70
CA PHE C 13 -2.78 -1.01 27.76
C PHE C 13 -2.52 -0.43 26.36
N LEU C 14 -3.51 0.18 25.69
CA LEU C 14 -3.26 0.74 24.36
C LEU C 14 -2.52 2.07 24.47
N MET C 15 -1.42 2.19 23.75
CA MET C 15 -0.53 3.34 23.78
C MET C 15 -0.46 4.06 22.44
N PRO C 16 -0.29 5.41 22.42
CA PRO C 16 -0.20 6.11 21.12
C PRO C 16 0.97 5.62 20.25
N GLN C 17 2.09 5.16 20.88
CA GLN C 17 3.24 4.63 20.13
C GLN C 17 2.89 3.44 19.25
N GLN C 18 1.96 2.57 19.69
CA GLN C 18 1.52 1.41 18.90
C GLN C 18 0.89 1.83 17.56
N PHE C 19 0.00 2.82 17.61
CA PHE C 19 -0.67 3.35 16.42
C PHE C 19 0.25 4.22 15.57
N GLN C 20 1.16 4.97 16.20
CA GLN C 20 2.14 5.82 15.49
C GLN C 20 3.12 4.96 14.71
N GLN C 21 3.62 3.89 15.34
CA GLN C 21 4.58 2.96 14.72
C GLN C 21 3.96 2.16 13.60
N GLN C 22 2.73 1.66 13.77
CA GLN C 22 1.99 0.93 12.75
C GLN C 22 1.79 1.81 11.51
N ALA C 23 1.35 3.08 11.73
CA ALA C 23 1.14 4.07 10.66
C ALA C 23 2.45 4.36 9.95
N ALA C 24 3.56 4.51 10.72
CA ALA C 24 4.89 4.76 10.16
C ALA C 24 5.35 3.58 9.30
N TRP C 25 5.08 2.34 9.74
CA TRP C 25 5.44 1.14 8.99
C TRP C 25 4.68 1.06 7.66
N ASP C 26 3.38 1.40 7.67
CA ASP C 26 2.53 1.37 6.48
C ASP C 26 3.01 2.39 5.43
N VAL C 27 3.49 3.57 5.87
CA VAL C 27 4.05 4.61 5.00
C VAL C 27 5.35 4.06 4.35
N HIS C 28 6.23 3.46 5.18
CA HIS C 28 7.48 2.85 4.72
C HIS C 28 7.21 1.72 3.72
N LEU C 29 6.20 0.86 4.02
CA LEU C 29 5.80 -0.25 3.16
C LEU C 29 5.31 0.22 1.78
N ALA C 30 4.46 1.26 1.74
CA ALA C 30 3.97 1.84 0.49
C ALA C 30 5.14 2.46 -0.30
N ASP C 31 6.09 3.08 0.39
CA ASP C 31 7.28 3.66 -0.22
C ASP C 31 8.21 2.58 -0.82
N SER C 32 8.33 1.42 -0.15
CA SER C 32 9.18 0.33 -0.61
C SER C 32 8.62 -0.30 -1.88
N VAL C 33 7.28 -0.29 -2.04
CA VAL C 33 6.59 -0.80 -3.22
C VAL C 33 6.86 0.17 -4.38
N ALA C 34 6.75 1.47 -4.13
CA ALA C 34 7.02 2.50 -5.14
C ALA C 34 8.47 2.41 -5.68
N ARG C 35 9.43 2.07 -4.80
CA ARG C 35 10.86 1.95 -5.13
C ARG C 35 11.19 0.74 -6.00
N MET C 36 10.28 -0.24 -6.08
CA MET C 36 10.49 -1.43 -6.92
C MET C 36 10.47 -1.06 -8.40
N GLY C 37 9.62 -0.12 -8.79
CA GLY C 37 9.48 0.30 -10.18
C GLY C 37 10.09 1.64 -10.49
N LEU C 38 10.28 2.49 -9.48
CA LEU C 38 10.81 3.84 -9.69
C LEU C 38 11.97 4.18 -8.80
N ALA C 39 12.96 4.88 -9.37
CA ALA C 39 14.16 5.30 -8.67
C ALA C 39 13.89 6.50 -7.76
N HIS C 40 12.98 7.38 -8.17
CA HIS C 40 12.68 8.60 -7.42
C HIS C 40 11.19 8.74 -7.12
N PRO C 41 10.61 7.94 -6.18
CA PRO C 41 9.17 8.07 -5.91
C PRO C 41 8.82 9.24 -4.99
N TRP C 42 9.06 10.47 -5.46
CA TRP C 42 8.76 11.68 -4.72
C TRP C 42 8.67 12.82 -5.73
N GLY C 43 8.05 13.91 -5.33
CA GLY C 43 7.90 15.07 -6.20
C GLY C 43 6.51 15.64 -6.18
N VAL C 44 6.21 16.48 -7.16
CA VAL C 44 4.95 17.21 -7.27
C VAL C 44 3.91 16.49 -8.11
N VAL C 45 2.69 16.40 -7.56
CA VAL C 45 1.51 15.90 -8.25
C VAL C 45 0.77 17.15 -8.75
N ALA C 46 0.60 18.16 -7.87
CA ALA C 46 -0.05 19.43 -8.18
C ALA C 46 0.54 20.54 -7.31
N ALA C 47 0.88 21.68 -7.94
CA ALA C 47 1.40 22.86 -7.28
C ALA C 47 0.77 24.08 -7.95
N GLU C 48 -0.44 24.44 -7.50
CA GLU C 48 -1.22 25.55 -8.05
C GLU C 48 -1.24 26.75 -7.13
N PHE C 49 -1.13 27.95 -7.72
CA PHE C 49 -1.03 29.20 -6.99
C PHE C 49 -2.02 30.27 -7.42
N ASP C 50 -2.28 31.22 -6.50
CA ASP C 50 -3.14 32.38 -6.74
C ASP C 50 -2.22 33.49 -7.25
N ASP C 51 -2.31 33.79 -8.56
CA ASP C 51 -1.50 34.83 -9.19
C ASP C 51 -2.02 36.24 -8.88
N SER C 52 -3.31 36.36 -8.48
CA SER C 52 -3.88 37.64 -8.05
C SER C 52 -3.29 37.92 -6.66
N LEU C 53 -3.04 39.20 -6.34
CA LEU C 53 -2.43 39.68 -5.08
C LEU C 53 -0.87 39.50 -5.12
N LEU C 54 -0.32 39.02 -6.26
CA LEU C 54 1.13 38.94 -6.52
C LEU C 54 1.73 40.36 -6.66
N PRO C 55 1.03 41.36 -7.31
CA PRO C 55 1.55 42.73 -7.36
C PRO C 55 1.82 43.34 -5.97
N LEU C 56 1.19 42.79 -4.92
CA LEU C 56 1.36 43.24 -3.54
C LEU C 56 2.43 42.42 -2.76
N SER C 57 3.37 41.76 -3.51
CA SER C 57 4.47 40.94 -3.00
C SER C 57 3.99 39.78 -2.08
N ARG C 58 2.87 39.13 -2.47
CA ARG C 58 2.30 38.02 -1.73
C ARG C 58 2.00 36.84 -2.65
N LEU C 59 2.42 35.63 -2.23
CA LEU C 59 2.15 34.41 -2.99
C LEU C 59 1.37 33.43 -2.13
N ASN C 60 0.22 32.99 -2.65
CA ASN C 60 -0.64 32.02 -1.99
C ASN C 60 -0.81 30.79 -2.84
N ALA C 61 -0.77 29.62 -2.20
CA ALA C 61 -1.01 28.36 -2.88
C ALA C 61 -2.51 28.09 -2.83
N THR C 62 -3.04 27.44 -3.87
CA THR C 62 -4.46 27.08 -3.92
C THR C 62 -4.63 25.57 -3.82
N ARG C 63 -3.66 24.81 -4.36
CA ARG C 63 -3.66 23.35 -4.35
C ARG C 63 -2.23 22.82 -4.34
N LEU C 64 -1.90 22.00 -3.34
CA LEU C 64 -0.59 21.37 -3.22
C LEU C 64 -0.73 19.89 -2.91
N ILE C 65 -0.24 19.05 -3.82
CA ILE C 65 -0.17 17.59 -3.67
C ILE C 65 1.29 17.26 -3.98
N VAL C 66 2.07 16.98 -2.93
CA VAL C 66 3.52 16.75 -3.01
C VAL C 66 3.91 15.57 -2.14
N ARG C 67 4.76 14.68 -2.69
CA ARG C 67 5.31 13.56 -1.96
C ARG C 67 6.77 13.89 -1.64
N PHE C 68 7.12 13.78 -0.37
CA PHE C 68 8.48 14.05 0.10
C PHE C 68 9.34 12.78 0.06
N PRO C 69 10.70 12.89 -0.03
CA PRO C 69 11.53 11.67 -0.13
C PRO C 69 11.46 10.69 1.03
N ASP C 70 10.86 11.08 2.17
CA ASP C 70 10.69 10.19 3.32
C ASP C 70 9.41 9.35 3.21
N GLY C 71 8.71 9.46 2.08
CA GLY C 71 7.48 8.72 1.82
C GLY C 71 6.20 9.43 2.25
N THR C 72 6.33 10.63 2.83
CA THR C 72 5.16 11.40 3.28
C THR C 72 4.49 12.13 2.13
N LEU C 73 3.20 11.81 1.92
CA LEU C 73 2.41 12.46 0.91
C LEU C 73 1.58 13.55 1.59
N ILE C 74 1.70 14.78 1.06
CA ILE C 74 0.91 15.92 1.50
C ILE C 74 -0.14 16.19 0.43
N ASP C 75 -1.39 16.47 0.84
CA ASP C 75 -2.48 16.73 -0.09
C ASP C 75 -3.44 17.74 0.54
N THR C 76 -3.39 18.99 0.05
CA THR C 76 -4.23 20.09 0.59
C THR C 76 -5.71 19.95 0.17
N GLU C 77 -5.97 19.19 -0.89
CA GLU C 77 -7.31 18.92 -1.38
C GLU C 77 -8.01 17.87 -0.52
N ARG C 78 -7.24 16.97 0.12
CA ARG C 78 -7.82 15.86 0.90
C ARG C 78 -7.52 15.84 2.40
N ALA C 79 -6.24 15.96 2.81
CA ALA C 79 -5.83 15.78 4.20
C ALA C 79 -5.16 16.96 4.91
N ASP C 80 -4.56 17.88 4.15
CA ASP C 80 -3.81 18.99 4.74
C ASP C 80 -4.41 20.36 4.49
N ASN C 81 -4.02 21.32 5.33
CA ASN C 81 -4.44 22.72 5.18
C ASN C 81 -3.41 23.37 4.26
N LEU C 82 -3.82 24.43 3.56
CA LEU C 82 -2.91 25.18 2.69
C LEU C 82 -1.85 25.86 3.58
N PRO C 83 -0.59 26.01 3.13
CA PRO C 83 0.40 26.72 3.96
C PRO C 83 0.05 28.20 4.09
N PRO C 84 0.57 28.96 5.08
CA PRO C 84 0.29 30.40 5.14
C PRO C 84 0.88 31.13 3.92
N VAL C 85 0.43 32.37 3.67
CA VAL C 85 0.89 33.21 2.56
C VAL C 85 2.43 33.39 2.61
N CYS C 86 3.07 33.38 1.45
CA CYS C 86 4.51 33.59 1.32
C CYS C 86 4.74 35.10 1.12
N ASP C 87 5.39 35.75 2.10
CA ASP C 87 5.68 37.19 2.07
C ASP C 87 6.96 37.44 1.27
N LEU C 88 6.83 38.16 0.14
CA LEU C 88 7.94 38.47 -0.77
C LEU C 88 8.57 39.86 -0.53
N SER C 89 8.32 40.46 0.66
CA SER C 89 8.88 41.75 1.05
C SER C 89 10.42 41.67 1.27
N THR C 90 10.91 40.51 1.70
CA THR C 90 12.33 40.23 1.96
C THR C 90 13.17 40.03 0.68
N VAL C 91 12.51 39.88 -0.48
CA VAL C 91 13.21 39.64 -1.76
C VAL C 91 12.97 40.76 -2.80
N SER C 92 12.70 41.99 -2.32
CA SER C 92 12.48 43.17 -3.17
C SER C 92 13.74 43.52 -4.00
N ASP C 93 14.92 43.09 -3.53
CA ASP C 93 16.24 43.29 -4.15
C ASP C 93 16.56 42.19 -5.20
N ARG C 94 15.75 41.12 -5.26
CA ARG C 94 15.96 39.99 -6.16
C ARG C 94 15.13 40.06 -7.45
N SER C 95 15.67 39.48 -8.53
CA SER C 95 15.02 39.38 -9.85
C SER C 95 14.43 37.98 -10.04
N LEU C 96 14.94 37.00 -9.26
CA LEU C 96 14.54 35.61 -9.31
C LEU C 96 14.47 35.03 -7.90
N VAL C 97 13.44 34.22 -7.64
CA VAL C 97 13.28 33.56 -6.36
C VAL C 97 12.66 32.15 -6.57
N ASP C 98 13.31 31.13 -5.99
CA ASP C 98 12.89 29.74 -6.07
C ASP C 98 12.04 29.42 -4.86
N ILE C 99 10.77 29.09 -5.08
CA ILE C 99 9.83 28.75 -4.02
C ILE C 99 9.86 27.25 -3.76
N VAL C 100 10.00 26.86 -2.49
CA VAL C 100 10.00 25.45 -2.08
C VAL C 100 8.87 25.21 -1.07
N LEU C 101 8.27 24.01 -1.09
CA LEU C 101 7.29 23.63 -0.09
C LEU C 101 8.12 22.94 0.98
N ALA C 102 8.00 23.39 2.22
CA ALA C 102 8.79 22.87 3.31
C ALA C 102 7.98 22.10 4.35
N LEU C 103 8.42 20.86 4.63
CA LEU C 103 7.81 19.97 5.62
C LEU C 103 8.88 19.72 6.68
N PRO C 104 8.68 20.16 7.95
CA PRO C 104 9.71 19.94 8.96
C PRO C 104 10.09 18.48 9.12
N LEU C 105 11.34 18.22 9.46
CA LEU C 105 11.83 16.86 9.66
C LEU C 105 11.07 16.20 10.79
N LEU C 106 10.85 14.89 10.66
CA LEU C 106 10.24 14.14 11.75
C LEU C 106 11.41 13.85 12.71
N ASN C 107 11.22 14.17 13.99
CA ASN C 107 12.22 13.92 15.01
C ASN C 107 11.91 12.58 15.68
N ALA C 108 12.81 11.61 15.50
CA ALA C 108 12.70 10.28 16.10
C ALA C 108 12.71 10.32 17.63
N ASN C 109 13.16 11.45 18.22
CA ASN C 109 13.19 11.62 19.67
C ASN C 109 11.98 12.40 20.22
N GLY C 110 10.95 12.54 19.39
CA GLY C 110 9.70 13.17 19.79
C GLY C 110 9.59 14.67 19.55
N GLY C 111 8.64 15.28 20.26
CA GLY C 111 8.32 16.70 20.16
C GLY C 111 7.92 17.11 18.76
N ASN C 112 7.13 16.29 18.05
CA ASN C 112 6.72 16.59 16.68
C ASN C 112 5.50 17.48 16.58
N LEU C 113 4.74 17.60 17.69
CA LEU C 113 3.52 18.39 17.76
C LEU C 113 3.81 19.85 18.13
N ASP C 114 3.35 20.78 17.29
CA ASP C 114 3.46 22.21 17.52
C ASP C 114 2.36 22.55 18.53
N ASN C 115 2.73 22.56 19.81
CA ASN C 115 1.80 22.80 20.93
C ASN C 115 1.84 24.23 21.49
N GLY C 116 2.53 25.12 20.79
CA GLY C 116 2.66 26.51 21.21
C GLY C 116 3.85 26.81 22.10
N SER C 117 4.56 25.76 22.57
CA SER C 117 5.76 25.93 23.39
C SER C 117 6.94 26.34 22.48
N GLU C 118 7.97 26.98 23.04
CA GLU C 118 9.12 27.41 22.23
C GLU C 118 10.02 26.24 21.86
N SER C 119 10.54 26.25 20.62
CA SER C 119 11.40 25.19 20.07
C SER C 119 12.50 25.80 19.20
N GLU C 120 13.67 25.14 19.16
CA GLU C 120 14.82 25.58 18.36
C GLU C 120 14.65 25.16 16.90
N ARG C 121 13.62 24.37 16.60
CA ARG C 121 13.37 23.83 15.27
C ARG C 121 11.87 23.82 14.95
N PRO C 122 11.50 23.89 13.65
CA PRO C 122 10.08 23.80 13.30
C PRO C 122 9.55 22.39 13.56
N ARG C 123 8.31 22.32 14.06
CA ARG C 123 7.67 21.03 14.33
C ARG C 123 6.75 20.64 13.19
N ARG C 124 6.81 19.36 12.82
CA ARG C 124 6.12 18.75 11.69
C ARG C 124 4.60 18.72 11.79
N TRP C 125 4.08 18.43 13.00
CA TRP C 125 2.65 18.27 13.18
C TRP C 125 1.97 19.42 13.86
N LYS C 126 0.72 19.66 13.43
CA LYS C 126 -0.20 20.61 14.00
C LYS C 126 -1.48 19.85 14.29
N SER C 127 -2.14 20.19 15.39
CA SER C 127 -3.38 19.54 15.79
C SER C 127 -4.56 20.47 15.55
N GLU C 128 -5.57 19.95 14.85
CA GLU C 128 -6.80 20.68 14.57
C GLU C 128 -7.96 19.83 15.04
N ARG C 129 -8.77 20.40 15.92
CA ARG C 129 -9.96 19.74 16.42
C ARG C 129 -11.03 19.83 15.33
N VAL C 130 -11.48 18.66 14.84
CA VAL C 130 -12.50 18.60 13.78
C VAL C 130 -13.63 17.67 14.22
N ASN C 131 -14.89 18.08 13.97
CA ASN C 131 -16.07 17.27 14.26
C ASN C 131 -16.16 16.27 13.09
N VAL C 132 -15.56 15.10 13.28
CA VAL C 132 -15.44 14.07 12.25
C VAL C 132 -16.61 13.09 12.30
N GLN C 133 -17.18 12.84 11.11
CA GLN C 133 -18.29 11.93 10.90
C GLN C 133 -17.87 10.48 11.14
N GLU C 134 -18.65 9.78 11.97
CA GLU C 134 -18.49 8.35 12.18
C GLU C 134 -19.23 7.77 10.97
N LEU C 135 -18.51 6.97 10.16
CA LEU C 135 -19.00 6.50 8.87
C LEU C 135 -20.04 5.37 8.88
N ALA C 136 -20.10 4.52 9.92
CA ALA C 136 -21.10 3.45 9.94
C ALA C 136 -22.50 4.00 10.26
N GLY C 137 -22.59 4.78 11.33
CA GLY C 137 -23.83 5.39 11.82
C GLY C 137 -23.99 6.83 11.41
N HIS C 138 -24.56 7.66 12.29
CA HIS C 138 -24.85 9.05 11.95
C HIS C 138 -24.24 10.09 12.88
N GLU C 139 -23.50 9.64 13.91
CA GLU C 139 -22.87 10.54 14.88
C GLU C 139 -21.59 11.18 14.36
N GLN C 140 -21.23 12.33 14.96
CA GLN C 140 -20.00 13.08 14.72
C GLN C 140 -19.35 13.31 16.08
N SER C 141 -18.03 13.32 16.12
CA SER C 141 -17.27 13.56 17.36
C SER C 141 -16.05 14.40 17.03
N GLU C 142 -15.67 15.27 17.96
CA GLU C 142 -14.49 16.12 17.83
C GLU C 142 -13.24 15.28 18.04
N VAL C 143 -12.41 15.22 17.00
CA VAL C 143 -11.18 14.42 16.94
C VAL C 143 -10.00 15.32 16.59
N ALA C 144 -8.85 15.08 17.24
CA ALA C 144 -7.61 15.79 16.98
C ALA C 144 -7.07 15.24 15.65
N VAL C 145 -7.10 16.07 14.59
CA VAL C 145 -6.64 15.62 13.29
C VAL C 145 -5.24 16.17 13.02
N LEU C 146 -4.40 15.31 12.45
CA LEU C 146 -3.04 15.63 12.08
C LEU C 146 -3.01 16.53 10.85
N ARG C 147 -2.40 17.71 10.99
CA ARG C 147 -2.20 18.66 9.89
C ARG C 147 -0.71 18.90 9.80
N HIS C 148 -0.14 18.70 8.63
CA HIS C 148 1.30 18.92 8.43
C HIS C 148 1.60 20.40 8.45
N ASN C 149 2.57 20.79 9.28
CA ASN C 149 2.99 22.18 9.44
C ASN C 149 3.81 22.64 8.23
N LEU C 150 3.11 22.83 7.10
CA LEU C 150 3.72 23.24 5.83
C LEU C 150 3.89 24.74 5.71
N THR C 151 5.00 25.16 5.11
CA THR C 151 5.27 26.57 4.82
C THR C 151 5.90 26.66 3.44
N LEU C 152 5.71 27.81 2.78
CA LEU C 152 6.34 28.11 1.50
C LEU C 152 7.60 28.87 1.84
N ARG C 153 8.75 28.27 1.58
CA ARG C 153 10.05 28.88 1.85
C ARG C 153 10.75 29.15 0.53
N MET C 154 11.95 29.72 0.60
CA MET C 154 12.74 30.03 -0.58
C MET C 154 14.03 29.24 -0.53
N ALA C 155 14.50 28.76 -1.69
CA ALA C 155 15.69 27.93 -1.81
C ALA C 155 16.99 28.56 -1.28
N HIS C 156 17.07 29.91 -1.26
CA HIS C 156 18.26 30.60 -0.77
C HIS C 156 18.31 30.67 0.76
N GLN C 157 17.19 30.34 1.44
CA GLN C 157 17.09 30.32 2.89
C GLN C 157 17.72 29.04 3.47
N GLU C 158 17.98 29.02 4.78
CA GLU C 158 18.54 27.88 5.50
C GLU C 158 17.38 26.93 5.76
N ASN C 159 17.39 25.78 5.06
CA ASN C 159 16.28 24.83 5.05
C ASN C 159 16.59 23.41 5.53
N ALA C 160 17.74 23.21 6.21
CA ALA C 160 18.16 21.89 6.70
C ALA C 160 17.18 21.26 7.71
N ALA C 161 16.43 22.08 8.46
CA ALA C 161 15.44 21.61 9.43
C ALA C 161 14.16 21.09 8.76
N TRP C 162 14.06 21.25 7.43
CA TRP C 162 12.90 20.82 6.66
C TRP C 162 13.29 19.91 5.51
N LEU C 163 12.31 19.16 5.01
CA LEU C 163 12.38 18.42 3.77
C LEU C 163 11.76 19.41 2.82
N THR C 164 12.44 19.70 1.71
CA THR C 164 11.98 20.71 0.76
C THR C 164 11.69 20.11 -0.62
N CYS C 165 10.78 20.73 -1.36
CA CYS C 165 10.49 20.34 -2.74
C CYS C 165 10.21 21.58 -3.57
N PRO C 166 10.97 21.82 -4.66
CA PRO C 166 10.68 23.00 -5.52
C PRO C 166 9.23 22.97 -5.98
N VAL C 167 8.54 24.10 -5.87
CA VAL C 167 7.11 24.15 -6.14
C VAL C 167 6.73 25.27 -7.16
N THR C 168 7.58 26.32 -7.29
CA THR C 168 7.52 27.41 -8.28
C THR C 168 8.81 28.18 -8.29
N ARG C 169 8.92 29.05 -9.29
CA ARG C 169 9.98 30.01 -9.44
C ARG C 169 9.30 31.30 -9.89
N LEU C 170 9.66 32.40 -9.22
CA LEU C 170 9.12 33.72 -9.54
C LEU C 170 10.21 34.55 -10.20
N VAL C 171 9.82 35.23 -11.28
CA VAL C 171 10.68 36.11 -12.06
C VAL C 171 9.95 37.45 -12.26
N ARG C 172 10.71 38.55 -12.43
CA ARG C 172 10.11 39.88 -12.61
C ARG C 172 9.83 40.17 -14.08
N ASP C 173 8.65 40.76 -14.38
CA ASP C 173 8.26 41.12 -15.76
C ASP C 173 8.92 42.43 -16.22
N ALA C 174 8.47 43.00 -17.37
CA ALA C 174 9.03 44.25 -17.93
C ALA C 174 8.81 45.44 -17.01
N GLN C 175 7.71 45.42 -16.23
CA GLN C 175 7.31 46.43 -15.26
C GLN C 175 7.97 46.23 -13.87
N GLY C 176 8.60 45.07 -13.68
CA GLY C 176 9.26 44.72 -12.43
C GLY C 176 8.34 44.03 -11.44
N GLN C 177 7.21 43.50 -11.92
CA GLN C 177 6.23 42.81 -11.10
C GLN C 177 6.54 41.31 -11.08
N TRP C 178 6.38 40.68 -9.90
CA TRP C 178 6.60 39.23 -9.71
C TRP C 178 5.54 38.43 -10.46
N CYS C 179 5.99 37.39 -11.18
CA CYS C 179 5.13 36.47 -11.92
C CYS C 179 5.78 35.09 -11.98
N ARG C 180 4.95 34.04 -12.03
CA ARG C 180 5.41 32.66 -12.08
C ARG C 180 6.10 32.39 -13.40
N ASP C 181 7.32 31.86 -13.34
CA ASP C 181 8.14 31.54 -14.50
C ASP C 181 7.56 30.32 -15.24
N PRO C 182 7.11 30.47 -16.52
CA PRO C 182 6.54 29.32 -17.24
C PRO C 182 7.56 28.21 -17.54
N ARG C 183 8.86 28.56 -17.60
CA ARG C 183 9.96 27.61 -17.85
C ARG C 183 10.22 26.68 -16.65
N PHE C 184 9.68 27.02 -15.47
CA PHE C 184 9.89 26.21 -14.27
C PHE C 184 9.24 24.85 -14.35
N ILE C 185 9.99 23.81 -13.95
CA ILE C 185 9.49 22.45 -13.86
C ILE C 185 9.92 21.91 -12.49
N PRO C 186 8.96 21.49 -11.63
CA PRO C 186 9.37 20.93 -10.33
C PRO C 186 9.77 19.46 -10.46
N PRO C 187 10.42 18.81 -9.46
CA PRO C 187 10.61 17.34 -9.57
C PRO C 187 9.20 16.75 -9.75
N LEU C 188 9.01 15.90 -10.78
CA LEU C 188 7.67 15.41 -11.11
C LEU C 188 7.31 14.02 -10.62
N LEU C 189 6.06 13.85 -10.19
CA LEU C 189 5.46 12.57 -9.83
C LEU C 189 4.44 12.24 -10.92
N THR C 190 4.00 13.28 -11.64
CA THR C 190 3.07 13.21 -12.77
C THR C 190 3.47 14.25 -13.80
N LEU C 191 3.24 13.96 -15.08
CA LEU C 191 3.56 14.91 -16.15
C LEU C 191 2.64 16.14 -16.09
N SER C 192 1.37 15.93 -15.70
CA SER C 192 0.34 16.95 -15.60
C SER C 192 0.67 18.09 -14.60
N ALA C 193 1.60 17.85 -13.66
CA ALA C 193 2.06 18.83 -12.68
C ALA C 193 2.72 20.04 -13.34
N SER C 194 3.20 19.87 -14.59
CA SER C 194 3.81 20.95 -15.38
C SER C 194 3.02 21.22 -16.68
N PRO C 195 2.15 22.26 -16.69
CA PRO C 195 1.40 22.58 -17.92
C PRO C 195 2.27 23.01 -19.10
N SER C 196 3.44 23.66 -18.84
CA SER C 196 4.34 24.07 -19.91
C SER C 196 5.04 22.87 -20.55
N LEU C 197 5.44 21.87 -19.72
CA LEU C 197 6.05 20.64 -20.22
C LEU C 197 5.02 19.89 -21.07
N MET C 198 3.74 19.87 -20.60
CA MET C 198 2.60 19.27 -21.31
C MET C 198 2.43 19.83 -22.70
N THR C 199 2.49 21.17 -22.82
CA THR C 199 2.39 21.90 -24.07
C THR C 199 3.54 21.50 -25.00
N GLU C 200 4.78 21.44 -24.45
CA GLU C 200 5.98 21.05 -25.20
C GLU C 200 5.94 19.59 -25.66
N LEU C 201 5.36 18.68 -24.84
CA LEU C 201 5.22 17.25 -25.14
C LEU C 201 4.20 17.01 -26.24
N LEU C 202 3.08 17.76 -26.19
CA LEU C 202 2.01 17.69 -27.18
C LEU C 202 2.53 18.21 -28.53
N GLU C 203 3.44 19.22 -28.48
CA GLU C 203 4.07 19.81 -29.66
C GLU C 203 5.00 18.78 -30.32
N LEU C 204 5.80 18.06 -29.50
CA LEU C 204 6.70 17.02 -29.99
C LEU C 204 5.94 15.90 -30.70
N LEU C 205 4.84 15.41 -30.09
CA LEU C 205 4.01 14.34 -30.65
C LEU C 205 3.43 14.76 -31.98
N HIS C 206 2.90 16.00 -32.07
CA HIS C 206 2.33 16.57 -33.30
C HIS C 206 3.42 16.67 -34.38
N HIS C 207 4.65 17.10 -33.99
CA HIS C 207 5.82 17.24 -34.84
C HIS C 207 6.27 15.87 -35.38
N LEU C 208 6.26 14.84 -34.51
CA LEU C 208 6.60 13.46 -34.85
C LEU C 208 5.58 12.94 -35.87
N GLN C 209 4.28 13.17 -35.61
CA GLN C 209 3.17 12.76 -36.48
C GLN C 209 3.26 13.45 -37.84
N ALA C 210 3.60 14.75 -37.86
CA ALA C 210 3.76 15.55 -39.08
C ALA C 210 4.93 15.02 -39.90
N ARG C 211 6.08 14.74 -39.23
CA ARG C 211 7.29 14.19 -39.86
C ARG C 211 7.02 12.79 -40.42
N ARG C 212 6.27 11.96 -39.68
CA ARG C 212 5.88 10.61 -40.05
C ARG C 212 4.94 10.61 -41.29
N GLN C 213 3.98 11.57 -41.33
CA GLN C 213 3.01 11.72 -42.43
C GLN C 213 3.71 12.24 -43.70
N ARG C 214 4.74 13.08 -43.56
CA ARG C 214 5.54 13.60 -44.68
C ARG C 214 6.41 12.45 -45.24
N LEU C 215 6.99 11.63 -44.35
CA LEU C 215 7.83 10.49 -44.70
C LEU C 215 7.04 9.37 -45.35
N MET C 216 5.70 9.34 -45.09
CA MET C 216 4.73 8.44 -45.68
C MET C 216 4.54 8.84 -47.14
N SER C 217 4.51 10.17 -47.40
CA SER C 217 4.37 10.75 -48.73
C SER C 217 5.59 10.45 -49.60
N MET C 218 6.81 10.53 -49.04
CA MET C 218 8.05 10.27 -49.77
C MET C 218 8.14 8.86 -50.34
N ARG C 219 7.87 7.89 -49.49
CA ARG C 219 7.90 6.49 -49.86
C ARG C 219 6.82 6.31 -50.90
N ARG C 220 5.72 7.03 -50.74
CA ARG C 220 4.67 7.00 -51.76
C ARG C 220 5.02 7.75 -53.04
N GLU C 221 5.59 8.94 -52.91
CA GLU C 221 5.87 9.80 -54.06
C GLU C 221 6.84 9.21 -55.05
N ASN C 222 7.90 8.60 -54.56
CA ASN C 222 8.82 7.92 -55.42
C ASN C 222 8.07 6.65 -55.26
N ASN C 223 7.31 6.24 -56.26
CA ASN C 223 6.36 5.15 -56.08
C ASN C 223 6.86 3.83 -55.51
N ALA C 224 6.05 3.26 -54.62
CA ALA C 224 6.37 1.98 -54.00
C ALA C 224 5.42 0.96 -54.58
N ARG C 225 5.99 -0.07 -55.19
CA ARG C 225 5.22 -1.12 -55.81
C ARG C 225 5.46 -2.42 -55.06
N LEU C 226 5.77 -2.28 -53.77
CA LEU C 226 6.06 -3.35 -52.80
C LEU C 226 7.40 -3.97 -53.12
N ALA C 227 8.16 -3.23 -53.90
CA ALA C 227 9.50 -3.59 -54.36
C ALA C 227 10.44 -2.39 -54.34
N ASP C 228 10.92 -2.02 -53.14
CA ASP C 228 11.85 -0.91 -52.94
C ASP C 228 13.21 -1.27 -53.55
N PHE C 229 13.77 -0.40 -54.41
CA PHE C 229 15.06 -0.63 -55.06
C PHE C 229 15.98 0.59 -54.90
N ALA C 230 15.39 1.76 -54.57
CA ALA C 230 16.12 3.01 -54.46
C ALA C 230 16.95 3.10 -53.22
N VAL C 231 18.21 3.60 -53.36
CA VAL C 231 19.20 3.77 -52.30
C VAL C 231 18.72 4.77 -51.24
N ALA C 232 17.97 5.82 -51.64
CA ALA C 232 17.42 6.85 -50.74
C ALA C 232 16.28 6.32 -49.87
N ASP C 233 15.47 5.38 -50.44
CA ASP C 233 14.32 4.73 -49.79
C ASP C 233 14.76 3.89 -48.58
N VAL C 234 16.03 3.44 -48.58
CA VAL C 234 16.69 2.66 -47.54
C VAL C 234 16.72 3.43 -46.20
N SER C 235 17.26 4.67 -46.19
CA SER C 235 17.30 5.56 -45.02
C SER C 235 15.90 6.03 -44.63
N LEU C 236 15.02 6.21 -45.64
CA LEU C 236 13.63 6.65 -45.48
C LEU C 236 12.80 5.62 -44.71
N PHE C 237 12.80 4.34 -45.18
CA PHE C 237 12.10 3.21 -44.57
C PHE C 237 12.61 2.93 -43.15
N TRP C 238 13.91 3.18 -42.91
CA TRP C 238 14.57 2.97 -41.63
C TRP C 238 14.25 4.06 -40.59
N LEU C 239 14.11 5.34 -41.04
CA LEU C 239 13.71 6.50 -40.24
C LEU C 239 12.21 6.33 -39.84
N LEU C 240 11.44 5.76 -40.75
CA LEU C 240 10.03 5.45 -40.58
C LEU C 240 9.85 4.40 -39.49
N ASN C 241 10.76 3.40 -39.42
CA ASN C 241 10.73 2.37 -38.38
C ASN C 241 10.83 2.99 -36.99
N ALA C 242 11.74 3.97 -36.83
CA ALA C 242 11.96 4.68 -35.57
C ALA C 242 10.72 5.47 -35.14
N LEU C 243 10.11 6.22 -36.09
CA LEU C 243 8.93 7.04 -35.80
C LEU C 243 7.67 6.20 -35.58
N ASN C 244 7.45 5.19 -36.43
CA ASN C 244 6.29 4.30 -36.31
C ASN C 244 6.32 3.45 -35.03
N SER C 245 7.50 3.04 -34.56
CA SER C 245 7.63 2.24 -33.34
C SER C 245 7.36 3.07 -32.07
N ALA C 246 7.85 4.32 -32.06
CA ALA C 246 7.73 5.22 -30.92
C ALA C 246 6.38 5.93 -30.78
N GLU C 247 5.77 6.38 -31.92
CA GLU C 247 4.52 7.14 -31.94
C GLU C 247 3.37 6.53 -31.08
N PRO C 248 2.96 5.26 -31.24
CA PRO C 248 1.84 4.76 -30.40
C PRO C 248 2.19 4.66 -28.92
N VAL C 249 3.48 4.42 -28.60
CA VAL C 249 3.99 4.33 -27.23
C VAL C 249 3.92 5.72 -26.58
N LEU C 250 4.41 6.75 -27.28
CA LEU C 250 4.43 8.14 -26.85
C LEU C 250 3.01 8.66 -26.66
N LYS C 251 2.13 8.30 -27.61
CA LYS C 251 0.72 8.70 -27.60
C LYS C 251 -0.01 8.21 -26.36
N GLU C 252 0.09 6.91 -26.00
CA GLU C 252 -0.64 6.45 -24.81
C GLU C 252 -0.08 7.07 -23.51
N LEU C 253 1.23 7.38 -23.46
CA LEU C 253 1.84 8.02 -22.31
C LEU C 253 1.31 9.44 -22.13
N LEU C 254 1.10 10.15 -23.25
CA LEU C 254 0.62 11.53 -23.28
C LEU C 254 -0.89 11.67 -23.16
N ASP C 255 -1.64 10.63 -23.56
CA ASP C 255 -3.10 10.64 -23.47
C ASP C 255 -3.60 10.57 -22.03
N MET C 256 -2.85 9.87 -21.16
CA MET C 256 -3.12 9.76 -19.73
C MET C 256 -1.80 10.16 -19.06
N PRO C 257 -1.50 11.48 -18.99
CA PRO C 257 -0.18 11.90 -18.48
C PRO C 257 -0.11 12.06 -16.97
N TYR C 258 -0.50 11.01 -16.26
CA TYR C 258 -0.56 11.02 -14.81
C TYR C 258 0.47 10.10 -14.14
N ARG C 259 1.40 9.55 -14.92
CA ARG C 259 2.46 8.68 -14.43
C ARG C 259 3.79 9.41 -14.26
N HIS C 260 4.71 8.79 -13.52
CA HIS C 260 6.05 9.27 -13.21
C HIS C 260 6.86 9.59 -14.49
N PRO C 261 7.66 10.70 -14.50
CA PRO C 261 8.46 11.05 -15.70
C PRO C 261 9.53 10.05 -16.13
N GLU C 262 9.94 9.11 -15.25
CA GLU C 262 10.93 8.07 -15.56
C GLU C 262 10.46 7.22 -16.74
N LEU C 263 9.15 6.89 -16.78
CA LEU C 263 8.49 6.11 -17.83
C LEU C 263 8.59 6.86 -19.16
N LEU C 264 8.26 8.16 -19.16
CA LEU C 264 8.32 9.02 -20.35
C LEU C 264 9.77 9.20 -20.81
N TYR C 265 10.69 9.53 -19.88
CA TYR C 265 12.11 9.72 -20.17
C TYR C 265 12.67 8.53 -20.93
N ARG C 266 12.41 7.30 -20.42
CA ARG C 266 12.87 6.04 -20.99
C ARG C 266 12.50 5.92 -22.48
N GLU C 267 11.26 6.25 -22.83
CA GLU C 267 10.74 6.20 -24.20
C GLU C 267 11.24 7.34 -25.08
N LEU C 268 11.39 8.54 -24.50
CA LEU C 268 11.91 9.73 -25.18
C LEU C 268 13.41 9.53 -25.52
N ALA C 269 14.18 8.95 -24.58
CA ALA C 269 15.61 8.64 -24.71
C ALA C 269 15.84 7.55 -25.77
N ARG C 270 14.95 6.53 -25.78
CA ARG C 270 14.97 5.43 -26.73
C ARG C 270 14.78 5.98 -28.15
N LEU C 271 13.78 6.88 -28.34
CA LEU C 271 13.48 7.53 -29.60
C LEU C 271 14.64 8.42 -30.05
N ALA C 272 15.17 9.25 -29.13
CA ALA C 272 16.30 10.13 -29.40
C ALA C 272 17.50 9.32 -29.90
N GLY C 273 17.82 8.22 -29.19
CA GLY C 273 18.90 7.31 -29.53
C GLY C 273 18.77 6.74 -30.93
N SER C 274 17.55 6.28 -31.26
CA SER C 274 17.20 5.74 -32.59
C SER C 274 17.38 6.79 -33.69
N LEU C 275 17.06 8.06 -33.41
CA LEU C 275 17.17 9.16 -34.37
C LEU C 275 18.59 9.67 -34.56
N LEU C 276 19.47 9.46 -33.57
CA LEU C 276 20.88 9.87 -33.60
C LEU C 276 21.73 9.07 -34.60
N THR C 277 21.28 7.86 -35.01
CA THR C 277 21.96 6.99 -35.96
C THR C 277 22.14 7.68 -37.35
N PHE C 278 21.18 8.58 -37.67
CA PHE C 278 21.09 9.32 -38.93
C PHE C 278 21.83 10.67 -38.97
N SER C 279 22.18 11.24 -37.79
CA SER C 279 22.81 12.55 -37.60
C SER C 279 24.33 12.49 -37.39
N LEU C 280 25.06 13.44 -37.97
CA LEU C 280 26.52 13.55 -37.85
C LEU C 280 26.91 14.76 -36.98
N GLU C 281 25.94 15.64 -36.69
CA GLU C 281 26.15 16.85 -35.89
C GLU C 281 26.04 16.61 -34.37
N HIS C 282 25.78 15.37 -33.92
CA HIS C 282 25.68 15.10 -32.50
C HIS C 282 26.62 14.07 -31.95
N ASN C 283 26.93 14.23 -30.65
CA ASN C 283 27.77 13.37 -29.83
C ASN C 283 27.06 12.07 -29.57
N VAL C 284 27.85 11.10 -29.16
CA VAL C 284 27.41 9.77 -28.78
C VAL C 284 26.52 9.86 -27.49
N ASP C 285 26.82 10.83 -26.58
CA ASP C 285 26.21 11.12 -25.28
C ASP C 285 25.21 12.29 -25.31
N ALA C 286 24.74 12.71 -26.49
CA ALA C 286 23.82 13.85 -26.71
C ALA C 286 22.52 13.76 -25.89
N VAL C 287 22.00 12.54 -25.68
CA VAL C 287 20.77 12.32 -24.90
C VAL C 287 21.04 12.74 -23.45
N PRO C 288 20.32 13.77 -22.94
CA PRO C 288 20.54 14.20 -21.55
C PRO C 288 20.21 13.10 -20.57
N ALA C 289 21.06 12.92 -19.54
CA ALA C 289 20.89 11.91 -18.50
C ALA C 289 19.69 12.30 -17.64
N TYR C 290 19.04 11.32 -17.01
CA TYR C 290 17.91 11.63 -16.15
C TYR C 290 18.36 12.12 -14.76
N HIS C 291 17.92 13.33 -14.37
CA HIS C 291 18.17 13.97 -13.06
C HIS C 291 16.84 14.48 -12.53
N HIS C 292 16.23 13.70 -11.64
CA HIS C 292 14.90 13.90 -11.09
C HIS C 292 14.66 15.27 -10.44
N GLU C 293 15.64 15.77 -9.67
CA GLU C 293 15.62 17.06 -8.96
C GLU C 293 15.51 18.26 -9.88
N THR C 294 16.21 18.21 -11.02
CA THR C 294 16.15 19.30 -12.01
C THR C 294 15.66 18.82 -13.37
N PRO C 295 14.32 18.65 -13.55
CA PRO C 295 13.81 18.20 -14.86
C PRO C 295 14.02 19.22 -16.00
N GLU C 296 14.43 20.46 -15.65
CA GLU C 296 14.74 21.52 -16.61
C GLU C 296 16.03 21.21 -17.35
N ASN C 297 16.92 20.42 -16.71
CA ASN C 297 18.18 19.99 -17.31
C ASN C 297 18.06 18.64 -18.02
N VAL C 298 16.82 18.14 -18.17
CA VAL C 298 16.62 16.87 -18.85
C VAL C 298 15.56 17.02 -19.95
N PHE C 299 14.34 17.49 -19.62
CA PHE C 299 13.25 17.57 -20.60
C PHE C 299 13.45 18.65 -21.66
N PRO C 300 13.59 19.96 -21.34
CA PRO C 300 13.83 20.95 -22.40
C PRO C 300 15.04 20.60 -23.31
N PRO C 301 16.27 20.21 -22.85
CA PRO C 301 17.33 19.85 -23.82
C PRO C 301 17.05 18.57 -24.63
N LEU C 302 16.30 17.61 -24.05
CA LEU C 302 15.93 16.38 -24.74
C LEU C 302 14.88 16.64 -25.82
N LEU C 303 13.91 17.53 -25.53
CA LEU C 303 12.87 17.91 -26.48
C LEU C 303 13.48 18.76 -27.60
N SER C 304 14.50 19.57 -27.26
CA SER C 304 15.23 20.42 -28.20
C SER C 304 16.00 19.54 -29.19
N LEU C 305 16.70 18.50 -28.68
CA LEU C 305 17.46 17.52 -29.46
C LEU C 305 16.51 16.77 -30.42
N LEU C 306 15.37 16.30 -29.88
CA LEU C 306 14.35 15.56 -30.64
C LEU C 306 13.75 16.39 -31.77
N ASN C 307 13.35 17.65 -31.48
CA ASN C 307 12.77 18.54 -32.50
C ASN C 307 13.76 18.84 -33.62
N ARG C 308 15.05 18.99 -33.28
CA ARG C 308 16.12 19.23 -34.23
C ARG C 308 16.39 17.99 -35.08
N LEU C 309 16.25 16.79 -34.48
CA LEU C 309 16.46 15.53 -35.18
C LEU C 309 15.29 15.20 -36.12
N LEU C 310 14.09 15.61 -35.74
CA LEU C 310 12.89 15.40 -36.55
C LEU C 310 12.88 16.34 -37.74
N GLU C 311 13.37 17.58 -37.56
CA GLU C 311 13.39 18.59 -38.63
C GLU C 311 14.48 18.31 -39.67
N ALA C 312 15.52 17.52 -39.32
CA ALA C 312 16.60 17.12 -40.22
C ALA C 312 16.06 16.41 -41.48
N SER C 313 15.05 15.52 -41.30
CA SER C 313 14.35 14.80 -42.39
C SER C 313 13.07 14.15 -41.85
N GLN D 1 -7.78 -28.79 1.67
CA GLN D 1 -8.04 -29.23 3.04
C GLN D 1 -7.49 -30.64 3.33
N VAL D 2 -7.15 -30.88 4.59
CA VAL D 2 -6.63 -32.17 5.05
C VAL D 2 -7.58 -32.78 6.09
N GLN D 3 -7.94 -34.05 5.90
CA GLN D 3 -8.81 -34.80 6.81
C GLN D 3 -7.99 -35.84 7.53
N LEU D 4 -8.15 -35.93 8.85
CA LEU D 4 -7.39 -36.86 9.67
C LEU D 4 -8.30 -37.70 10.51
N VAL D 5 -8.11 -39.01 10.47
CA VAL D 5 -8.91 -39.97 11.25
C VAL D 5 -7.97 -40.86 12.06
N GLU D 6 -8.09 -40.80 13.39
CA GLU D 6 -7.30 -41.63 14.31
C GLU D 6 -7.99 -42.95 14.59
N SER D 7 -7.18 -43.99 14.84
CA SER D 7 -7.62 -45.34 15.22
C SER D 7 -6.50 -45.99 16.05
N GLY D 8 -6.83 -47.10 16.72
CA GLY D 8 -5.85 -47.84 17.50
C GLY D 8 -5.86 -47.59 19.00
N GLY D 9 -6.72 -46.67 19.45
CA GLY D 9 -6.85 -46.35 20.87
C GLY D 9 -7.50 -47.47 21.66
N GLY D 10 -7.38 -47.41 22.98
CA GLY D 10 -7.97 -48.42 23.85
C GLY D 10 -7.38 -48.51 25.23
N LEU D 11 -7.75 -49.60 25.93
CA LEU D 11 -7.30 -49.88 27.28
C LEU D 11 -6.15 -50.87 27.27
N VAL D 12 -5.07 -50.53 27.98
CA VAL D 12 -3.86 -51.34 28.15
C VAL D 12 -3.38 -51.28 29.61
N GLN D 13 -2.63 -52.30 30.03
CA GLN D 13 -2.08 -52.37 31.39
C GLN D 13 -0.75 -51.65 31.40
N ALA D 14 -0.30 -51.22 32.61
CA ALA D 14 0.98 -50.54 32.80
C ALA D 14 2.13 -51.43 32.32
N GLY D 15 3.07 -50.82 31.60
CA GLY D 15 4.22 -51.49 31.00
C GLY D 15 3.89 -52.10 29.66
N GLY D 16 2.66 -51.89 29.21
CA GLY D 16 2.12 -52.41 27.95
C GLY D 16 2.51 -51.60 26.73
N THR D 17 1.89 -51.95 25.58
CA THR D 17 2.14 -51.36 24.27
C THR D 17 0.85 -51.07 23.51
N LEU D 18 0.87 -50.03 22.65
CA LEU D 18 -0.23 -49.62 21.78
C LEU D 18 0.34 -49.01 20.52
N LYS D 19 -0.35 -49.17 19.40
CA LYS D 19 0.04 -48.52 18.16
C LYS D 19 -1.14 -47.71 17.66
N LEU D 20 -0.99 -46.39 17.62
CA LEU D 20 -2.02 -45.49 17.12
C LEU D 20 -1.79 -45.23 15.65
N SER D 21 -2.87 -45.05 14.89
CA SER D 21 -2.84 -44.77 13.47
C SER D 21 -3.61 -43.51 13.16
N CYS D 22 -3.21 -42.81 12.10
CA CYS D 22 -3.90 -41.64 11.63
C CYS D 22 -3.84 -41.61 10.12
N ALA D 23 -5.00 -41.78 9.49
CA ALA D 23 -5.11 -41.78 8.04
C ALA D 23 -5.31 -40.35 7.58
N ALA D 24 -4.43 -39.90 6.70
CA ALA D 24 -4.51 -38.55 6.14
C ALA D 24 -5.03 -38.62 4.70
N SER D 25 -5.95 -37.72 4.35
CA SER D 25 -6.55 -37.60 3.03
C SER D 25 -6.69 -36.12 2.65
N GLY D 26 -6.99 -35.86 1.37
CA GLY D 26 -7.15 -34.52 0.83
C GLY D 26 -5.89 -34.00 0.18
N SER D 27 -5.54 -32.73 0.44
CA SER D 27 -4.35 -32.11 -0.13
C SER D 27 -3.12 -32.47 0.72
N ILE D 28 -2.64 -33.70 0.52
CA ILE D 28 -1.52 -34.30 1.25
C ILE D 28 -0.15 -33.68 0.90
N SER D 29 0.00 -33.17 -0.34
CA SER D 29 1.25 -32.58 -0.82
C SER D 29 1.70 -31.33 -0.03
N GLY D 30 0.73 -30.67 0.63
CA GLY D 30 0.98 -29.46 1.41
C GLY D 30 1.45 -29.67 2.85
N ILE D 31 1.31 -30.91 3.39
CA ILE D 31 1.72 -31.25 4.76
C ILE D 31 3.23 -31.04 4.96
N VAL D 32 3.58 -30.21 5.96
CA VAL D 32 4.95 -29.84 6.34
C VAL D 32 5.46 -30.74 7.47
N VAL D 33 4.64 -30.91 8.51
CA VAL D 33 4.96 -31.73 9.67
C VAL D 33 3.67 -32.32 10.24
N MET D 34 3.74 -33.55 10.74
CA MET D 34 2.62 -34.22 11.38
C MET D 34 2.99 -34.46 12.83
N ALA D 35 2.00 -34.42 13.71
CA ALA D 35 2.25 -34.57 15.14
C ALA D 35 1.17 -35.33 15.88
N TRP D 36 1.51 -35.79 17.08
CA TRP D 36 0.60 -36.41 18.02
C TRP D 36 0.59 -35.52 19.24
N TYR D 37 -0.62 -35.13 19.66
CA TYR D 37 -0.88 -34.34 20.85
C TYR D 37 -1.74 -35.18 21.78
N ARG D 38 -1.74 -34.86 23.06
CA ARG D 38 -2.57 -35.57 24.03
C ARG D 38 -3.16 -34.61 25.05
N GLN D 39 -4.37 -34.92 25.53
CA GLN D 39 -5.05 -34.15 26.56
C GLN D 39 -5.52 -35.11 27.66
N ALA D 40 -4.79 -35.09 28.78
CA ALA D 40 -5.09 -35.89 29.96
C ALA D 40 -6.23 -35.22 30.73
N PRO D 41 -7.06 -35.96 31.51
CA PRO D 41 -8.16 -35.31 32.25
C PRO D 41 -7.69 -34.21 33.22
N GLY D 42 -8.25 -33.02 33.04
CA GLY D 42 -7.94 -31.85 33.85
C GLY D 42 -6.58 -31.20 33.58
N LYS D 43 -5.92 -31.61 32.47
CA LYS D 43 -4.62 -31.06 32.07
C LYS D 43 -4.71 -30.39 30.69
N GLN D 44 -3.78 -29.46 30.40
CA GLN D 44 -3.72 -28.76 29.12
C GLN D 44 -3.18 -29.71 28.03
N ARG D 45 -3.54 -29.43 26.76
CA ARG D 45 -3.09 -30.19 25.58
C ARG D 45 -1.57 -30.13 25.50
N GLU D 46 -0.91 -31.27 25.23
CA GLU D 46 0.55 -31.30 25.12
C GLU D 46 1.05 -32.06 23.91
N LEU D 47 2.12 -31.53 23.28
CA LEU D 47 2.80 -32.12 22.14
C LEU D 47 3.54 -33.37 22.60
N VAL D 48 3.26 -34.51 21.96
CA VAL D 48 3.86 -35.81 22.31
C VAL D 48 5.07 -36.12 21.41
N ALA D 49 4.85 -36.13 20.10
CA ALA D 49 5.86 -36.46 19.09
C ALA D 49 5.50 -35.79 17.78
N SER D 50 6.52 -35.52 16.96
CA SER D 50 6.35 -34.88 15.66
C SER D 50 7.28 -35.51 14.61
N ILE D 51 6.87 -35.43 13.34
CA ILE D 51 7.63 -35.94 12.22
C ILE D 51 7.46 -34.99 11.01
N THR D 52 8.58 -34.51 10.47
CA THR D 52 8.52 -33.63 9.30
C THR D 52 8.20 -34.49 8.07
N SER D 53 7.81 -33.85 6.94
CA SER D 53 7.54 -34.57 5.69
C SER D 53 8.76 -35.39 5.22
N GLY D 54 9.95 -34.88 5.52
CA GLY D 54 11.22 -35.55 5.22
C GLY D 54 11.61 -36.67 6.17
N GLY D 55 10.85 -36.86 7.24
CA GLY D 55 11.07 -37.93 8.20
C GLY D 55 11.85 -37.62 9.47
N THR D 56 12.12 -36.34 9.75
CA THR D 56 12.84 -35.95 10.98
C THR D 56 11.88 -36.03 12.17
N THR D 57 12.21 -36.86 13.17
CA THR D 57 11.40 -37.08 14.37
C THR D 57 11.86 -36.24 15.56
N ASN D 58 10.91 -35.91 16.45
CA ASN D 58 11.12 -35.18 17.70
C ASN D 58 10.12 -35.66 18.73
N TYR D 59 10.56 -35.77 19.99
CA TYR D 59 9.74 -36.27 21.09
C TYR D 59 9.78 -35.35 22.28
N ALA D 60 8.67 -35.28 23.02
CA ALA D 60 8.60 -34.54 24.28
C ALA D 60 9.38 -35.40 25.27
N ASP D 61 10.05 -34.75 26.24
CA ASP D 61 10.89 -35.40 27.27
C ASP D 61 10.18 -36.51 28.02
N SER D 62 8.87 -36.34 28.25
CA SER D 62 8.04 -37.30 28.99
C SER D 62 7.84 -38.64 28.28
N VAL D 63 7.97 -38.67 26.93
CA VAL D 63 7.76 -39.90 26.15
C VAL D 63 9.03 -40.38 25.42
N LYS D 64 10.11 -39.57 25.44
CA LYS D 64 11.38 -39.87 24.77
C LYS D 64 11.96 -41.20 25.24
N GLY D 65 12.31 -42.03 24.26
CA GLY D 65 12.84 -43.37 24.49
C GLY D 65 11.79 -44.44 24.72
N ARG D 66 10.50 -44.05 24.79
CA ARG D 66 9.39 -45.01 24.99
C ARG D 66 8.45 -45.07 23.77
N PHE D 67 8.22 -43.89 23.13
CA PHE D 67 7.33 -43.76 21.97
C PHE D 67 8.11 -43.62 20.68
N THR D 68 7.52 -44.09 19.57
CA THR D 68 8.10 -44.03 18.24
C THR D 68 7.08 -43.49 17.25
N ILE D 69 7.40 -42.35 16.63
CA ILE D 69 6.54 -41.77 15.61
C ILE D 69 7.12 -42.18 14.24
N SER D 70 6.25 -42.60 13.32
CA SER D 70 6.64 -43.01 11.98
C SER D 70 5.54 -42.67 10.99
N LYS D 71 5.89 -42.65 9.69
CA LYS D 71 4.94 -42.32 8.63
C LYS D 71 5.08 -43.28 7.46
N ASP D 72 3.94 -43.69 6.89
CA ASP D 72 3.89 -44.55 5.70
C ASP D 72 3.36 -43.63 4.60
N ASN D 73 4.27 -43.14 3.74
CA ASN D 73 3.91 -42.21 2.66
C ASN D 73 3.10 -42.86 1.51
N ALA D 74 3.26 -44.18 1.30
CA ALA D 74 2.52 -44.91 0.27
C ALA D 74 1.03 -45.03 0.63
N GLU D 75 0.75 -45.06 1.95
CA GLU D 75 -0.60 -45.18 2.51
C GLU D 75 -1.09 -43.90 3.18
N ASN D 76 -0.25 -42.83 3.22
CA ASN D 76 -0.54 -41.53 3.86
C ASN D 76 -1.04 -41.72 5.31
N THR D 77 -0.38 -42.62 6.05
CA THR D 77 -0.73 -42.96 7.43
C THR D 77 0.39 -42.61 8.42
N LEU D 78 0.00 -41.91 9.50
CA LEU D 78 0.87 -41.53 10.61
C LEU D 78 0.70 -42.58 11.71
N TYR D 79 1.82 -43.01 12.31
CA TYR D 79 1.80 -44.01 13.37
C TYR D 79 2.45 -43.51 14.65
N LEU D 80 1.98 -44.04 15.79
CA LEU D 80 2.58 -43.79 17.10
C LEU D 80 2.64 -45.12 17.85
N ARG D 81 3.84 -45.70 17.94
CA ARG D 81 4.10 -46.92 18.69
C ARG D 81 4.45 -46.45 20.10
N MET D 82 3.72 -46.92 21.11
CA MET D 82 3.90 -46.52 22.50
C MET D 82 4.30 -47.72 23.34
N ASN D 83 5.53 -47.73 23.87
CA ASN D 83 6.01 -48.81 24.74
C ASN D 83 6.09 -48.30 26.17
N SER D 84 6.14 -49.25 27.15
CA SER D 84 6.26 -49.01 28.60
C SER D 84 5.24 -47.95 29.07
N LEU D 85 3.98 -48.14 28.67
CA LEU D 85 2.89 -47.22 29.00
C LEU D 85 2.67 -47.13 30.51
N LYS D 86 2.58 -45.89 31.02
CA LYS D 86 2.38 -45.59 32.44
C LYS D 86 1.01 -44.92 32.64
N PRO D 87 0.39 -44.99 33.86
CA PRO D 87 -0.92 -44.35 34.05
C PRO D 87 -1.00 -42.88 33.63
N GLU D 88 0.12 -42.12 33.69
CA GLU D 88 0.18 -40.71 33.27
C GLU D 88 0.09 -40.53 31.74
N ASP D 89 0.13 -41.64 30.97
CA ASP D 89 -0.03 -41.62 29.51
C ASP D 89 -1.51 -41.68 29.12
N THR D 90 -2.43 -41.91 30.10
CA THR D 90 -3.88 -41.93 29.88
C THR D 90 -4.32 -40.54 29.43
N ALA D 91 -4.91 -40.46 28.21
CA ALA D 91 -5.35 -39.21 27.59
C ALA D 91 -6.11 -39.49 26.30
N VAL D 92 -6.67 -38.41 25.70
CA VAL D 92 -7.26 -38.45 24.37
C VAL D 92 -6.09 -38.03 23.48
N TYR D 93 -5.73 -38.88 22.51
CA TYR D 93 -4.62 -38.60 21.60
C TYR D 93 -5.14 -38.05 20.30
N TYR D 94 -4.60 -36.88 19.90
CA TYR D 94 -5.00 -36.20 18.68
C TYR D 94 -3.90 -36.20 17.64
N CYS D 95 -4.30 -36.46 16.40
CA CYS D 95 -3.46 -36.42 15.22
C CYS D 95 -3.54 -34.97 14.73
N LYS D 96 -2.42 -34.42 14.28
CA LYS D 96 -2.34 -33.05 13.79
C LYS D 96 -1.47 -32.98 12.56
N ALA D 97 -1.84 -32.12 11.64
CA ALA D 97 -1.06 -31.89 10.44
C ALA D 97 -0.90 -30.41 10.26
N PHE D 98 0.35 -29.98 10.13
CA PHE D 98 0.67 -28.59 9.84
C PHE D 98 0.83 -28.55 8.32
N PHE D 99 -0.10 -27.85 7.66
CA PHE D 99 -0.24 -27.77 6.21
C PHE D 99 0.16 -26.40 5.67
N ARG D 100 0.77 -26.39 4.47
CA ARG D 100 1.21 -25.19 3.80
C ARG D 100 0.50 -25.00 2.46
N ARG D 101 -0.06 -23.80 2.24
CA ARG D 101 -0.72 -23.41 1.01
C ARG D 101 -0.45 -21.94 0.76
N ASP D 102 0.10 -21.62 -0.42
CA ASP D 102 0.37 -20.25 -0.86
C ASP D 102 1.02 -19.36 0.20
N TYR D 103 2.19 -19.81 0.72
CA TYR D 103 3.01 -19.11 1.71
C TYR D 103 2.37 -18.97 3.11
N VAL D 104 1.28 -19.67 3.39
CA VAL D 104 0.60 -19.59 4.69
C VAL D 104 0.48 -20.98 5.28
N GLY D 105 0.62 -21.06 6.60
CA GLY D 105 0.48 -22.28 7.36
C GLY D 105 -0.92 -22.45 7.93
N TYR D 106 -1.37 -23.71 8.09
CA TYR D 106 -2.70 -24.09 8.56
C TYR D 106 -2.62 -25.34 9.41
N ASP D 107 -3.49 -25.44 10.42
CA ASP D 107 -3.59 -26.60 11.29
C ASP D 107 -4.85 -27.39 10.98
N TYR D 108 -4.68 -28.71 10.92
CA TYR D 108 -5.75 -29.67 10.73
C TYR D 108 -5.62 -30.67 11.88
N TRP D 109 -6.74 -31.02 12.48
CA TRP D 109 -6.79 -31.95 13.60
C TRP D 109 -7.74 -33.09 13.34
N GLY D 110 -7.48 -34.22 13.97
CA GLY D 110 -8.37 -35.37 13.95
C GLY D 110 -9.36 -35.22 15.10
N GLN D 111 -10.28 -36.17 15.24
CA GLN D 111 -11.30 -36.13 16.30
C GLN D 111 -10.74 -36.57 17.66
N GLY D 112 -9.68 -37.36 17.63
CA GLY D 112 -9.04 -37.91 18.82
C GLY D 112 -9.42 -39.34 19.09
N THR D 113 -8.54 -40.06 19.80
CA THR D 113 -8.74 -41.46 20.18
C THR D 113 -8.34 -41.64 21.65
N GLN D 114 -9.20 -42.30 22.43
CA GLN D 114 -8.98 -42.52 23.85
C GLN D 114 -7.96 -43.61 24.11
N VAL D 115 -6.96 -43.28 24.93
CA VAL D 115 -5.92 -44.22 25.34
C VAL D 115 -6.00 -44.23 26.87
N THR D 116 -6.20 -45.43 27.45
CA THR D 116 -6.32 -45.62 28.90
C THR D 116 -5.30 -46.63 29.39
N VAL D 117 -4.45 -46.21 30.32
CA VAL D 117 -3.45 -47.09 30.93
C VAL D 117 -3.86 -47.34 32.37
N SER D 118 -4.23 -48.60 32.66
CA SER D 118 -4.67 -49.01 34.00
C SER D 118 -3.50 -49.47 34.86
N SER D 119 -3.58 -49.15 36.16
CA SER D 119 -2.59 -49.51 37.19
C SER D 119 -3.17 -50.55 38.15
N GLN E 1 -22.34 22.18 -4.39
CA GLN E 1 -23.29 21.86 -3.33
C GLN E 1 -24.74 21.85 -3.87
N VAL E 2 -25.72 21.45 -3.02
CA VAL E 2 -27.13 21.39 -3.38
C VAL E 2 -27.98 22.10 -2.30
N GLN E 3 -28.85 23.04 -2.72
CA GLN E 3 -29.74 23.80 -1.84
C GLN E 3 -31.17 23.29 -2.03
N LEU E 4 -31.88 22.98 -0.91
CA LEU E 4 -33.24 22.46 -0.90
C LEU E 4 -34.19 23.33 -0.06
N VAL E 5 -35.30 23.79 -0.67
CA VAL E 5 -36.30 24.61 0.01
C VAL E 5 -37.67 23.95 -0.11
N GLU E 6 -38.27 23.58 1.04
CA GLU E 6 -39.60 22.98 1.10
C GLU E 6 -40.69 24.03 1.22
N SER E 7 -41.86 23.72 0.65
CA SER E 7 -43.08 24.53 0.70
C SER E 7 -44.30 23.61 0.57
N GLY E 8 -45.49 24.13 0.88
CA GLY E 8 -46.72 23.36 0.77
C GLY E 8 -47.26 22.76 2.05
N GLY E 9 -46.54 22.94 3.15
CA GLY E 9 -46.95 22.44 4.46
C GLY E 9 -48.09 23.25 5.04
N GLY E 10 -48.76 22.69 6.04
CA GLY E 10 -49.86 23.37 6.70
C GLY E 10 -50.81 22.49 7.49
N LEU E 11 -52.02 23.00 7.71
CA LEU E 11 -53.10 22.37 8.47
C LEU E 11 -54.09 21.69 7.52
N VAL E 12 -54.47 20.43 7.84
CA VAL E 12 -55.38 19.58 7.06
C VAL E 12 -56.30 18.80 7.98
N GLN E 13 -57.53 18.53 7.49
CA GLN E 13 -58.49 17.74 8.23
C GLN E 13 -58.17 16.27 7.96
N ALA E 14 -58.52 15.37 8.90
CA ALA E 14 -58.33 13.93 8.74
C ALA E 14 -59.08 13.42 7.48
N GLY E 15 -58.41 12.60 6.67
CA GLY E 15 -58.93 12.11 5.40
C GLY E 15 -58.66 13.08 4.25
N GLY E 16 -57.93 14.16 4.56
CA GLY E 16 -57.56 15.22 3.64
C GLY E 16 -56.32 14.97 2.81
N THR E 17 -55.98 15.98 1.98
CA THR E 17 -54.88 15.94 1.02
C THR E 17 -54.01 17.20 1.09
N LEU E 18 -52.70 17.02 0.83
CA LEU E 18 -51.68 18.04 0.76
C LEU E 18 -50.63 17.66 -0.30
N LYS E 19 -50.00 18.66 -0.91
CA LYS E 19 -48.92 18.48 -1.87
C LYS E 19 -47.74 19.30 -1.42
N LEU E 20 -46.63 18.62 -1.07
CA LEU E 20 -45.40 19.28 -0.65
C LEU E 20 -44.50 19.47 -1.85
N SER E 21 -43.74 20.56 -1.85
CA SER E 21 -42.79 20.89 -2.90
C SER E 21 -41.41 21.10 -2.32
N CYS E 22 -40.39 20.80 -3.12
CA CYS E 22 -39.00 21.00 -2.77
C CYS E 22 -38.25 21.47 -3.99
N ALA E 23 -37.79 22.74 -3.97
CA ALA E 23 -37.04 23.30 -5.07
C ALA E 23 -35.58 22.98 -4.84
N ALA E 24 -34.95 22.34 -5.84
CA ALA E 24 -33.54 21.97 -5.77
C ALA E 24 -32.75 22.87 -6.69
N SER E 25 -31.59 23.37 -6.21
CA SER E 25 -30.71 24.24 -6.99
C SER E 25 -29.24 23.90 -6.69
N GLY E 26 -28.33 24.43 -7.51
CA GLY E 26 -26.90 24.17 -7.35
C GLY E 26 -26.42 23.12 -8.33
N SER E 27 -25.60 22.16 -7.86
CA SER E 27 -25.04 21.09 -8.71
C SER E 27 -26.01 19.91 -8.87
N ILE E 28 -27.14 20.16 -9.50
CA ILE E 28 -28.22 19.20 -9.66
C ILE E 28 -27.83 17.95 -10.48
N SER E 29 -26.82 18.06 -11.36
CA SER E 29 -26.35 16.92 -12.18
C SER E 29 -25.76 15.76 -11.33
N GLY E 30 -25.28 16.08 -10.13
CA GLY E 30 -24.71 15.10 -9.21
C GLY E 30 -25.74 14.43 -8.34
N ILE E 31 -27.04 14.85 -8.41
CA ILE E 31 -28.10 14.25 -7.62
C ILE E 31 -28.38 12.82 -8.12
N VAL E 32 -28.35 11.86 -7.19
CA VAL E 32 -28.58 10.43 -7.46
C VAL E 32 -30.01 10.02 -7.08
N VAL E 33 -30.43 10.38 -5.86
CA VAL E 33 -31.76 10.08 -5.33
C VAL E 33 -32.23 11.22 -4.45
N MET E 34 -33.53 11.45 -4.44
CA MET E 34 -34.18 12.45 -3.62
C MET E 34 -35.21 11.77 -2.76
N ALA E 35 -35.36 12.27 -1.53
CA ALA E 35 -36.28 11.66 -0.57
C ALA E 35 -37.03 12.66 0.30
N TRP E 36 -38.10 12.16 0.91
CA TRP E 36 -38.89 12.86 1.90
C TRP E 36 -38.77 12.08 3.19
N TYR E 37 -38.40 12.78 4.26
CA TYR E 37 -38.28 12.24 5.61
C TYR E 37 -39.30 13.00 6.48
N ARG E 38 -39.70 12.42 7.62
CA ARG E 38 -40.60 13.09 8.55
C ARG E 38 -40.23 12.82 10.01
N GLN E 39 -40.39 13.85 10.85
CA GLN E 39 -40.14 13.71 12.28
C GLN E 39 -41.37 14.15 13.06
N ALA E 40 -42.09 13.15 13.59
CA ALA E 40 -43.27 13.34 14.42
C ALA E 40 -42.85 13.73 15.84
N PRO E 41 -43.67 14.46 16.64
CA PRO E 41 -43.23 14.84 17.99
C PRO E 41 -42.90 13.64 18.89
N GLY E 42 -41.69 13.64 19.43
CA GLY E 42 -41.19 12.59 20.31
C GLY E 42 -40.82 11.29 19.63
N LYS E 43 -40.77 11.28 18.28
CA LYS E 43 -40.42 10.11 17.49
C LYS E 43 -39.16 10.35 16.66
N GLN E 44 -38.47 9.26 16.27
CA GLN E 44 -37.26 9.33 15.45
C GLN E 44 -37.64 9.67 14.00
N ARG E 45 -36.68 10.27 13.25
CA ARG E 45 -36.84 10.63 11.85
C ARG E 45 -37.14 9.36 11.04
N GLU E 46 -38.18 9.41 10.21
CA GLU E 46 -38.54 8.25 9.42
C GLU E 46 -38.56 8.60 7.94
N LEU E 47 -37.98 7.72 7.10
CA LEU E 47 -37.99 7.89 5.66
C LEU E 47 -39.42 7.60 5.20
N VAL E 48 -39.97 8.54 4.42
CA VAL E 48 -41.35 8.48 3.92
C VAL E 48 -41.37 7.85 2.53
N ALA E 49 -40.68 8.51 1.58
CA ALA E 49 -40.64 8.13 0.18
C ALA E 49 -39.36 8.57 -0.46
N SER E 50 -38.93 7.87 -1.52
CA SER E 50 -37.72 8.17 -2.27
C SER E 50 -37.92 8.00 -3.76
N ILE E 51 -37.14 8.75 -4.56
CA ILE E 51 -37.17 8.68 -6.01
C ILE E 51 -35.76 8.84 -6.59
N THR E 52 -35.32 7.87 -7.43
CA THR E 52 -34.01 7.97 -8.06
C THR E 52 -34.09 9.02 -9.18
N SER E 53 -32.94 9.49 -9.69
CA SER E 53 -32.90 10.45 -10.81
C SER E 53 -33.67 9.92 -12.02
N GLY E 54 -33.63 8.60 -12.23
CA GLY E 54 -34.32 7.89 -13.30
C GLY E 54 -35.81 7.69 -13.08
N GLY E 55 -36.30 8.04 -11.89
CA GLY E 55 -37.72 7.94 -11.59
C GLY E 55 -38.22 6.72 -10.84
N THR E 56 -37.32 5.88 -10.32
CA THR E 56 -37.74 4.70 -9.54
C THR E 56 -38.16 5.13 -8.13
N THR E 57 -39.43 4.88 -7.78
CA THR E 57 -40.03 5.25 -6.50
C THR E 57 -40.03 4.12 -5.48
N ASN E 58 -39.98 4.48 -4.19
CA ASN E 58 -40.04 3.59 -3.03
C ASN E 58 -40.74 4.30 -1.88
N TYR E 59 -41.57 3.57 -1.14
CA TYR E 59 -42.36 4.12 -0.04
C TYR E 59 -42.28 3.27 1.20
N ALA E 60 -42.42 3.91 2.36
CA ALA E 60 -42.50 3.23 3.65
C ALA E 60 -43.87 2.52 3.67
N ASP E 61 -43.93 1.32 4.27
CA ASP E 61 -45.18 0.55 4.40
C ASP E 61 -46.32 1.38 5.00
N SER E 62 -46.02 2.27 5.95
CA SER E 62 -46.96 3.16 6.63
C SER E 62 -47.65 4.19 5.73
N VAL E 63 -47.07 4.51 4.56
CA VAL E 63 -47.61 5.56 3.67
C VAL E 63 -47.92 5.03 2.27
N LYS E 64 -47.52 3.78 1.99
CA LYS E 64 -47.68 3.15 0.68
C LYS E 64 -49.16 3.16 0.28
N GLY E 65 -49.43 3.57 -0.97
CA GLY E 65 -50.77 3.68 -1.51
C GLY E 65 -51.51 4.96 -1.14
N ARG E 66 -51.01 5.71 -0.15
CA ARG E 66 -51.60 6.99 0.28
C ARG E 66 -50.77 8.17 -0.22
N PHE E 67 -49.43 8.00 -0.26
CA PHE E 67 -48.49 9.02 -0.68
C PHE E 67 -47.92 8.73 -2.08
N THR E 68 -47.64 9.80 -2.85
CA THR E 68 -47.06 9.74 -4.19
C THR E 68 -45.88 10.70 -4.28
N ILE E 69 -44.70 10.15 -4.57
CA ILE E 69 -43.49 10.95 -4.76
C ILE E 69 -43.28 11.10 -6.27
N SER E 70 -42.98 12.31 -6.72
CA SER E 70 -42.75 12.61 -8.12
C SER E 70 -41.73 13.71 -8.27
N LYS E 71 -41.12 13.79 -9.46
CA LYS E 71 -40.09 14.77 -9.78
C LYS E 71 -40.34 15.33 -11.17
N ASP E 72 -40.23 16.65 -11.28
CA ASP E 72 -40.31 17.37 -12.53
C ASP E 72 -38.84 17.67 -12.85
N ASN E 73 -38.25 16.90 -13.79
CA ASN E 73 -36.85 17.04 -14.18
C ASN E 73 -36.50 18.44 -14.73
N ALA E 74 -37.39 18.99 -15.58
CA ALA E 74 -37.23 20.30 -16.22
C ALA E 74 -37.15 21.46 -15.21
N GLU E 75 -37.99 21.44 -14.16
CA GLU E 75 -38.03 22.52 -13.18
C GLU E 75 -37.20 22.27 -11.89
N ASN E 76 -36.56 21.08 -11.78
CA ASN E 76 -35.76 20.65 -10.62
C ASN E 76 -36.54 20.76 -9.30
N THR E 77 -37.78 20.24 -9.36
CA THR E 77 -38.67 20.29 -8.22
C THR E 77 -39.12 18.90 -7.84
N LEU E 78 -39.08 18.61 -6.54
CA LEU E 78 -39.52 17.34 -5.99
C LEU E 78 -40.90 17.55 -5.34
N TYR E 79 -41.82 16.61 -5.53
CA TYR E 79 -43.16 16.71 -4.97
C TYR E 79 -43.52 15.51 -4.12
N LEU E 80 -44.43 15.73 -3.16
CA LEU E 80 -45.02 14.69 -2.33
C LEU E 80 -46.50 14.95 -2.20
N ARG E 81 -47.31 14.16 -2.91
CA ARG E 81 -48.77 14.20 -2.83
C ARG E 81 -49.16 13.25 -1.71
N MET E 82 -49.89 13.74 -0.70
CA MET E 82 -50.30 12.93 0.44
C MET E 82 -51.82 12.86 0.55
N ASN E 83 -52.38 11.64 0.42
CA ASN E 83 -53.84 11.42 0.51
C ASN E 83 -54.20 10.70 1.81
N SER E 84 -55.51 10.76 2.18
CA SER E 84 -56.09 10.13 3.38
C SER E 84 -55.25 10.39 4.63
N LEU E 85 -54.88 11.67 4.84
CA LEU E 85 -54.04 12.10 5.96
C LEU E 85 -54.68 11.81 7.31
N LYS E 86 -53.92 11.19 8.21
CA LYS E 86 -54.35 10.77 9.53
C LYS E 86 -53.58 11.47 10.62
N PRO E 87 -54.09 11.57 11.88
CA PRO E 87 -53.33 12.27 12.93
C PRO E 87 -51.87 11.82 13.10
N GLU E 88 -51.57 10.54 12.82
CA GLU E 88 -50.21 9.99 12.91
C GLU E 88 -49.26 10.53 11.81
N ASP E 89 -49.81 11.24 10.80
CA ASP E 89 -49.01 11.85 9.73
C ASP E 89 -48.52 13.25 10.11
N THR E 90 -48.97 13.77 11.27
CA THR E 90 -48.54 15.09 11.80
C THR E 90 -47.05 15.01 12.09
N ALA E 91 -46.24 15.85 11.42
CA ALA E 91 -44.78 15.87 11.57
C ALA E 91 -44.16 17.04 10.81
N VAL E 92 -42.86 17.23 10.96
CA VAL E 92 -42.05 18.18 10.20
C VAL E 92 -41.52 17.31 9.03
N TYR E 93 -41.83 17.70 7.79
CA TYR E 93 -41.40 16.95 6.61
C TYR E 93 -40.15 17.57 6.01
N TYR E 94 -39.10 16.76 5.84
CA TYR E 94 -37.82 17.22 5.30
C TYR E 94 -37.52 16.66 3.92
N CYS E 95 -37.01 17.52 3.05
CA CYS E 95 -36.56 17.20 1.72
C CYS E 95 -35.07 16.80 1.86
N LYS E 96 -34.66 15.78 1.12
CA LYS E 96 -33.28 15.29 1.15
C LYS E 96 -32.78 14.95 -0.26
N ALA E 97 -31.51 15.25 -0.51
CA ALA E 97 -30.84 14.95 -1.78
C ALA E 97 -29.57 14.17 -1.52
N PHE E 98 -29.44 12.99 -2.16
CA PHE E 98 -28.23 12.19 -2.08
C PHE E 98 -27.45 12.55 -3.34
N PHE E 99 -26.30 13.21 -3.15
CA PHE E 99 -25.45 13.77 -4.20
C PHE E 99 -24.12 13.03 -4.34
N ARG E 100 -23.60 12.89 -5.55
CA ARG E 100 -22.32 12.25 -5.77
C ARG E 100 -21.30 13.21 -6.37
N ARG E 101 -20.02 13.04 -5.97
CA ARG E 101 -18.90 13.82 -6.46
C ARG E 101 -17.61 13.01 -6.35
N ASP E 102 -16.93 12.75 -7.50
CA ASP E 102 -15.68 11.99 -7.61
C ASP E 102 -15.65 10.72 -6.73
N TYR E 103 -16.60 9.81 -7.00
CA TYR E 103 -16.79 8.52 -6.34
C TYR E 103 -17.22 8.60 -4.87
N VAL E 104 -17.65 9.77 -4.38
CA VAL E 104 -18.10 9.94 -2.98
C VAL E 104 -19.52 10.49 -2.92
N GLY E 105 -20.32 9.96 -1.99
CA GLY E 105 -21.70 10.38 -1.72
C GLY E 105 -21.82 11.41 -0.62
N TYR E 106 -22.80 12.30 -0.74
CA TYR E 106 -23.08 13.40 0.19
C TYR E 106 -24.56 13.61 0.37
N ASP E 107 -24.97 14.03 1.59
CA ASP E 107 -26.35 14.35 1.94
C ASP E 107 -26.57 15.84 2.05
N TYR E 108 -27.66 16.30 1.46
CA TYR E 108 -28.12 17.68 1.53
C TYR E 108 -29.56 17.63 2.03
N TRP E 109 -29.89 18.53 2.95
CA TRP E 109 -31.21 18.58 3.58
C TRP E 109 -31.83 19.96 3.45
N GLY E 110 -33.14 19.95 3.51
CA GLY E 110 -33.96 21.15 3.54
C GLY E 110 -34.20 21.53 4.99
N GLN E 111 -34.83 22.68 5.21
CA GLN E 111 -35.12 23.22 6.54
C GLN E 111 -36.30 22.51 7.20
N GLY E 112 -37.19 21.98 6.38
CA GLY E 112 -38.38 21.28 6.83
C GLY E 112 -39.64 22.13 6.74
N THR E 113 -40.79 21.46 6.64
CA THR E 113 -42.10 22.11 6.55
C THR E 113 -43.09 21.37 7.46
N GLN E 114 -43.82 22.13 8.29
CA GLN E 114 -44.77 21.57 9.25
C GLN E 114 -46.08 21.11 8.59
N VAL E 115 -46.53 19.90 8.95
CA VAL E 115 -47.78 19.29 8.48
C VAL E 115 -48.60 18.88 9.71
N THR E 116 -49.83 19.40 9.82
CA THR E 116 -50.67 19.14 10.97
C THR E 116 -52.02 18.55 10.56
N VAL E 117 -52.32 17.34 11.02
CA VAL E 117 -53.58 16.66 10.73
C VAL E 117 -54.50 16.78 11.95
N SER E 118 -55.62 17.52 11.83
CA SER E 118 -56.56 17.74 12.94
C SER E 118 -58.05 17.75 12.54
N SER E 119 -58.89 18.40 13.36
CA SER E 119 -60.34 18.52 13.14
C SER E 119 -60.76 19.99 13.25
N GLN F 1 26.70 9.78 15.63
CA GLN F 1 26.29 10.27 16.94
C GLN F 1 27.02 11.54 17.37
N VAL F 2 26.34 12.37 18.16
CA VAL F 2 26.88 13.62 18.69
C VAL F 2 26.99 13.55 20.23
N GLN F 3 28.15 13.92 20.78
CA GLN F 3 28.41 13.94 22.23
C GLN F 3 28.56 15.36 22.70
N LEU F 4 27.95 15.68 23.83
CA LEU F 4 27.95 17.04 24.36
C LEU F 4 28.33 17.08 25.83
N VAL F 5 29.20 18.04 26.18
CA VAL F 5 29.65 18.26 27.56
C VAL F 5 29.59 19.74 27.92
N GLU F 6 28.77 20.08 28.94
CA GLU F 6 28.62 21.45 29.44
C GLU F 6 29.61 21.75 30.54
N SER F 7 29.99 23.03 30.65
CA SER F 7 30.86 23.57 31.69
C SER F 7 30.54 25.06 31.86
N GLY F 8 31.01 25.65 32.96
CA GLY F 8 30.82 27.07 33.22
C GLY F 8 29.72 27.43 34.19
N GLY F 9 29.00 26.42 34.69
CA GLY F 9 27.93 26.63 35.66
C GLY F 9 28.44 27.02 37.04
N GLY F 10 27.55 27.52 37.89
CA GLY F 10 27.91 27.92 39.24
C GLY F 10 26.97 28.90 39.91
N LEU F 11 27.44 29.46 41.05
CA LEU F 11 26.67 30.42 41.83
C LEU F 11 27.11 31.85 41.50
N VAL F 12 26.12 32.72 41.25
CA VAL F 12 26.30 34.14 40.94
C VAL F 12 25.20 34.95 41.62
N GLN F 13 25.44 36.25 41.80
CA GLN F 13 24.47 37.17 42.40
C GLN F 13 23.57 37.72 41.29
N ALA F 14 22.41 38.26 41.65
CA ALA F 14 21.50 38.87 40.69
C ALA F 14 22.21 40.05 40.04
N GLY F 15 22.02 40.21 38.72
CA GLY F 15 22.66 41.27 37.96
C GLY F 15 24.08 40.89 37.56
N GLY F 16 24.48 39.67 37.92
CA GLY F 16 25.78 39.11 37.63
C GLY F 16 25.88 38.50 36.25
N THR F 17 27.02 37.88 35.94
CA THR F 17 27.30 37.30 34.64
C THR F 17 27.83 35.88 34.75
N LEU F 18 27.53 35.04 33.73
CA LEU F 18 28.03 33.67 33.59
C LEU F 18 28.17 33.35 32.11
N LYS F 19 29.19 32.57 31.76
CA LYS F 19 29.35 32.09 30.40
C LYS F 19 29.39 30.58 30.45
N LEU F 20 28.39 29.96 29.82
CA LEU F 20 28.31 28.50 29.75
C LEU F 20 28.97 28.05 28.45
N SER F 21 29.60 26.87 28.50
CA SER F 21 30.28 26.26 27.36
C SER F 21 29.74 24.87 27.12
N CYS F 22 29.77 24.43 25.87
CA CYS F 22 29.37 23.09 25.51
C CYS F 22 30.25 22.60 24.37
N ALA F 23 31.07 21.59 24.66
CA ALA F 23 31.95 21.00 23.67
C ALA F 23 31.22 19.90 22.93
N ALA F 24 31.14 20.04 21.61
CA ALA F 24 30.48 19.07 20.73
C ALA F 24 31.53 18.24 19.99
N SER F 25 31.27 16.94 19.88
CA SER F 25 32.14 15.97 19.19
C SER F 25 31.29 14.93 18.46
N GLY F 26 31.93 14.17 17.58
CA GLY F 26 31.29 13.13 16.79
C GLY F 26 30.94 13.59 15.40
N SER F 27 29.72 13.27 14.96
CA SER F 27 29.22 13.60 13.63
C SER F 27 28.61 15.02 13.61
N ILE F 28 29.50 16.02 13.78
CA ILE F 28 29.18 17.45 13.85
C ILE F 28 28.60 17.97 12.51
N SER F 29 28.97 17.34 11.38
CA SER F 29 28.51 17.73 10.04
C SER F 29 26.99 17.63 9.83
N GLY F 30 26.31 16.80 10.62
CA GLY F 30 24.87 16.63 10.55
C GLY F 30 24.07 17.54 11.45
N ILE F 31 24.76 18.40 12.24
CA ILE F 31 24.08 19.32 13.16
C ILE F 31 23.36 20.43 12.39
N VAL F 32 22.05 20.56 12.63
CA VAL F 32 21.17 21.53 11.99
C VAL F 32 21.07 22.79 12.86
N VAL F 33 20.85 22.60 14.17
CA VAL F 33 20.71 23.70 15.13
C VAL F 33 21.20 23.22 16.50
N MET F 34 21.82 24.14 17.26
CA MET F 34 22.23 23.87 18.64
C MET F 34 21.43 24.75 19.57
N ALA F 35 21.13 24.27 20.76
CA ALA F 35 20.31 25.03 21.70
C ALA F 35 20.73 24.87 23.16
N TRP F 36 20.23 25.80 23.99
CA TRP F 36 20.36 25.77 25.43
C TRP F 36 18.94 25.65 25.96
N TYR F 37 18.73 24.68 26.84
CA TYR F 37 17.48 24.44 27.54
C TYR F 37 17.76 24.55 29.03
N ARG F 38 16.72 24.75 29.83
CA ARG F 38 16.88 24.84 31.28
C ARG F 38 15.72 24.17 32.00
N GLN F 39 15.98 23.60 33.18
CA GLN F 39 14.95 22.99 34.00
C GLN F 39 15.05 23.51 35.43
N ALA F 40 14.19 24.47 35.79
CA ALA F 40 14.11 25.09 37.11
C ALA F 40 13.50 24.07 38.10
N PRO F 41 13.79 24.14 39.43
CA PRO F 41 13.21 23.15 40.35
C PRO F 41 11.68 23.11 40.35
N GLY F 42 11.14 21.93 40.10
CA GLY F 42 9.69 21.68 40.05
C GLY F 42 8.99 22.22 38.82
N LYS F 43 9.76 22.62 37.79
CA LYS F 43 9.21 23.16 36.55
C LYS F 43 9.62 22.30 35.36
N GLN F 44 8.85 22.37 34.26
CA GLN F 44 9.14 21.63 33.02
C GLN F 44 10.33 22.26 32.30
N ARG F 45 11.04 21.46 31.49
CA ARG F 45 12.19 21.87 30.69
C ARG F 45 11.73 22.94 29.69
N GLU F 46 12.53 24.01 29.52
CA GLU F 46 12.19 25.11 28.60
C GLU F 46 13.36 25.57 27.74
N LEU F 47 13.08 25.93 26.48
CA LEU F 47 14.09 26.48 25.57
C LEU F 47 14.60 27.82 26.11
N VAL F 48 15.91 28.06 26.01
CA VAL F 48 16.52 29.30 26.44
C VAL F 48 16.92 30.09 25.18
N ALA F 49 17.76 29.49 24.33
CA ALA F 49 18.31 30.10 23.13
C ALA F 49 18.71 29.03 22.14
N SER F 50 18.73 29.38 20.86
CA SER F 50 19.10 28.48 19.79
C SER F 50 19.93 29.19 18.71
N ILE F 51 20.76 28.42 18.02
CA ILE F 51 21.60 28.91 16.94
C ILE F 51 21.67 27.86 15.82
N THR F 52 21.30 28.25 14.59
CA THR F 52 21.33 27.34 13.46
C THR F 52 22.80 27.17 13.06
N SER F 53 23.10 26.13 12.23
CA SER F 53 24.48 25.91 11.75
C SER F 53 25.01 27.14 11.00
N GLY F 54 24.12 27.85 10.31
CA GLY F 54 24.39 29.09 9.57
C GLY F 54 24.55 30.33 10.45
N GLY F 55 24.29 30.21 11.75
CA GLY F 55 24.47 31.31 12.71
C GLY F 55 23.26 32.15 13.07
N THR F 56 22.05 31.74 12.67
CA THR F 56 20.82 32.47 13.02
C THR F 56 20.45 32.17 14.47
N THR F 57 20.39 33.21 15.30
CA THR F 57 20.06 33.13 16.71
C THR F 57 18.57 33.41 17.00
N ASN F 58 18.06 32.77 18.06
CA ASN F 58 16.71 32.92 18.58
C ASN F 58 16.73 32.76 20.08
N TYR F 59 15.93 33.55 20.78
CA TYR F 59 15.88 33.51 22.24
C TYR F 59 14.45 33.36 22.72
N ALA F 60 14.27 32.65 23.84
CA ALA F 60 12.97 32.53 24.48
C ALA F 60 12.68 33.92 25.06
N ASP F 61 11.41 34.40 25.03
CA ASP F 61 10.96 35.73 25.47
C ASP F 61 11.46 36.15 26.84
N SER F 62 11.56 35.18 27.77
CA SER F 62 12.02 35.38 29.15
C SER F 62 13.50 35.75 29.27
N VAL F 63 14.32 35.46 28.23
CA VAL F 63 15.77 35.75 28.27
C VAL F 63 16.22 36.66 27.13
N LYS F 64 15.30 37.12 26.27
CA LYS F 64 15.62 37.99 25.15
C LYS F 64 16.07 39.38 25.67
N GLY F 65 17.12 39.91 25.08
CA GLY F 65 17.66 41.19 25.52
C GLY F 65 18.66 41.07 26.66
N ARG F 66 18.81 39.86 27.25
CA ARG F 66 19.76 39.61 28.36
C ARG F 66 20.88 38.61 28.02
N PHE F 67 20.53 37.53 27.32
CA PHE F 67 21.48 36.46 26.97
C PHE F 67 22.04 36.54 25.55
N THR F 68 23.18 35.86 25.32
CA THR F 68 23.82 35.79 24.02
C THR F 68 24.29 34.37 23.71
N ILE F 69 23.74 33.79 22.65
CA ILE F 69 24.15 32.47 22.20
C ILE F 69 25.14 32.67 21.03
N SER F 70 26.25 31.93 21.05
CA SER F 70 27.26 31.98 19.99
C SER F 70 27.87 30.60 19.79
N LYS F 71 28.45 30.39 18.63
CA LYS F 71 29.08 29.11 18.28
C LYS F 71 30.49 29.32 17.69
N ASP F 72 31.48 28.59 18.23
CA ASP F 72 32.84 28.62 17.69
C ASP F 72 32.97 27.35 16.87
N ASN F 73 32.92 27.46 15.54
CA ASN F 73 32.98 26.29 14.67
C ASN F 73 34.38 25.68 14.54
N ALA F 74 35.46 26.48 14.75
CA ALA F 74 36.84 25.98 14.70
C ALA F 74 37.15 25.08 15.90
N GLU F 75 36.45 25.32 17.04
CA GLU F 75 36.60 24.54 18.26
C GLU F 75 35.39 23.65 18.57
N ASN F 76 34.33 23.70 17.73
CA ASN F 76 33.07 22.96 17.90
C ASN F 76 32.49 23.17 19.31
N THR F 77 32.51 24.43 19.76
CA THR F 77 32.01 24.82 21.09
C THR F 77 30.83 25.79 21.00
N LEU F 78 29.77 25.46 21.74
CA LEU F 78 28.57 26.28 21.89
C LEU F 78 28.72 27.13 23.17
N TYR F 79 28.38 28.42 23.09
CA TYR F 79 28.47 29.31 24.24
C TYR F 79 27.14 29.97 24.58
N LEU F 80 26.97 30.30 25.87
CA LEU F 80 25.83 31.06 26.37
C LEU F 80 26.32 32.09 27.38
N ARG F 81 26.36 33.34 26.95
CA ARG F 81 26.72 34.47 27.80
C ARG F 81 25.40 34.93 28.43
N MET F 82 25.32 34.82 29.75
CA MET F 82 24.16 35.20 30.55
C MET F 82 24.49 36.46 31.31
N ASN F 83 23.75 37.54 31.04
CA ASN F 83 23.91 38.84 31.71
C ASN F 83 22.59 39.22 32.35
N SER F 84 22.59 40.27 33.23
CA SER F 84 21.42 40.77 33.97
C SER F 84 20.64 39.60 34.57
N LEU F 85 21.38 38.67 35.22
CA LEU F 85 20.83 37.44 35.80
C LEU F 85 19.85 37.71 36.95
N LYS F 86 18.77 36.91 37.01
CA LYS F 86 17.72 37.07 38.02
C LYS F 86 17.50 35.73 38.76
N PRO F 87 16.96 35.74 40.01
CA PRO F 87 16.70 34.47 40.71
C PRO F 87 15.90 33.43 39.91
N GLU F 88 14.99 33.87 39.01
CA GLU F 88 14.18 32.98 38.16
C GLU F 88 15.01 32.27 37.07
N ASP F 89 16.29 32.66 36.90
CA ASP F 89 17.21 32.02 35.96
C ASP F 89 17.90 30.80 36.59
N THR F 90 17.70 30.57 37.92
CA THR F 90 18.25 29.41 38.65
C THR F 90 17.63 28.14 38.04
N ALA F 91 18.48 27.26 37.50
CA ALA F 91 18.09 26.01 36.85
C ALA F 91 19.30 25.17 36.48
N VAL F 92 19.04 23.95 35.98
CA VAL F 92 20.06 23.07 35.41
C VAL F 92 19.99 23.42 33.91
N TYR F 93 21.11 23.86 33.33
CA TYR F 93 21.17 24.23 31.92
C TYR F 93 21.70 23.10 31.08
N TYR F 94 20.95 22.72 30.05
CA TYR F 94 21.31 21.64 29.16
C TYR F 94 21.65 22.12 27.76
N CYS F 95 22.72 21.55 27.21
CA CYS F 95 23.18 21.76 25.85
C CYS F 95 22.43 20.73 25.00
N LYS F 96 22.01 21.13 23.80
CA LYS F 96 21.27 20.26 22.88
C LYS F 96 21.74 20.46 21.45
N ALA F 97 21.81 19.36 20.70
CA ALA F 97 22.12 19.38 19.28
C ALA F 97 20.98 18.68 18.54
N PHE F 98 20.42 19.36 17.52
CA PHE F 98 19.41 18.78 16.65
C PHE F 98 20.17 18.35 15.39
N PHE F 99 20.25 17.04 15.18
CA PHE F 99 21.04 16.38 14.15
C PHE F 99 20.16 15.75 13.08
N ARG F 100 20.64 15.77 11.83
CA ARG F 100 19.93 15.21 10.69
C ARG F 100 20.72 14.10 10.02
N ARG F 101 20.02 13.00 9.71
CA ARG F 101 20.55 11.87 8.95
C ARG F 101 19.42 11.25 8.15
N ASP F 102 19.60 11.20 6.81
CA ASP F 102 18.70 10.57 5.83
C ASP F 102 17.22 10.89 6.05
N TYR F 103 16.89 12.18 5.97
CA TYR F 103 15.55 12.76 6.10
C TYR F 103 14.90 12.63 7.49
N VAL F 104 15.67 12.24 8.52
CA VAL F 104 15.15 12.10 9.88
C VAL F 104 15.97 12.97 10.83
N GLY F 105 15.29 13.58 11.79
CA GLY F 105 15.87 14.41 12.83
C GLY F 105 16.08 13.63 14.10
N TYR F 106 17.16 13.98 14.84
CA TYR F 106 17.59 13.34 16.10
C TYR F 106 18.06 14.37 17.10
N ASP F 107 17.78 14.11 18.37
CA ASP F 107 18.19 14.95 19.48
C ASP F 107 19.34 14.32 20.26
N TYR F 108 20.33 15.13 20.58
CA TYR F 108 21.47 14.79 21.42
C TYR F 108 21.54 15.81 22.53
N TRP F 109 21.77 15.35 23.77
CA TRP F 109 21.80 16.22 24.95
C TRP F 109 23.06 16.04 25.75
N GLY F 110 23.40 17.07 26.51
CA GLY F 110 24.50 17.04 27.47
C GLY F 110 23.96 16.59 28.81
N GLN F 111 24.82 16.48 29.82
CA GLN F 111 24.46 16.04 31.18
C GLN F 111 23.81 17.15 31.99
N GLY F 112 24.10 18.40 31.62
CA GLY F 112 23.58 19.56 32.31
C GLY F 112 24.59 20.19 33.27
N THR F 113 24.40 21.49 33.53
CA THR F 113 25.27 22.25 34.44
C THR F 113 24.38 23.14 35.32
N GLN F 114 24.61 23.10 36.65
CA GLN F 114 23.84 23.88 37.61
C GLN F 114 24.19 25.36 37.59
N VAL F 115 23.17 26.21 37.45
CA VAL F 115 23.29 27.66 37.50
C VAL F 115 22.40 28.12 38.66
N THR F 116 22.99 28.80 39.66
CA THR F 116 22.26 29.31 40.82
C THR F 116 22.43 30.82 40.94
N VAL F 117 21.31 31.54 40.91
CA VAL F 117 21.30 33.00 41.01
C VAL F 117 20.69 33.43 42.35
N SER F 118 21.54 33.86 43.30
CA SER F 118 21.12 34.29 44.64
C SER F 118 20.63 35.75 44.66
N SER F 119 19.67 36.04 45.54
CA SER F 119 19.12 37.38 45.72
C SER F 119 19.34 37.85 47.15
N HIS F 120 18.92 39.09 47.48
CA HIS F 120 19.07 39.69 48.81
C HIS F 120 18.03 39.15 49.79
N GLN G 1 -16.64 12.48 25.86
CA GLN G 1 -18.05 12.23 26.15
C GLN G 1 -18.31 10.73 26.36
N VAL G 2 -17.72 10.16 27.42
CA VAL G 2 -17.84 8.74 27.78
C VAL G 2 -18.99 8.55 28.77
N GLN G 3 -19.88 7.60 28.46
CA GLN G 3 -21.05 7.28 29.28
C GLN G 3 -21.17 5.78 29.50
N LEU G 4 -21.86 5.37 30.58
CA LEU G 4 -22.14 3.98 30.89
C LEU G 4 -23.64 3.80 31.03
N VAL G 5 -24.21 2.82 30.32
CA VAL G 5 -25.65 2.53 30.30
C VAL G 5 -25.94 1.19 30.99
N GLU G 6 -26.71 1.24 32.08
CA GLU G 6 -27.13 0.06 32.85
C GLU G 6 -28.55 -0.32 32.47
N SER G 7 -28.76 -1.59 32.08
CA SER G 7 -30.08 -2.12 31.70
C SER G 7 -30.27 -3.55 32.22
N GLY G 8 -31.54 -3.97 32.30
CA GLY G 8 -31.92 -5.29 32.80
C GLY G 8 -32.38 -5.27 34.25
N GLY G 9 -32.73 -4.09 34.74
CA GLY G 9 -33.22 -3.87 36.09
C GLY G 9 -34.73 -3.78 36.16
N GLY G 10 -35.25 -3.87 37.38
CA GLY G 10 -36.69 -3.80 37.65
C GLY G 10 -37.17 -4.73 38.73
N LEU G 11 -38.50 -4.93 38.77
CA LEU G 11 -39.20 -5.78 39.73
C LEU G 11 -39.01 -7.28 39.47
N VAL G 12 -38.70 -8.04 40.54
CA VAL G 12 -38.49 -9.50 40.50
C VAL G 12 -38.91 -10.14 41.83
N GLN G 13 -39.40 -11.40 41.78
CA GLN G 13 -39.88 -12.19 42.93
C GLN G 13 -38.71 -12.76 43.79
N PRO G 14 -38.92 -13.15 45.07
CA PRO G 14 -37.80 -13.70 45.86
C PRO G 14 -37.46 -15.14 45.47
N GLY G 15 -36.16 -15.44 45.49
CA GLY G 15 -35.65 -16.76 45.11
C GLY G 15 -35.58 -16.97 43.61
N GLY G 16 -35.72 -15.87 42.86
CA GLY G 16 -35.67 -15.85 41.41
C GLY G 16 -34.34 -15.35 40.88
N SER G 17 -34.35 -14.79 39.66
CA SER G 17 -33.14 -14.29 39.02
C SER G 17 -33.34 -13.09 38.09
N LEU G 18 -32.23 -12.35 37.85
CA LEU G 18 -32.13 -11.20 36.96
C LEU G 18 -30.67 -11.04 36.50
N ARG G 19 -30.47 -10.39 35.34
CA ARG G 19 -29.15 -10.15 34.78
C ARG G 19 -28.98 -8.68 34.38
N LEU G 20 -28.07 -7.99 35.08
CA LEU G 20 -27.78 -6.57 34.79
C LEU G 20 -26.67 -6.49 33.75
N SER G 21 -26.86 -5.60 32.77
CA SER G 21 -25.89 -5.39 31.68
C SER G 21 -25.33 -3.97 31.72
N CYS G 22 -24.02 -3.84 31.51
CA CYS G 22 -23.34 -2.54 31.49
C CYS G 22 -22.60 -2.35 30.18
N ALA G 23 -23.02 -1.34 29.40
CA ALA G 23 -22.40 -1.01 28.12
C ALA G 23 -21.87 0.40 28.16
N ALA G 24 -20.80 0.65 27.40
CA ALA G 24 -20.16 1.96 27.27
C ALA G 24 -20.54 2.57 25.92
N SER G 25 -20.47 3.91 25.83
CA SER G 25 -20.79 4.67 24.63
C SER G 25 -19.98 5.95 24.61
N GLY G 26 -19.72 6.44 23.40
CA GLY G 26 -18.98 7.66 23.19
C GLY G 26 -17.56 7.44 22.70
N ILE G 27 -16.94 6.30 23.09
CA ILE G 27 -15.55 5.93 22.76
C ILE G 27 -15.43 4.41 22.59
N MET G 28 -14.23 3.93 22.14
CA MET G 28 -13.88 2.52 22.05
C MET G 28 -12.94 2.22 23.23
N LEU G 29 -13.23 1.14 23.97
CA LEU G 29 -12.46 0.76 25.17
C LEU G 29 -11.27 -0.14 24.85
N GLY G 30 -10.10 0.26 25.36
CA GLY G 30 -8.87 -0.51 25.23
C GLY G 30 -8.71 -1.38 26.45
N TYR G 31 -7.90 -0.91 27.42
CA TYR G 31 -7.71 -1.57 28.70
C TYR G 31 -8.62 -0.89 29.72
N PHE G 32 -9.39 -1.69 30.47
CA PHE G 32 -10.35 -1.23 31.46
C PHE G 32 -10.72 -2.33 32.45
N THR G 33 -11.37 -1.93 33.57
CA THR G 33 -11.90 -2.79 34.63
C THR G 33 -13.25 -2.26 35.07
N MET G 34 -14.26 -3.15 35.17
CA MET G 34 -15.61 -2.76 35.58
C MET G 34 -16.02 -3.33 36.93
N ALA G 35 -16.78 -2.53 37.70
CA ALA G 35 -17.27 -2.87 39.02
C ALA G 35 -18.75 -2.53 39.18
N TRP G 36 -19.48 -3.34 39.98
CA TRP G 36 -20.89 -3.09 40.28
C TRP G 36 -21.03 -2.59 41.71
N TYR G 37 -21.76 -1.47 41.89
CA TYR G 37 -21.99 -0.83 43.18
C TYR G 37 -23.48 -0.85 43.52
N ARG G 38 -23.82 -0.89 44.83
CA ARG G 38 -25.21 -0.89 45.30
C ARG G 38 -25.44 0.20 46.34
N GLN G 39 -26.58 0.90 46.21
CA GLN G 39 -26.97 1.95 47.14
C GLN G 39 -28.41 1.71 47.63
N ALA G 40 -28.52 1.09 48.82
CA ALA G 40 -29.78 0.75 49.50
C ALA G 40 -30.47 2.05 50.01
N PRO G 41 -31.81 2.05 50.27
CA PRO G 41 -32.46 3.29 50.76
C PRO G 41 -31.82 3.94 52.00
N GLY G 42 -31.31 3.11 52.91
CA GLY G 42 -30.65 3.57 54.14
C GLY G 42 -29.15 3.71 54.01
N LYS G 43 -28.44 2.57 53.87
CA LYS G 43 -26.97 2.47 53.76
C LYS G 43 -26.39 3.14 52.51
N GLN G 44 -25.08 3.50 52.57
CA GLN G 44 -24.33 4.15 51.49
C GLN G 44 -23.87 3.15 50.41
N ARG G 45 -23.07 3.62 49.42
CA ARG G 45 -22.55 2.82 48.30
C ARG G 45 -21.54 1.76 48.75
N GLU G 46 -21.85 0.48 48.48
CA GLU G 46 -21.01 -0.67 48.80
C GLU G 46 -20.60 -1.44 47.55
N LEU G 47 -19.36 -1.96 47.52
CA LEU G 47 -18.82 -2.73 46.38
C LEU G 47 -19.48 -4.11 46.34
N VAL G 48 -20.28 -4.38 45.29
CA VAL G 48 -20.96 -5.65 45.09
C VAL G 48 -19.96 -6.65 44.47
N ALA G 49 -19.39 -6.28 43.30
CA ALA G 49 -18.42 -7.08 42.57
C ALA G 49 -17.48 -6.19 41.76
N THR G 50 -16.26 -6.69 41.49
CA THR G 50 -15.25 -6.00 40.68
C THR G 50 -14.34 -7.00 39.97
N GLU G 51 -13.94 -6.66 38.73
CA GLU G 51 -13.02 -7.46 37.95
C GLU G 51 -11.61 -7.17 38.47
N ILE G 52 -10.78 -8.21 38.60
CA ILE G 52 -9.41 -8.01 39.05
C ILE G 52 -8.48 -8.20 37.84
N SER G 53 -7.61 -7.19 37.60
CA SER G 53 -6.65 -7.18 36.50
C SER G 53 -5.76 -8.42 36.50
N GLY G 54 -6.03 -9.31 35.55
CA GLY G 54 -5.34 -10.59 35.39
C GLY G 54 -5.56 -11.55 36.54
N GLY G 55 -6.78 -11.58 37.06
CA GLY G 55 -7.16 -12.44 38.18
C GLY G 55 -8.66 -12.65 38.35
N SER G 56 -9.02 -13.53 39.31
CA SER G 56 -10.41 -13.86 39.65
C SER G 56 -11.11 -12.66 40.29
N ALA G 57 -12.38 -12.44 39.93
CA ALA G 57 -13.22 -11.34 40.40
C ALA G 57 -13.55 -11.37 41.90
N ASN G 58 -13.61 -10.18 42.53
CA ASN G 58 -13.91 -9.99 43.95
C ASN G 58 -15.39 -9.66 44.14
N TYR G 59 -16.08 -10.40 45.02
CA TYR G 59 -17.49 -10.20 45.35
C TYR G 59 -17.62 -9.89 46.85
N ALA G 60 -18.67 -9.14 47.25
CA ALA G 60 -18.94 -8.82 48.65
C ALA G 60 -19.39 -10.08 49.40
N ASP G 61 -19.16 -10.13 50.73
CA ASP G 61 -19.49 -11.24 51.62
C ASP G 61 -20.94 -11.72 51.49
N ALA G 62 -21.89 -10.76 51.41
CA ALA G 62 -23.32 -11.03 51.29
C ALA G 62 -23.68 -11.73 49.97
N VAL G 63 -23.10 -11.26 48.85
CA VAL G 63 -23.38 -11.70 47.48
C VAL G 63 -22.47 -12.84 46.96
N LYS G 64 -21.37 -13.20 47.68
CA LYS G 64 -20.45 -14.27 47.28
C LYS G 64 -21.16 -15.62 47.25
N GLY G 65 -21.13 -16.27 46.09
CA GLY G 65 -21.78 -17.55 45.84
C GLY G 65 -23.14 -17.42 45.17
N ARG G 66 -23.74 -16.20 45.23
CA ARG G 66 -25.04 -15.90 44.63
C ARG G 66 -24.90 -15.11 43.33
N PHE G 67 -23.82 -14.30 43.21
CA PHE G 67 -23.57 -13.46 42.03
C PHE G 67 -22.32 -13.90 41.26
N THR G 68 -22.32 -13.61 39.95
CA THR G 68 -21.23 -13.92 39.02
C THR G 68 -21.05 -12.78 38.02
N ILE G 69 -19.92 -12.05 38.13
CA ILE G 69 -19.58 -10.94 37.22
C ILE G 69 -18.78 -11.50 36.04
N SER G 70 -19.23 -11.18 34.81
CA SER G 70 -18.61 -11.65 33.58
C SER G 70 -18.51 -10.56 32.51
N ARG G 71 -17.55 -10.71 31.58
CA ARG G 71 -17.32 -9.82 30.46
C ARG G 71 -17.61 -10.56 29.14
N ASP G 72 -18.38 -9.93 28.24
CA ASP G 72 -18.72 -10.48 26.92
C ASP G 72 -18.13 -9.55 25.86
N ASN G 73 -17.04 -9.98 25.22
CA ASN G 73 -16.33 -9.22 24.17
C ASN G 73 -17.13 -9.12 22.89
N ALA G 74 -17.86 -10.20 22.54
CA ALA G 74 -18.72 -10.29 21.36
C ALA G 74 -19.86 -9.27 21.42
N ARG G 75 -20.44 -9.06 22.63
CA ARG G 75 -21.53 -8.13 22.90
C ARG G 75 -21.04 -6.76 23.40
N SER G 76 -19.73 -6.67 23.77
CA SER G 76 -19.08 -5.48 24.33
C SER G 76 -19.87 -4.99 25.56
N THR G 77 -20.24 -5.96 26.42
CA THR G 77 -21.06 -5.76 27.61
C THR G 77 -20.50 -6.54 28.80
N VAL G 78 -20.60 -5.95 30.01
CA VAL G 78 -20.19 -6.57 31.27
C VAL G 78 -21.48 -6.91 32.03
N TYR G 79 -21.73 -8.20 32.23
CA TYR G 79 -22.92 -8.71 32.90
C TYR G 79 -22.72 -9.04 34.39
N LEU G 80 -23.81 -9.01 35.14
CA LEU G 80 -23.87 -9.38 36.56
C LEU G 80 -25.10 -10.27 36.75
N GLN G 81 -24.86 -11.60 36.82
CA GLN G 81 -25.93 -12.58 37.00
C GLN G 81 -26.31 -12.59 38.47
N MET G 82 -27.57 -12.23 38.76
CA MET G 82 -28.10 -12.17 40.12
C MET G 82 -29.07 -13.33 40.38
N ASN G 83 -28.57 -14.41 41.02
CA ASN G 83 -29.32 -15.61 41.35
C ASN G 83 -29.58 -15.68 42.86
N SER G 84 -30.69 -16.35 43.27
CA SER G 84 -31.15 -16.50 44.65
C SER G 84 -31.36 -15.13 45.34
N LEU G 85 -32.07 -14.22 44.64
CA LEU G 85 -32.37 -12.85 45.06
C LEU G 85 -33.22 -12.78 46.33
N LYS G 86 -32.73 -12.00 47.32
CA LYS G 86 -33.35 -11.78 48.64
C LYS G 86 -33.78 -10.29 48.83
N PRO G 87 -34.63 -9.95 49.84
CA PRO G 87 -35.02 -8.53 50.01
C PRO G 87 -33.90 -7.57 50.44
N GLU G 88 -32.82 -8.09 51.05
CA GLU G 88 -31.68 -7.27 51.49
C GLU G 88 -30.74 -6.87 50.34
N ASP G 89 -30.76 -7.61 49.19
CA ASP G 89 -29.96 -7.33 47.99
C ASP G 89 -30.47 -6.05 47.31
N THR G 90 -31.82 -5.89 47.27
CA THR G 90 -32.57 -4.78 46.67
C THR G 90 -31.98 -3.44 47.04
N ALA G 91 -31.47 -2.73 46.03
CA ALA G 91 -30.81 -1.45 46.10
C ALA G 91 -30.75 -0.88 44.68
N VAL G 92 -30.27 0.37 44.54
CA VAL G 92 -30.09 0.97 43.22
C VAL G 92 -28.69 0.55 42.78
N TYR G 93 -28.60 -0.22 41.68
CA TYR G 93 -27.33 -0.73 41.19
C TYR G 93 -26.68 0.17 40.14
N TYR G 94 -25.39 0.48 40.38
CA TYR G 94 -24.55 1.33 39.53
C TYR G 94 -23.41 0.54 38.90
N CYS G 95 -22.98 0.96 37.71
CA CYS G 95 -21.84 0.36 37.03
C CYS G 95 -20.71 1.37 36.99
N ASP G 96 -19.61 1.05 37.71
CA ASP G 96 -18.39 1.85 37.78
C ASP G 96 -17.38 1.22 36.82
N ALA G 97 -16.58 2.05 36.13
CA ALA G 97 -15.57 1.55 35.21
C ALA G 97 -14.36 2.46 35.13
N ARG G 98 -13.16 1.86 35.31
CA ARG G 98 -11.87 2.55 35.23
C ARG G 98 -11.36 2.39 33.79
N ILE G 99 -11.51 3.44 32.97
CA ILE G 99 -11.14 3.42 31.55
C ILE G 99 -9.81 4.14 31.33
N TRP G 100 -8.88 3.46 30.64
CA TRP G 100 -7.57 4.01 30.31
C TRP G 100 -7.52 4.63 28.93
N ARG G 101 -6.74 5.73 28.83
CA ARG G 101 -6.45 6.48 27.62
C ARG G 101 -4.95 6.73 27.70
N GLY G 102 -4.18 5.80 27.15
CA GLY G 102 -2.72 5.82 27.23
C GLY G 102 -2.28 5.60 28.66
N THR G 103 -1.45 6.50 29.19
CA THR G 103 -0.96 6.43 30.57
C THR G 103 -2.04 6.84 31.58
N VAL G 104 -2.85 7.85 31.22
CA VAL G 104 -3.93 8.43 32.03
C VAL G 104 -5.16 7.52 32.05
N TYR G 105 -5.97 7.63 33.12
CA TYR G 105 -7.21 6.88 33.29
C TYR G 105 -8.32 7.74 33.90
N ASP G 106 -9.59 7.34 33.69
CA ASP G 106 -10.76 8.03 34.23
C ASP G 106 -11.71 7.05 34.90
N ASN G 107 -12.31 7.48 36.02
CA ASN G 107 -13.28 6.69 36.76
C ASN G 107 -14.67 7.22 36.37
N ILE G 108 -15.45 6.39 35.66
CA ILE G 108 -16.78 6.75 35.15
C ILE G 108 -17.87 5.89 35.80
N SER G 109 -19.00 6.52 36.16
CA SER G 109 -20.18 5.89 36.76
C SER G 109 -21.41 6.17 35.91
N GLY G 110 -22.29 5.17 35.79
CA GLY G 110 -23.54 5.28 35.06
C GLY G 110 -24.65 5.88 35.90
N PRO G 111 -25.81 6.28 35.30
CA PRO G 111 -26.90 6.88 36.10
C PRO G 111 -27.52 5.95 37.16
N GLY G 112 -27.50 4.64 36.89
CA GLY G 112 -28.04 3.61 37.77
C GLY G 112 -29.42 3.13 37.39
N THR G 113 -29.68 1.83 37.61
CA THR G 113 -30.96 1.18 37.32
C THR G 113 -31.60 0.69 38.64
N GLN G 114 -32.93 0.81 38.75
CA GLN G 114 -33.68 0.43 39.94
C GLN G 114 -33.96 -1.07 39.99
N VAL G 115 -33.61 -1.72 41.12
CA VAL G 115 -33.82 -3.14 41.37
C VAL G 115 -34.68 -3.34 42.63
N THR G 116 -35.69 -4.24 42.53
CA THR G 116 -36.63 -4.59 43.60
C THR G 116 -36.94 -6.09 43.58
N VAL G 117 -36.75 -6.77 44.73
CA VAL G 117 -36.99 -8.20 44.91
C VAL G 117 -37.86 -8.48 46.14
#